data_8GF2
#
_entry.id   8GF2
#
_cell.length_a   157.570
_cell.length_b   161.220
_cell.length_c   230.117
_cell.angle_alpha   90.000
_cell.angle_beta   90.000
_cell.angle_gamma   90.000
#
_symmetry.space_group_name_H-M   'C 2 2 21'
#
loop_
_entity.id
_entity.type
_entity.pdbx_description
1 polymer 'Spike protein S1'
2 polymer 'CC12.3 Fab heavy chain'
3 polymer 'CC12.3 Fab light chain'
4 polymer 'eCR3022.20 Fab heavy chain'
5 polymer 'eCR3022.20 Fab light chain'
6 branched 2-acetamido-2-deoxy-beta-D-glucopyranose-(1-4)-2-acetamido-2-deoxy-beta-D-glucopyranose
7 non-polymer 2-acetamido-2-deoxy-beta-D-glucopyranose
#
loop_
_entity_poly.entity_id
_entity_poly.type
_entity_poly.pdbx_seq_one_letter_code
_entity_poly.pdbx_strand_id
1 'polypeptide(L)'
;RVQPTESIVRFPNITNLCPFGEVFNATRFASVYAWNRKRISNCVADYSVLYNSASFSTFKCYGVSPTKLNDLCFTNVYAD
SFVIRGDEVRQIAPGQTGKIADYNYKLPDDFTGCVIAWNSNNLDSKVGGNYNYLYRLFRKSNLKPFERDISTEIYQAGST
PCNGVEGFNCYFPLQSYGFQPTNGVGYQPYRVVVLSFELLHAPATVCGPKKSTNLVKNKCVNFSGHHHHHH
;
A,B
2 'polypeptide(L)'
;QVQLVESGGGLIQPGGSLRLSCAASGFTVSSNYMSWVRQAPGKGLEWVSVIYSGGSTFYADSVKGRFTISRDNSKSTLYL
QMNSLRVEDTAVYYCARDFGDFYFDYWGQGTLVTVSSASTKGPSVFPLAPSSKSTSGGTAALGCLVKDYFPEPVTVSWNS
GALTSGVHTFPAVLQSSGLYSLSSVVTVPSSSLGTQTYICNVNHKPSNTKVDKKVEPKSC
;
C,E
3 'polypeptide(L)'
;EIVLTQSPGTLSLSPGERATLSCRASQSVSSYLAWYQQKPGQAPRLLIYGASSRATGIPDRFSGSGSGTDFTLTISRLEP
EDFAVYYCQQYGSSPRTFGQGTKLEIKRTVAAPSVFIFPPSDEQLKSGTASVVCLLNNFYPREAKVQWKVDNALQSGNSQ
ESVTEQDSKDSTYSLSSTLTLSKADYEKHKVYACEVTHQGLSSPVTKSFNRGECS
;
D,F
4 'polypeptide(L)'
;QMQLVQSGTEVKKPGESLKISCKGSGYGFIWYWIGWVRQMPGKGLEWMGIIYPGDGETRYSPSFQGQVTISADKSINTAY
LQWSSLKASDTAIYYCAGGGGISTPMDVWGQGTTVTVSSASTKGPSVFPLAPSSKSTSGGTAALGCLVKDYFPEPVTVSW
NSGALTSGVHTFPAVLQSSGLYSLSSVVTVPSSSLGTQTYICNVNHKPSNTKVDKKVEPKSC
;
H,X
5 'polypeptide(L)'
;DIQLTQSPDSLAVSLGERATINCKSSQSVLWSSINKNYLAWYQQKPGQPPKLLIYWASTPESGVPDRFSGSGSGTDFTLT
ISSLQAEDVAVYYCQQYYKTPYTFGQGTKVEIKRTVAAPSVFIFPPSDEQLKSGTASVVCLLNNFYPREAKVQWKVDNAL
QSGNSQESVTEQDSKDSTYSLSSTLTLSKADYEKHKVYACEVTHQGLSSPVTKSFNRGECS
;
L,Y
#
loop_
_chem_comp.id
_chem_comp.type
_chem_comp.name
_chem_comp.formula
NAG D-saccharide, beta linking 2-acetamido-2-deoxy-beta-D-glucopyranose 'C8 H15 N O6'
#
# COMPACT_ATOMS: atom_id res chain seq x y z
N ASN A 16 74.20 -6.65 27.76
CA ASN A 16 74.04 -5.20 27.73
C ASN A 16 72.82 -4.77 26.93
N LEU A 17 71.75 -5.57 27.01
CA LEU A 17 70.49 -5.19 26.38
C LEU A 17 69.78 -4.12 27.21
N CYS A 18 68.91 -3.35 26.54
CA CYS A 18 68.20 -2.30 27.26
C CYS A 18 66.93 -2.84 27.90
N PRO A 19 66.57 -2.33 29.07
CA PRO A 19 65.58 -3.04 29.90
C PRO A 19 64.15 -2.70 29.49
N PHE A 20 63.79 -3.10 28.27
CA PHE A 20 62.43 -2.90 27.79
C PHE A 20 61.44 -3.76 28.57
N GLY A 21 61.89 -4.90 29.09
CA GLY A 21 61.01 -5.77 29.84
C GLY A 21 60.52 -5.15 31.13
N GLU A 22 61.38 -4.42 31.83
CA GLU A 22 60.96 -3.73 33.04
C GLU A 22 59.82 -2.77 32.80
N VAL A 23 59.66 -2.28 31.57
CA VAL A 23 58.64 -1.29 31.23
C VAL A 23 57.36 -2.02 30.87
N PHE A 24 57.43 -2.89 29.86
CA PHE A 24 56.23 -3.56 29.36
C PHE A 24 55.71 -4.59 30.35
N ASN A 25 56.61 -5.40 30.93
CA ASN A 25 56.22 -6.46 31.85
C ASN A 25 56.22 -5.99 33.31
N ALA A 26 56.12 -4.67 33.53
CA ALA A 26 56.06 -4.13 34.89
C ALA A 26 54.80 -4.60 35.60
N THR A 27 54.95 -4.95 36.89
CA THR A 27 53.81 -5.39 37.69
C THR A 27 52.69 -4.36 37.70
N ARG A 28 53.03 -3.09 37.95
CA ARG A 28 52.03 -2.04 38.11
C ARG A 28 52.39 -0.87 37.19
N PHE A 29 51.35 -0.15 36.77
CA PHE A 29 51.49 0.97 35.86
C PHE A 29 50.98 2.24 36.53
N ALA A 30 51.48 3.38 36.06
CA ALA A 30 51.12 4.66 36.61
C ALA A 30 49.84 5.18 35.98
N SER A 31 49.21 6.13 36.66
CA SER A 31 48.08 6.84 36.07
C SER A 31 48.60 7.88 35.08
N VAL A 32 47.76 8.20 34.09
CA VAL A 32 48.25 8.94 32.93
C VAL A 32 48.57 10.39 33.32
N TYR A 33 47.90 10.95 34.32
CA TYR A 33 48.26 12.29 34.76
C TYR A 33 49.66 12.32 35.38
N ALA A 34 50.11 11.21 35.93
CA ALA A 34 51.45 11.10 36.49
C ALA A 34 52.23 10.03 35.74
N TRP A 35 52.23 10.11 34.41
CA TRP A 35 52.81 9.05 33.59
C TRP A 35 54.28 8.85 33.90
N ASN A 36 54.72 7.59 33.83
CA ASN A 36 56.10 7.26 34.14
C ASN A 36 56.95 7.38 32.87
N ARG A 37 58.20 7.79 33.06
CA ARG A 37 59.14 7.89 31.95
C ARG A 37 60.43 7.19 32.35
N LYS A 38 60.86 6.23 31.52
CA LYS A 38 62.14 5.56 31.70
C LYS A 38 63.07 5.98 30.58
N ARG A 39 64.26 6.44 30.96
CA ARG A 39 65.28 6.88 30.03
C ARG A 39 66.23 5.72 29.73
N ILE A 40 66.48 5.50 28.45
CA ILE A 40 67.22 4.34 27.97
C ILE A 40 68.43 4.84 27.19
N SER A 41 69.62 4.42 27.61
CA SER A 41 70.86 4.93 27.06
C SER A 41 71.99 3.94 27.34
N ASN A 42 73.05 4.09 26.56
CA ASN A 42 74.26 3.25 26.61
C ASN A 42 73.94 1.76 26.73
N CYS A 43 73.31 1.22 25.68
CA CYS A 43 72.87 -0.16 25.68
C CYS A 43 72.53 -0.56 24.25
N VAL A 44 72.50 -1.87 24.01
CA VAL A 44 72.02 -2.43 22.74
C VAL A 44 70.56 -2.81 22.91
N ALA A 45 69.70 -2.25 22.07
CA ALA A 45 68.27 -2.51 22.12
C ALA A 45 67.89 -3.54 21.06
N ASP A 46 67.41 -4.69 21.50
CA ASP A 46 66.85 -5.72 20.61
C ASP A 46 65.35 -5.52 20.66
N TYR A 47 64.81 -4.82 19.67
CA TYR A 47 63.37 -4.54 19.66
C TYR A 47 62.53 -5.74 19.23
N SER A 48 63.16 -6.81 18.71
CA SER A 48 62.36 -7.92 18.18
C SER A 48 61.64 -8.68 19.29
N VAL A 49 62.29 -8.87 20.44
CA VAL A 49 61.66 -9.52 21.58
C VAL A 49 60.46 -8.69 22.02
N LEU A 50 60.43 -7.41 21.64
CA LEU A 50 59.25 -6.61 21.89
C LEU A 50 58.29 -6.55 20.72
N TYR A 51 58.77 -6.58 19.47
CA TYR A 51 57.84 -6.14 18.43
C TYR A 51 57.07 -7.24 17.68
N ASN A 52 57.50 -8.50 17.67
CA ASN A 52 56.66 -9.50 17.03
C ASN A 52 55.83 -10.32 18.02
N SER A 53 55.73 -9.86 19.26
CA SER A 53 54.60 -10.23 20.09
C SER A 53 53.34 -9.67 19.45
N ALA A 54 52.34 -10.52 19.26
CA ALA A 54 51.04 -10.08 18.78
C ALA A 54 50.10 -9.72 19.92
N SER A 55 50.62 -9.70 21.16
CA SER A 55 49.80 -9.39 22.33
C SER A 55 49.12 -8.05 22.20
N PHE A 56 49.79 -7.06 21.60
CA PHE A 56 49.30 -5.70 21.60
C PHE A 56 48.05 -5.55 20.74
N SER A 57 47.22 -4.56 21.09
CA SER A 57 46.03 -4.25 20.33
C SER A 57 46.26 -3.11 19.35
N THR A 58 47.06 -2.12 19.71
CA THR A 58 47.44 -1.05 18.79
C THR A 58 48.95 -0.89 18.81
N PHE A 59 49.51 -0.68 17.61
CA PHE A 59 50.96 -0.51 17.40
C PHE A 59 51.09 0.55 16.30
N LYS A 60 51.02 1.82 16.70
CA LYS A 60 51.01 2.94 15.76
C LYS A 60 52.36 3.65 15.82
N CYS A 61 53.05 3.74 14.68
CA CYS A 61 54.33 4.42 14.63
C CYS A 61 54.31 5.59 13.66
N TYR A 62 55.12 6.60 13.98
CA TYR A 62 55.03 7.93 13.39
C TYR A 62 56.47 8.35 13.08
N GLY A 63 56.77 8.47 11.79
CA GLY A 63 58.06 8.90 11.29
C GLY A 63 59.15 7.86 11.22
N VAL A 64 58.96 6.69 11.81
CA VAL A 64 59.90 5.60 11.64
C VAL A 64 59.11 4.30 11.78
N SER A 65 59.62 3.27 11.12
CA SER A 65 59.05 1.94 11.06
C SER A 65 59.85 0.98 11.94
N PRO A 66 59.17 0.14 12.72
CA PRO A 66 59.90 -0.80 13.58
C PRO A 66 60.82 -1.73 12.81
N THR A 67 60.55 -1.96 11.52
CA THR A 67 61.32 -2.91 10.73
C THR A 67 62.74 -2.42 10.42
N LYS A 68 63.08 -1.17 10.75
CA LYS A 68 64.46 -0.68 10.74
C LYS A 68 64.96 -0.28 12.13
N LEU A 69 64.14 -0.49 13.16
CA LEU A 69 64.55 -0.06 14.50
C LEU A 69 65.75 -0.86 15.01
N ASN A 70 65.85 -2.16 14.68
CA ASN A 70 66.90 -3.05 15.20
C ASN A 70 68.23 -2.73 14.62
N ASP A 71 68.18 -1.70 13.81
CA ASP A 71 69.24 -1.38 12.89
C ASP A 71 69.17 0.06 12.41
N LEU A 72 69.10 0.92 13.44
CA LEU A 72 69.23 2.37 13.40
C LEU A 72 69.86 2.79 14.73
N CYS A 73 70.23 4.07 14.86
CA CYS A 73 70.85 4.53 16.11
C CYS A 73 70.34 5.89 16.56
N PHE A 74 70.25 6.04 17.89
CA PHE A 74 69.70 7.22 18.54
C PHE A 74 70.50 7.58 19.78
N THR A 75 70.61 8.89 20.05
CA THR A 75 71.13 9.35 21.34
C THR A 75 70.44 8.68 22.51
N ASN A 76 69.13 8.89 22.65
CA ASN A 76 68.39 8.40 23.81
C ASN A 76 67.09 7.77 23.34
N VAL A 77 66.51 6.91 24.18
CA VAL A 77 65.16 6.40 23.96
C VAL A 77 64.35 6.62 25.21
N TYR A 78 63.08 7.01 25.06
CA TYR A 78 62.18 7.23 26.18
C TYR A 78 61.01 6.26 26.11
N ALA A 79 60.71 5.63 27.24
CA ALA A 79 59.56 4.73 27.37
C ALA A 79 58.61 5.33 28.39
N ASP A 80 57.46 5.80 27.91
CA ASP A 80 56.46 6.44 28.75
C ASP A 80 55.32 5.46 29.00
N SER A 81 55.05 5.19 30.28
CA SER A 81 54.09 4.18 30.72
C SER A 81 52.89 4.85 31.36
N PHE A 82 51.69 4.39 31.00
CA PHE A 82 50.49 4.78 31.74
C PHE A 82 49.35 3.83 31.39
N VAL A 83 48.18 4.13 31.96
CA VAL A 83 46.96 3.36 31.79
C VAL A 83 45.84 4.34 31.42
N ILE A 84 45.09 4.03 30.37
CA ILE A 84 43.93 4.83 30.01
C ILE A 84 42.76 3.93 29.62
N ARG A 85 41.74 4.52 29.02
CA ARG A 85 40.61 3.76 28.50
C ARG A 85 40.78 3.53 26.99
N GLY A 86 39.92 2.66 26.47
CA GLY A 86 39.96 2.39 25.04
C GLY A 86 39.66 3.64 24.23
N ASP A 87 38.55 4.31 24.55
CA ASP A 87 38.15 5.52 23.83
C ASP A 87 39.25 6.55 23.74
N GLU A 88 40.27 6.46 24.61
CA GLU A 88 41.30 7.49 24.68
C GLU A 88 42.66 7.03 24.13
N VAL A 89 42.80 5.77 23.72
CA VAL A 89 44.10 5.37 23.17
C VAL A 89 44.37 6.08 21.86
N ARG A 90 43.31 6.40 21.10
CA ARG A 90 43.44 7.21 19.91
C ARG A 90 43.94 8.62 20.17
N GLN A 91 43.88 9.10 21.41
CA GLN A 91 44.38 10.44 21.69
C GLN A 91 45.88 10.48 21.90
N ILE A 92 46.53 9.32 22.03
CA ILE A 92 47.99 9.28 22.22
C ILE A 92 48.60 9.27 20.82
N ALA A 93 48.59 10.44 20.19
CA ALA A 93 49.07 10.61 18.83
C ALA A 93 49.27 12.09 18.54
N PRO A 94 50.21 12.44 17.66
CA PRO A 94 50.39 13.86 17.30
C PRO A 94 49.13 14.45 16.69
N GLY A 95 48.94 15.74 16.93
CA GLY A 95 47.81 16.47 16.35
C GLY A 95 46.45 15.96 16.78
N GLN A 96 46.34 15.47 18.00
CA GLN A 96 45.08 14.95 18.51
C GLN A 96 44.55 15.86 19.62
N THR A 97 43.24 15.76 19.85
CA THR A 97 42.57 16.59 20.85
C THR A 97 41.67 15.71 21.70
N GLY A 98 41.44 16.14 22.93
CA GLY A 98 40.64 15.39 23.87
C GLY A 98 41.17 15.50 25.29
N LYS A 99 40.45 14.94 26.26
CA LYS A 99 40.83 15.11 27.66
C LYS A 99 42.24 14.61 27.92
N ILE A 100 42.56 13.41 27.45
CA ILE A 100 43.88 12.84 27.71
C ILE A 100 44.96 13.59 26.96
N ALA A 101 44.72 13.88 25.68
CA ALA A 101 45.74 14.55 24.88
C ALA A 101 45.97 15.98 25.34
N ASP A 102 44.93 16.64 25.85
CA ASP A 102 45.03 18.05 26.22
C ASP A 102 45.44 18.27 27.66
N TYR A 103 45.10 17.35 28.58
CA TYR A 103 45.31 17.58 30.00
C TYR A 103 46.16 16.54 30.71
N ASN A 104 46.57 15.47 30.02
CA ASN A 104 47.31 14.41 30.70
C ASN A 104 48.62 14.06 30.00
N TYR A 105 48.59 13.85 28.68
CA TYR A 105 49.77 13.40 27.95
C TYR A 105 49.64 13.85 26.50
N LYS A 106 50.55 14.74 26.08
CA LYS A 106 50.50 15.35 24.75
C LYS A 106 51.74 14.97 23.95
N LEU A 107 51.54 14.52 22.72
CA LEU A 107 52.64 14.22 21.81
C LEU A 107 52.88 15.36 20.83
N PRO A 108 54.13 15.68 20.53
CA PRO A 108 54.41 16.77 19.60
C PRO A 108 54.02 16.39 18.18
N ASP A 109 53.73 17.42 17.36
CA ASP A 109 53.32 17.18 15.99
C ASP A 109 54.41 16.49 15.17
N ASP A 110 55.67 16.78 15.48
CA ASP A 110 56.80 16.15 14.81
C ASP A 110 57.26 14.88 15.51
N PHE A 111 56.36 14.20 16.23
CA PHE A 111 56.71 13.03 17.01
C PHE A 111 57.25 11.92 16.10
N THR A 112 58.41 11.38 16.48
CA THR A 112 59.00 10.24 15.80
C THR A 112 59.12 9.12 16.83
N GLY A 113 58.26 8.11 16.72
CA GLY A 113 58.22 7.07 17.74
C GLY A 113 57.07 6.11 17.49
N CYS A 114 56.69 5.40 18.57
CA CYS A 114 55.62 4.42 18.50
C CYS A 114 54.77 4.45 19.79
N VAL A 115 53.49 4.19 19.61
CA VAL A 115 52.54 4.07 20.70
C VAL A 115 51.99 2.65 20.64
N ILE A 116 52.22 1.90 21.70
CA ILE A 116 51.91 0.49 21.78
C ILE A 116 50.95 0.32 22.95
N ALA A 117 49.73 -0.14 22.66
CA ALA A 117 48.71 -0.27 23.68
C ALA A 117 48.10 -1.66 23.64
N TRP A 118 47.84 -2.21 24.82
CA TRP A 118 47.22 -3.52 24.92
C TRP A 118 46.20 -3.54 26.05
N ASN A 119 45.18 -4.37 25.87
CA ASN A 119 44.11 -4.49 26.84
C ASN A 119 44.63 -5.11 28.14
N SER A 120 44.21 -4.53 29.26
CA SER A 120 44.68 -4.93 30.59
C SER A 120 43.49 -5.13 31.53
N ASN A 121 42.43 -5.75 31.03
CA ASN A 121 41.25 -6.00 31.85
C ASN A 121 41.54 -6.99 32.97
N ASN A 122 42.28 -8.06 32.66
CA ASN A 122 42.66 -9.04 33.66
C ASN A 122 43.35 -8.42 34.87
N LEU A 123 44.21 -7.43 34.65
CA LEU A 123 45.14 -6.95 35.67
C LEU A 123 44.68 -5.68 36.37
N ASP A 124 44.07 -4.73 35.64
CA ASP A 124 43.76 -3.42 36.19
C ASP A 124 42.28 -3.23 36.50
N SER A 125 41.44 -4.23 36.26
CA SER A 125 40.00 -4.12 36.45
C SER A 125 39.57 -5.07 37.56
N LYS A 126 38.88 -4.52 38.55
CA LYS A 126 38.46 -5.28 39.73
C LYS A 126 36.96 -5.15 39.92
N VAL A 127 36.35 -6.21 40.43
CA VAL A 127 34.94 -6.19 40.79
C VAL A 127 34.72 -5.34 42.04
N TYR A 131 40.48 -0.84 41.02
CA TYR A 131 40.85 0.35 40.27
C TYR A 131 41.46 1.42 41.19
N ASN A 132 42.31 2.26 40.62
CA ASN A 132 43.08 3.26 41.37
C ASN A 132 43.61 4.34 40.44
N TYR A 133 43.38 4.17 39.14
CA TYR A 133 43.95 5.08 38.15
C TYR A 133 43.09 6.32 37.99
N LEU A 134 43.74 7.46 37.79
CA LEU A 134 43.07 8.75 37.69
C LEU A 134 43.59 9.50 36.48
N TYR A 135 42.82 10.54 36.10
CA TYR A 135 43.19 11.40 34.99
C TYR A 135 42.78 12.83 35.32
N ARG A 136 43.48 13.79 34.71
CA ARG A 136 43.19 15.19 34.94
C ARG A 136 41.96 15.61 34.14
N LEU A 137 40.99 16.19 34.85
CA LEU A 137 39.71 16.59 34.26
C LEU A 137 39.64 18.08 33.96
N PHE A 138 40.29 18.91 34.76
CA PHE A 138 40.21 20.36 34.63
C PHE A 138 41.61 20.96 34.46
N ARG A 139 41.75 21.84 33.48
CA ARG A 139 42.98 22.61 33.29
C ARG A 139 42.64 23.83 32.42
N LYS A 140 43.21 24.98 32.78
CA LYS A 140 42.86 26.21 32.06
C LYS A 140 43.48 26.25 30.67
N SER A 141 44.63 25.63 30.48
CA SER A 141 45.33 25.65 29.22
C SER A 141 45.83 24.24 28.90
N ASN A 142 45.90 23.93 27.61
CA ASN A 142 46.37 22.61 27.21
C ASN A 142 47.85 22.44 27.59
N LEU A 143 48.25 21.18 27.73
CA LEU A 143 49.65 20.93 28.04
C LEU A 143 50.50 21.01 26.79
N LYS A 144 51.73 21.42 26.98
CA LYS A 144 52.73 21.38 25.93
C LYS A 144 53.27 19.95 25.77
N PRO A 145 53.89 19.64 24.63
CA PRO A 145 54.32 18.26 24.39
C PRO A 145 55.30 17.77 25.44
N PHE A 146 55.07 16.54 25.90
CA PHE A 146 55.91 15.88 26.91
C PHE A 146 55.90 16.65 28.23
N GLU A 147 54.74 17.18 28.60
CA GLU A 147 54.59 17.85 29.88
C GLU A 147 53.88 16.93 30.86
N ARG A 148 54.26 17.03 32.13
CA ARG A 148 53.74 16.19 33.20
C ARG A 148 53.24 17.09 34.32
N ASP A 149 51.94 17.01 34.61
CA ASP A 149 51.31 17.84 35.62
C ASP A 149 50.79 16.95 36.73
N ILE A 150 51.42 17.03 37.90
CA ILE A 150 51.03 16.24 39.07
C ILE A 150 50.43 17.13 40.15
N SER A 151 49.97 18.32 39.77
CA SER A 151 49.30 19.21 40.72
C SER A 151 48.01 18.59 41.25
N THR A 152 47.81 18.68 42.56
CA THR A 152 46.52 18.38 43.18
C THR A 152 45.86 19.65 43.68
N GLU A 153 46.32 20.82 43.22
CA GLU A 153 45.74 22.09 43.63
C GLU A 153 44.29 22.20 43.17
N ILE A 154 43.44 22.74 44.05
CA ILE A 154 42.03 22.86 43.74
C ILE A 154 41.84 23.77 42.53
N TYR A 155 41.03 23.31 41.57
CA TYR A 155 40.81 24.04 40.34
C TYR A 155 39.81 25.16 40.58
N GLN A 156 40.21 26.40 40.29
CA GLN A 156 39.39 27.58 40.55
C GLN A 156 38.62 27.94 39.27
N ALA A 157 37.33 27.61 39.26
CA ALA A 157 36.48 27.87 38.11
C ALA A 157 35.80 29.24 38.17
N GLY A 158 36.02 30.00 39.25
CA GLY A 158 35.48 31.33 39.37
C GLY A 158 36.57 32.31 39.77
N SER A 159 36.20 33.54 40.11
CA SER A 159 37.18 34.51 40.56
C SER A 159 37.49 34.41 42.05
N THR A 160 36.59 33.83 42.84
CA THR A 160 36.86 33.66 44.26
C THR A 160 37.92 32.57 44.47
N PRO A 161 38.96 32.83 45.25
CA PRO A 161 39.90 31.77 45.60
C PRO A 161 39.22 30.67 46.42
N CYS A 162 39.86 29.51 46.45
CA CYS A 162 39.25 28.33 47.02
C CYS A 162 39.90 27.86 48.31
N ASN A 163 41.10 28.36 48.63
CA ASN A 163 41.76 28.07 49.89
C ASN A 163 41.84 26.57 50.16
N GLY A 164 41.93 25.79 49.08
CA GLY A 164 42.25 24.39 49.19
C GLY A 164 41.17 23.45 49.66
N VAL A 165 39.88 23.77 49.46
CA VAL A 165 38.85 22.79 49.79
C VAL A 165 37.90 22.80 48.61
N GLU A 166 37.25 21.65 48.35
CA GLU A 166 36.33 21.59 47.24
C GLU A 166 35.03 22.29 47.62
N GLY A 167 34.35 22.81 46.61
CA GLY A 167 33.10 23.52 46.84
C GLY A 167 32.56 24.12 45.55
N PHE A 168 31.72 25.14 45.69
CA PHE A 168 31.15 25.81 44.53
C PHE A 168 32.25 26.52 43.74
N ASN A 169 32.27 26.27 42.43
CA ASN A 169 33.25 26.87 41.51
C ASN A 169 34.69 26.49 41.86
N CYS A 170 34.86 25.42 42.63
CA CYS A 170 36.18 24.90 42.96
C CYS A 170 36.09 23.37 43.01
N TYR A 171 36.74 22.72 42.05
CA TYR A 171 36.63 21.27 41.89
C TYR A 171 37.98 20.62 42.11
N PHE A 172 37.94 19.34 42.47
CA PHE A 172 39.17 18.56 42.46
C PHE A 172 39.59 18.32 41.02
N PRO A 173 40.83 18.61 40.66
CA PRO A 173 41.22 18.54 39.23
C PRO A 173 41.30 17.13 38.69
N LEU A 174 41.34 16.11 39.54
CA LEU A 174 41.52 14.73 39.11
C LEU A 174 40.21 13.97 39.18
N GLN A 175 40.14 12.86 38.45
CA GLN A 175 38.95 12.03 38.42
C GLN A 175 39.35 10.57 38.29
N SER A 176 38.60 9.71 38.96
CA SER A 176 38.88 8.28 38.98
C SER A 176 38.25 7.57 37.79
N TYR A 177 39.00 6.65 37.20
CA TYR A 177 38.45 5.73 36.22
C TYR A 177 37.56 4.70 36.89
N GLY A 178 36.42 4.40 36.27
CA GLY A 178 35.55 3.36 36.78
C GLY A 178 35.78 2.01 36.13
N PHE A 179 36.94 1.40 36.40
CA PHE A 179 37.33 0.16 35.74
C PHE A 179 36.62 -1.03 36.38
N GLN A 180 35.65 -1.60 35.67
CA GLN A 180 34.96 -2.81 36.08
C GLN A 180 35.02 -3.83 34.96
N PRO A 181 35.20 -5.11 35.28
CA PRO A 181 35.38 -6.12 34.22
C PRO A 181 34.17 -6.31 33.32
N THR A 182 32.96 -6.00 33.82
CA THR A 182 31.75 -6.18 33.03
C THR A 182 31.57 -5.10 31.97
N ASN A 183 32.41 -4.06 31.97
CA ASN A 183 32.26 -2.95 31.04
C ASN A 183 32.46 -3.40 29.60
N GLY A 184 32.03 -2.54 28.68
CA GLY A 184 32.34 -2.74 27.28
C GLY A 184 33.82 -2.53 26.99
N VAL A 185 34.24 -3.01 25.81
CA VAL A 185 35.66 -3.00 25.46
C VAL A 185 36.23 -1.59 25.50
N GLY A 186 35.41 -0.58 25.21
CA GLY A 186 35.89 0.79 25.26
C GLY A 186 36.25 1.27 26.66
N TYR A 187 35.55 0.79 27.68
CA TYR A 187 35.78 1.23 29.04
C TYR A 187 36.86 0.43 29.76
N GLN A 188 37.33 -0.67 29.18
CA GLN A 188 38.31 -1.49 29.86
C GLN A 188 39.65 -0.75 29.94
N PRO A 189 40.45 -1.04 30.95
CA PRO A 189 41.75 -0.39 31.05
C PRO A 189 42.71 -0.93 30.01
N TYR A 190 43.45 -0.03 29.38
CA TYR A 190 44.49 -0.38 28.43
C TYR A 190 45.81 0.19 28.94
N ARG A 191 46.84 -0.63 28.89
CA ARG A 191 48.18 -0.19 29.25
C ARG A 191 48.88 0.30 27.99
N VAL A 192 49.50 1.48 28.08
CA VAL A 192 50.07 2.16 26.93
C VAL A 192 51.53 2.48 27.21
N VAL A 193 52.38 2.19 26.25
CA VAL A 193 53.80 2.51 26.28
C VAL A 193 54.15 3.31 25.03
N VAL A 194 54.76 4.47 25.23
CA VAL A 194 55.16 5.35 24.14
C VAL A 194 56.68 5.34 24.06
N LEU A 195 57.20 4.90 22.92
CA LEU A 195 58.63 4.87 22.64
C LEU A 195 58.99 6.09 21.79
N SER A 196 59.85 6.95 22.33
CA SER A 196 60.32 8.14 21.63
C SER A 196 61.81 8.01 21.39
N PHE A 197 62.25 8.36 20.17
CA PHE A 197 63.64 8.18 19.74
C PHE A 197 64.29 9.56 19.61
N GLU A 198 65.22 9.85 20.52
CA GLU A 198 65.85 11.17 20.63
C GLU A 198 67.18 11.14 19.90
N LEU A 199 67.28 11.93 18.82
CA LEU A 199 68.53 12.17 18.10
C LEU A 199 68.89 13.64 18.19
N LEU A 200 70.12 13.93 18.60
CA LEU A 200 70.59 15.30 18.73
C LEU A 200 72.00 15.38 18.14
N HIS A 201 72.74 16.43 18.51
CA HIS A 201 74.12 16.62 18.04
C HIS A 201 75.15 16.02 19.00
N ALA A 202 74.90 14.80 19.43
CA ALA A 202 75.65 14.16 20.50
C ALA A 202 75.89 12.72 20.11
N PRO A 203 76.89 12.05 20.69
CA PRO A 203 77.13 10.64 20.37
C PRO A 203 75.92 9.77 20.69
N ALA A 204 75.60 8.87 19.76
CA ALA A 204 74.49 7.95 19.94
C ALA A 204 74.85 6.85 20.93
N THR A 205 73.93 6.55 21.84
CA THR A 205 74.19 5.56 22.88
C THR A 205 73.23 4.37 22.86
N VAL A 206 72.13 4.43 22.12
CA VAL A 206 71.21 3.31 21.98
C VAL A 206 71.24 2.87 20.52
N CYS A 207 71.55 1.60 20.30
CA CYS A 207 71.57 1.03 18.96
C CYS A 207 71.08 -0.42 19.01
N GLY A 208 70.87 -0.99 17.82
CA GLY A 208 70.36 -2.31 17.66
C GLY A 208 71.52 -3.28 17.58
N PRO A 209 71.21 -4.56 17.37
CA PRO A 209 72.29 -5.55 17.20
C PRO A 209 73.28 -5.20 16.11
N LYS A 210 72.85 -4.47 15.09
CA LYS A 210 73.76 -4.02 14.03
C LYS A 210 74.70 -2.92 14.50
N GLN B 1 25.94 33.06 42.88
CA GLN B 1 24.93 33.32 41.86
C GLN B 1 25.52 33.09 40.46
N VAL B 2 24.81 32.32 39.64
CA VAL B 2 25.20 32.06 38.25
C VAL B 2 24.04 32.48 37.35
N GLN B 3 24.37 33.12 36.23
CA GLN B 3 23.39 33.60 35.27
C GLN B 3 23.83 33.26 33.86
N LEU B 4 22.89 32.78 33.05
CA LEU B 4 23.14 32.50 31.64
C LEU B 4 21.96 33.05 30.85
N VAL B 5 22.22 34.01 29.96
CA VAL B 5 21.16 34.69 29.22
C VAL B 5 21.49 34.66 27.73
N GLU B 6 20.53 34.23 26.92
CA GLU B 6 20.76 33.96 25.51
C GLU B 6 20.16 35.02 24.59
N SER B 7 20.68 35.03 23.36
CA SER B 7 20.46 36.07 22.39
C SER B 7 20.59 35.46 21.00
N GLY B 8 19.75 35.89 20.07
CA GLY B 8 20.01 35.68 18.65
C GLY B 8 19.05 34.73 17.96
N GLY B 9 18.09 34.15 18.68
CA GLY B 9 17.12 33.29 18.05
C GLY B 9 16.16 34.09 17.18
N GLY B 10 15.71 33.47 16.11
CA GLY B 10 14.79 34.12 15.21
C GLY B 10 14.47 33.24 14.02
N LEU B 11 13.75 33.82 13.06
CA LEU B 11 13.43 33.13 11.83
C LEU B 11 14.56 33.31 10.83
N ILE B 12 14.92 32.23 10.14
CA ILE B 12 15.99 32.24 9.16
C ILE B 12 15.64 31.28 8.04
N GLN B 13 16.04 31.64 6.81
CA GLN B 13 15.72 30.78 5.68
C GLN B 13 16.63 29.56 5.64
N PRO B 14 16.18 28.46 5.04
CA PRO B 14 17.04 27.28 4.92
C PRO B 14 18.30 27.61 4.13
N GLY B 15 19.43 27.08 4.60
CA GLY B 15 20.71 27.39 4.02
C GLY B 15 21.34 28.67 4.52
N GLY B 16 20.62 29.45 5.32
CA GLY B 16 21.15 30.68 5.88
C GLY B 16 22.00 30.44 7.10
N SER B 17 22.43 31.54 7.72
CA SER B 17 23.31 31.49 8.88
C SER B 17 22.72 32.31 10.03
N LEU B 18 22.98 31.84 11.24
CA LEU B 18 22.60 32.55 12.45
C LEU B 18 23.68 32.36 13.50
N ARG B 19 23.76 33.32 14.44
CA ARG B 19 24.74 33.28 15.50
C ARG B 19 24.03 33.49 16.82
N LEU B 20 24.07 32.47 17.68
CA LEU B 20 23.49 32.56 19.02
C LEU B 20 24.57 32.95 20.02
N SER B 21 24.20 33.82 20.96
CA SER B 21 25.08 34.26 22.03
C SER B 21 24.48 33.89 23.38
N CYS B 22 25.36 33.61 24.34
CA CYS B 22 24.96 33.29 25.71
C CYS B 22 25.93 34.06 26.61
N ALA B 23 25.45 35.15 27.20
CA ALA B 23 26.22 35.87 28.19
C ALA B 23 26.17 35.12 29.50
N ALA B 24 27.31 35.07 30.19
CA ALA B 24 27.45 34.27 31.39
C ALA B 24 27.96 35.13 32.55
N SER B 25 27.48 34.80 33.74
CA SER B 25 27.81 35.51 34.96
C SER B 25 27.94 34.50 36.10
N GLY B 26 28.90 34.75 37.00
CA GLY B 26 29.05 33.91 38.17
C GLY B 26 30.13 32.85 38.07
N PHE B 27 30.77 32.72 36.92
CA PHE B 27 31.91 31.84 36.75
C PHE B 27 32.73 32.36 35.58
N THR B 28 33.99 31.96 35.50
CA THR B 28 34.85 32.41 34.43
C THR B 28 34.74 31.41 33.28
N VAL B 29 34.21 31.87 32.16
CA VAL B 29 33.89 31.00 31.04
C VAL B 29 35.13 30.38 30.41
N SER B 30 36.31 30.95 30.64
CA SER B 30 37.53 30.49 30.00
C SER B 30 38.13 29.28 30.69
N SER B 31 37.64 28.91 31.87
CA SER B 31 38.16 27.76 32.61
C SER B 31 37.09 26.71 32.85
N ASN B 32 35.98 26.76 32.12
CA ASN B 32 34.88 25.84 32.31
C ASN B 32 34.49 25.24 30.96
N TYR B 33 34.04 24.00 31.00
CA TYR B 33 33.36 23.42 29.85
C TYR B 33 32.02 24.10 29.66
N MET B 34 31.66 24.36 28.40
CA MET B 34 30.36 24.92 28.09
C MET B 34 29.79 24.20 26.89
N SER B 35 28.46 24.17 26.77
CA SER B 35 27.85 23.41 25.70
C SER B 35 26.57 24.06 25.22
N TRP B 36 26.19 23.67 24.01
CA TRP B 36 24.92 24.04 23.39
C TRP B 36 24.11 22.76 23.23
N VAL B 37 22.90 22.77 23.78
CA VAL B 37 21.99 21.63 23.80
C VAL B 37 20.65 22.08 23.22
N ARG B 38 20.22 21.46 22.13
CA ARG B 38 18.98 21.88 21.51
C ARG B 38 17.84 20.93 21.80
N GLN B 39 16.62 21.45 21.68
CA GLN B 39 15.40 20.71 21.96
C GLN B 39 14.40 21.03 20.85
N ALA B 40 14.09 20.04 20.02
CA ALA B 40 13.11 20.23 18.97
C ALA B 40 11.72 20.47 19.58
N PRO B 41 10.83 21.14 18.86
CA PRO B 41 9.50 21.42 19.42
C PRO B 41 8.76 20.14 19.73
N GLY B 42 8.42 19.96 21.01
CA GLY B 42 7.70 18.78 21.42
C GLY B 42 8.51 17.51 21.43
N LYS B 43 9.83 17.61 21.45
CA LYS B 43 10.71 16.46 21.41
C LYS B 43 11.65 16.47 22.63
N GLY B 44 12.65 15.59 22.60
CA GLY B 44 13.60 15.47 23.69
C GLY B 44 14.76 16.41 23.56
N LEU B 45 15.76 16.20 24.40
CA LEU B 45 16.97 17.01 24.40
C LEU B 45 18.05 16.36 23.56
N GLU B 46 18.76 17.17 22.78
CA GLU B 46 19.85 16.71 21.93
C GLU B 46 21.07 17.58 22.19
N TRP B 47 22.17 16.96 22.63
CA TRP B 47 23.42 17.68 22.79
C TRP B 47 23.99 18.02 21.42
N VAL B 48 24.40 19.29 21.25
CA VAL B 48 24.86 19.78 19.96
C VAL B 48 26.38 19.97 19.95
N SER B 49 26.91 20.73 20.90
CA SER B 49 28.36 20.97 20.85
C SER B 49 28.89 21.35 22.23
N VAL B 50 30.21 21.24 22.37
CA VAL B 50 30.90 21.55 23.63
C VAL B 50 32.24 22.21 23.33
N ILE B 51 32.62 23.15 24.21
CA ILE B 51 33.94 23.77 24.25
C ILE B 51 34.57 23.42 25.59
N TYR B 52 35.79 22.90 25.54
CA TYR B 52 36.53 22.50 26.73
C TYR B 52 37.13 23.72 27.42
N SER B 53 37.61 23.50 28.65
CA SER B 53 38.28 24.58 29.38
C SER B 53 39.58 25.00 28.69
N GLY B 54 40.26 24.06 28.04
CA GLY B 54 41.49 24.31 27.32
C GLY B 54 41.34 24.80 25.90
N GLY B 55 40.11 25.01 25.43
CA GLY B 55 39.87 25.54 24.10
C GLY B 55 39.48 24.51 23.06
N SER B 56 39.52 23.22 23.39
CA SER B 56 39.19 22.21 22.41
C SER B 56 37.68 22.17 22.16
N THR B 57 37.31 21.85 20.92
CA THR B 57 35.92 21.93 20.47
C THR B 57 35.47 20.56 19.98
N PHE B 58 34.21 20.24 20.25
CA PHE B 58 33.62 19.00 19.76
C PHE B 58 32.17 19.23 19.39
N TYR B 59 31.71 18.48 18.39
CA TYR B 59 30.36 18.67 17.84
C TYR B 59 29.71 17.31 17.63
N ALA B 60 28.39 17.33 17.52
CA ALA B 60 27.63 16.14 17.15
C ALA B 60 27.69 15.93 15.64
N ASP B 61 27.36 14.70 15.22
CA ASP B 61 27.47 14.36 13.81
C ASP B 61 26.51 15.17 12.96
N SER B 62 25.31 15.47 13.49
CA SER B 62 24.31 16.18 12.72
C SER B 62 24.69 17.63 12.41
N VAL B 63 25.62 18.22 13.16
CA VAL B 63 25.95 19.63 13.01
C VAL B 63 27.41 19.87 12.67
N LYS B 64 28.22 18.83 12.54
CA LYS B 64 29.64 19.02 12.25
C LYS B 64 29.83 19.50 10.82
N GLY B 65 30.82 20.37 10.63
CA GLY B 65 31.04 21.03 9.35
C GLY B 65 30.19 22.25 9.12
N ARG B 66 29.12 22.43 9.89
CA ARG B 66 28.22 23.58 9.78
C ARG B 66 28.21 24.44 11.03
N PHE B 67 28.26 23.84 12.21
CA PHE B 67 28.20 24.58 13.47
C PHE B 67 29.61 24.78 14.02
N THR B 68 29.85 25.95 14.61
CA THR B 68 31.11 26.27 15.26
C THR B 68 30.82 26.93 16.60
N ILE B 69 31.33 26.32 17.67
CA ILE B 69 31.21 26.88 19.02
C ILE B 69 32.45 27.72 19.29
N SER B 70 32.26 28.84 20.00
CA SER B 70 33.35 29.77 20.26
C SER B 70 33.07 30.49 21.58
N ARG B 71 34.08 31.19 22.08
CA ARG B 71 33.93 31.96 23.31
C ARG B 71 34.74 33.23 23.24
N ASP B 72 34.19 34.30 23.81
CA ASP B 72 34.86 35.59 23.96
C ASP B 72 35.08 35.83 25.44
N ASN B 73 36.35 35.76 25.86
CA ASN B 73 36.71 35.96 27.26
C ASN B 73 36.65 37.43 27.67
N SER B 74 36.76 38.35 26.71
CA SER B 74 36.70 39.78 26.98
C SER B 74 35.26 40.29 27.03
N LYS B 75 34.30 39.49 26.56
CA LYS B 75 32.89 39.79 26.71
C LYS B 75 32.16 38.76 27.56
N SER B 76 32.87 37.76 28.08
CA SER B 76 32.28 36.67 28.85
C SER B 76 31.05 36.09 28.14
N THR B 77 31.23 35.74 26.87
CA THR B 77 30.12 35.29 26.05
C THR B 77 30.47 33.99 25.33
N LEU B 78 29.47 33.14 25.14
CA LEU B 78 29.59 31.92 24.35
C LEU B 78 28.80 32.07 23.07
N TYR B 79 29.40 31.66 21.95
CA TYR B 79 28.79 31.83 20.64
C TYR B 79 28.61 30.49 19.95
N LEU B 80 27.53 30.37 19.18
CA LEU B 80 27.27 29.24 18.30
C LEU B 80 26.91 29.75 16.91
N GLN B 81 27.77 29.46 15.94
CA GLN B 81 27.57 29.83 14.54
C GLN B 81 27.06 28.61 13.77
N MET B 82 26.08 28.83 12.90
CA MET B 82 25.40 27.68 12.28
C MET B 82 25.55 27.59 10.76
N ASN B 83 25.62 28.71 10.04
CA ASN B 83 26.05 28.75 8.64
C ASN B 83 25.14 28.09 7.60
N SER B 84 24.75 26.82 7.78
CA SER B 84 23.96 26.10 6.76
C SER B 84 22.76 25.41 7.42
N LEU B 85 21.84 26.21 7.92
CA LEU B 85 20.73 25.68 8.70
C LEU B 85 19.71 24.96 7.81
N ARG B 86 19.18 23.86 8.33
CA ARG B 86 18.10 23.10 7.71
C ARG B 86 16.85 23.20 8.58
N VAL B 87 15.71 22.79 8.03
CA VAL B 87 14.46 22.91 8.77
C VAL B 87 14.45 21.96 9.97
N GLU B 88 15.18 20.83 9.87
CA GLU B 88 15.29 19.91 10.99
C GLU B 88 16.10 20.49 12.15
N ASP B 89 16.85 21.56 11.92
CA ASP B 89 17.58 22.24 12.99
C ASP B 89 16.69 23.18 13.80
N THR B 90 15.43 23.35 13.41
CA THR B 90 14.50 24.20 14.15
C THR B 90 14.31 23.65 15.56
N ALA B 91 14.64 24.47 16.56
CA ALA B 91 14.62 23.99 17.94
C ALA B 91 14.86 25.16 18.88
N VAL B 92 14.68 24.91 20.16
CA VAL B 92 15.11 25.84 21.20
C VAL B 92 16.51 25.43 21.62
N TYR B 93 17.46 26.34 21.46
CA TYR B 93 18.86 26.08 21.79
C TYR B 93 19.14 26.62 23.19
N TYR B 94 19.72 25.76 24.04
CA TYR B 94 20.02 26.06 25.42
C TYR B 94 21.53 26.19 25.61
N CYS B 95 21.94 27.26 26.27
CA CYS B 95 23.30 27.44 26.72
C CYS B 95 23.46 26.77 28.08
N ALA B 96 24.50 25.94 28.24
CA ALA B 96 24.65 25.19 29.48
C ALA B 96 26.10 25.18 29.94
N ARG B 97 26.30 25.40 31.23
CA ARG B 97 27.59 25.17 31.86
C ARG B 97 27.77 23.67 32.09
N ASP B 98 28.91 23.14 31.69
CA ASP B 98 29.16 21.71 31.64
C ASP B 98 30.23 21.37 32.68
N PHE B 99 29.95 20.36 33.50
CA PHE B 99 30.93 19.93 34.51
C PHE B 99 31.79 18.84 33.89
N GLY B 100 32.86 19.26 33.21
CA GLY B 100 33.84 18.32 32.70
C GLY B 100 33.32 17.34 31.67
N ASP B 101 32.52 17.81 30.72
CA ASP B 101 31.95 16.97 29.67
C ASP B 101 31.12 15.83 30.25
N PHE B 102 30.52 16.06 31.43
CA PHE B 102 29.74 15.04 32.11
C PHE B 102 28.26 15.42 32.15
N TYR B 103 27.90 16.45 32.91
CA TYR B 103 26.51 16.85 33.06
C TYR B 103 26.43 18.37 33.08
N PHE B 104 25.22 18.89 32.94
CA PHE B 104 24.97 20.32 32.78
C PHE B 104 24.34 20.84 34.08
N ASP B 105 25.13 21.54 34.88
CA ASP B 105 24.69 21.96 36.20
C ASP B 105 23.98 23.31 36.22
N TYR B 106 24.11 24.10 35.14
CA TYR B 106 23.41 25.38 35.04
C TYR B 106 23.02 25.60 33.58
N TRP B 107 21.79 26.07 33.37
CA TRP B 107 21.25 26.25 32.02
C TRP B 107 20.80 27.69 31.82
N GLY B 108 20.85 28.13 30.55
CA GLY B 108 20.23 29.38 30.17
C GLY B 108 18.76 29.20 29.82
N GLN B 109 18.07 30.33 29.62
CA GLN B 109 16.64 30.28 29.37
C GLN B 109 16.30 29.73 27.99
N GLY B 110 17.27 29.65 27.09
CA GLY B 110 17.03 29.12 25.75
C GLY B 110 16.53 30.19 24.79
N THR B 111 16.87 29.99 23.51
CA THR B 111 16.39 30.86 22.45
C THR B 111 15.92 30.01 21.29
N LEU B 112 14.83 30.44 20.64
CA LEU B 112 14.16 29.62 19.63
C LEU B 112 14.66 29.96 18.23
N VAL B 113 15.09 28.95 17.49
CA VAL B 113 15.59 29.09 16.14
C VAL B 113 14.61 28.38 15.21
N THR B 114 13.96 29.16 14.35
CA THR B 114 12.99 28.67 13.38
C THR B 114 13.60 28.76 12.00
N VAL B 115 13.71 27.61 11.32
CA VAL B 115 14.23 27.56 9.95
C VAL B 115 13.10 27.16 9.03
N SER B 116 12.62 28.14 8.26
CA SER B 116 11.45 28.02 7.42
C SER B 116 11.61 29.03 6.29
N SER B 117 11.07 28.68 5.11
CA SER B 117 11.00 29.65 4.02
C SER B 117 9.78 30.55 4.12
N ALA B 118 8.97 30.42 5.16
CA ALA B 118 7.78 31.26 5.29
C ALA B 118 8.15 32.69 5.69
N SER B 119 7.35 33.64 5.22
CA SER B 119 7.55 35.04 5.53
C SER B 119 6.93 35.41 6.87
N THR B 120 7.53 36.39 7.54
CA THR B 120 6.95 36.93 8.77
C THR B 120 5.62 37.61 8.46
N LYS B 121 4.62 37.33 9.30
CA LYS B 121 3.34 38.00 9.22
C LYS B 121 2.87 38.38 10.62
N GLY B 122 2.42 39.62 10.77
CA GLY B 122 1.89 40.10 12.02
C GLY B 122 0.50 39.57 12.30
N PRO B 123 0.16 39.42 13.57
CA PRO B 123 -1.15 38.88 13.94
C PRO B 123 -2.24 39.95 13.91
N SER B 124 -3.48 39.48 13.78
CA SER B 124 -4.67 40.30 13.97
C SER B 124 -5.34 39.91 15.27
N VAL B 125 -5.75 40.91 16.05
CA VAL B 125 -6.31 40.70 17.38
C VAL B 125 -7.80 41.05 17.33
N PHE B 126 -8.63 40.11 17.79
CA PHE B 126 -10.06 40.27 17.80
C PHE B 126 -10.61 40.02 19.20
N PRO B 127 -11.72 40.65 19.57
CA PRO B 127 -12.29 40.44 20.90
C PRO B 127 -13.19 39.22 20.96
N LEU B 128 -13.17 38.59 22.14
CA LEU B 128 -14.12 37.55 22.52
C LEU B 128 -14.93 38.14 23.68
N ALA B 129 -16.13 38.66 23.34
CA ALA B 129 -16.96 39.48 24.21
C ALA B 129 -17.69 38.64 25.27
N PRO B 130 -17.94 39.21 26.44
CA PRO B 130 -18.67 38.48 27.48
C PRO B 130 -20.17 38.35 27.20
N SER B 131 -20.74 37.28 27.75
CA SER B 131 -22.12 36.85 27.59
C SER B 131 -23.05 37.52 28.59
N SER B 132 -24.34 37.55 28.24
CA SER B 132 -25.37 38.01 29.16
C SER B 132 -25.64 36.96 30.22
N GLY B 138 -22.82 36.03 39.06
CA GLY B 138 -21.90 34.92 38.88
C GLY B 138 -20.59 35.32 38.25
N THR B 139 -20.04 34.41 37.45
CA THR B 139 -18.73 34.58 36.81
C THR B 139 -18.90 34.68 35.31
N ALA B 140 -18.16 35.59 34.67
CA ALA B 140 -18.16 35.74 33.22
C ALA B 140 -16.74 35.59 32.68
N ALA B 141 -16.65 35.25 31.40
CA ALA B 141 -15.38 35.05 30.72
C ALA B 141 -15.29 35.95 29.50
N LEU B 142 -14.09 36.49 29.26
CA LEU B 142 -13.82 37.29 28.08
C LEU B 142 -12.43 36.95 27.56
N GLY B 143 -12.06 37.50 26.42
CA GLY B 143 -10.72 37.22 25.93
C GLY B 143 -10.37 37.92 24.63
N CYS B 144 -9.20 37.53 24.11
CA CYS B 144 -8.64 38.04 22.87
C CYS B 144 -8.17 36.87 22.01
N LEU B 145 -8.43 36.97 20.71
CA LEU B 145 -8.00 35.99 19.73
C LEU B 145 -6.93 36.62 18.85
N VAL B 146 -5.74 36.02 18.86
CA VAL B 146 -4.57 36.49 18.14
C VAL B 146 -4.36 35.51 16.98
N LYS B 147 -4.72 35.91 15.77
CA LYS B 147 -4.80 35.01 14.63
C LYS B 147 -3.81 35.40 13.54
N ASP B 148 -3.36 34.40 12.79
CA ASP B 148 -2.64 34.58 11.51
C ASP B 148 -1.33 35.35 11.71
N TYR B 149 -0.42 34.70 12.43
CA TYR B 149 0.92 35.23 12.65
C TYR B 149 1.96 34.14 12.43
N PHE B 150 3.19 34.58 12.16
CA PHE B 150 4.34 33.71 11.99
C PHE B 150 5.61 34.54 12.06
N PRO B 151 6.67 34.05 12.73
CA PRO B 151 6.65 32.79 13.49
C PRO B 151 6.30 33.02 14.95
N GLU B 152 6.59 32.02 15.78
CA GLU B 152 6.43 32.16 17.21
C GLU B 152 7.61 32.96 17.79
N PRO B 153 7.43 33.57 18.98
CA PRO B 153 6.25 33.52 19.85
C PRO B 153 5.41 34.79 19.91
N VAL B 154 4.28 34.66 20.62
CA VAL B 154 3.38 35.77 20.91
C VAL B 154 3.27 35.91 22.42
N THR B 155 3.41 37.14 22.91
CA THR B 155 3.30 37.42 24.34
C THR B 155 2.08 38.31 24.59
N VAL B 156 1.19 37.84 25.46
CA VAL B 156 -0.06 38.51 25.82
C VAL B 156 -0.08 38.76 27.32
N SER B 157 -0.59 39.93 27.70
CA SER B 157 -0.89 40.36 29.06
C SER B 157 -2.31 40.88 29.09
N TRP B 158 -2.76 41.20 30.29
CA TRP B 158 -4.06 41.79 30.50
C TRP B 158 -3.85 42.97 31.44
N ASN B 159 -4.27 44.16 30.99
CA ASN B 159 -4.11 45.41 31.72
C ASN B 159 -2.64 45.68 32.08
N SER B 160 -1.76 45.41 31.11
CA SER B 160 -0.32 45.68 31.24
C SER B 160 0.28 44.97 32.45
N GLY B 161 -0.13 43.72 32.67
CA GLY B 161 0.41 42.90 33.73
C GLY B 161 -0.30 43.02 35.06
N ALA B 162 -1.26 43.93 35.19
CA ALA B 162 -1.97 44.07 36.46
C ALA B 162 -2.94 42.91 36.68
N LEU B 163 -3.43 42.31 35.61
CA LEU B 163 -4.36 41.18 35.67
C LEU B 163 -3.59 39.91 35.33
N THR B 164 -3.42 39.04 36.33
CA THR B 164 -2.72 37.78 36.13
C THR B 164 -3.55 36.63 36.69
N SER B 165 -4.41 36.93 37.67
CA SER B 165 -5.25 35.91 38.26
C SER B 165 -6.42 35.58 37.35
N GLY B 166 -6.62 34.28 37.10
CA GLY B 166 -7.73 33.84 36.25
C GLY B 166 -7.47 33.84 34.76
N VAL B 167 -6.23 34.06 34.31
CA VAL B 167 -5.90 34.20 32.89
C VAL B 167 -5.39 32.85 32.37
N HIS B 168 -5.78 32.52 31.14
CA HIS B 168 -5.35 31.29 30.47
C HIS B 168 -5.01 31.68 29.04
N THR B 169 -3.71 31.64 28.71
CA THR B 169 -3.26 31.85 27.35
C THR B 169 -2.86 30.49 26.78
N PHE B 170 -3.54 30.09 25.72
CA PHE B 170 -3.40 28.74 25.20
C PHE B 170 -2.16 28.62 24.31
N PRO B 171 -1.61 27.42 24.18
CA PRO B 171 -0.52 27.21 23.21
C PRO B 171 -1.01 27.48 21.79
N ALA B 172 -0.11 27.97 20.96
CA ALA B 172 -0.47 28.26 19.58
C ALA B 172 -0.76 26.97 18.83
N VAL B 173 -1.73 27.05 17.92
CA VAL B 173 -2.06 25.94 17.03
C VAL B 173 -1.68 26.35 15.62
N LEU B 174 -1.06 25.42 14.88
CA LEU B 174 -0.66 25.67 13.51
C LEU B 174 -1.82 25.35 12.59
N GLN B 175 -2.42 26.39 12.01
CA GLN B 175 -3.50 26.20 11.06
C GLN B 175 -2.94 25.58 9.77
N SER B 176 -3.86 25.15 8.91
CA SER B 176 -3.46 24.66 7.60
C SER B 176 -2.94 25.78 6.71
N SER B 177 -3.21 27.04 7.10
CA SER B 177 -2.61 28.19 6.44
C SER B 177 -1.08 28.14 6.45
N GLY B 178 -0.47 27.46 7.42
CA GLY B 178 0.94 27.61 7.72
C GLY B 178 1.23 28.70 8.72
N LEU B 179 0.18 29.34 9.24
CA LEU B 179 0.27 30.40 10.23
C LEU B 179 -0.20 29.88 11.57
N TYR B 180 0.00 30.69 12.60
CA TYR B 180 -0.35 30.34 13.97
C TYR B 180 -1.53 31.17 14.45
N SER B 181 -2.30 30.61 15.37
CA SER B 181 -3.34 31.35 16.07
C SER B 181 -3.39 30.89 17.51
N LEU B 182 -3.98 31.74 18.34
CA LEU B 182 -3.86 31.62 19.78
C LEU B 182 -5.01 32.42 20.40
N SER B 183 -5.39 32.04 21.61
CA SER B 183 -6.42 32.76 22.35
C SER B 183 -5.96 32.91 23.80
N SER B 184 -6.29 34.05 24.39
CA SER B 184 -6.07 34.25 25.82
C SER B 184 -7.36 34.76 26.44
N VAL B 185 -7.79 34.11 27.52
CA VAL B 185 -9.08 34.36 28.13
C VAL B 185 -8.88 34.68 29.61
N VAL B 186 -9.90 35.30 30.19
CA VAL B 186 -9.90 35.65 31.61
C VAL B 186 -11.29 35.48 32.19
N THR B 187 -11.32 35.18 33.49
CA THR B 187 -12.52 34.92 34.26
C THR B 187 -12.65 36.04 35.28
N VAL B 188 -13.76 36.77 35.23
CA VAL B 188 -13.94 37.95 36.08
C VAL B 188 -15.38 37.98 36.59
N PRO B 189 -15.62 38.73 37.67
CA PRO B 189 -17.00 38.87 38.16
C PRO B 189 -17.88 39.59 37.16
N SER B 190 -19.10 39.08 36.99
CA SER B 190 -20.05 39.64 36.04
C SER B 190 -20.66 40.96 36.51
N SER B 191 -20.54 41.29 37.78
CA SER B 191 -20.65 42.66 38.24
C SER B 191 -19.85 43.64 37.37
N SER B 192 -18.64 43.24 36.97
CA SER B 192 -17.58 44.17 36.59
C SER B 192 -17.68 44.74 35.17
N LEU B 193 -18.49 44.16 34.26
CA LEU B 193 -18.23 44.39 32.83
C LEU B 193 -18.45 45.84 32.41
N GLY B 194 -19.48 46.49 32.92
CA GLY B 194 -19.72 47.88 32.56
C GLY B 194 -18.73 48.82 33.22
N THR B 195 -18.51 48.59 34.52
CA THR B 195 -17.55 49.36 35.30
C THR B 195 -16.13 49.20 34.77
N GLN B 196 -15.56 48.00 34.89
CA GLN B 196 -14.15 47.79 34.60
C GLN B 196 -13.90 47.75 33.10
N THR B 197 -12.73 48.23 32.70
CA THR B 197 -12.29 48.18 31.31
C THR B 197 -11.17 47.15 31.19
N TYR B 198 -11.32 46.24 30.24
CA TYR B 198 -10.40 45.13 30.04
C TYR B 198 -9.70 45.30 28.70
N ILE B 199 -8.37 45.33 28.73
CA ILE B 199 -7.57 45.50 27.54
C ILE B 199 -6.47 44.43 27.55
N CYS B 200 -6.30 43.76 26.43
CA CYS B 200 -5.23 42.78 26.27
C CYS B 200 -4.10 43.39 25.46
N ASN B 201 -2.88 43.20 25.93
CA ASN B 201 -1.70 43.71 25.25
C ASN B 201 -1.01 42.53 24.57
N VAL B 202 -0.98 42.56 23.23
CA VAL B 202 -0.41 41.49 22.42
C VAL B 202 0.87 42.04 21.79
N ASN B 203 1.94 41.25 21.85
CA ASN B 203 3.24 41.63 21.36
C ASN B 203 3.82 40.49 20.55
N HIS B 204 4.12 40.75 19.29
CA HIS B 204 4.75 39.81 18.38
C HIS B 204 6.01 40.50 17.86
N LYS B 205 7.15 40.24 18.51
CA LYS B 205 8.42 40.86 18.21
C LYS B 205 8.99 40.46 16.85
N PRO B 206 8.81 39.23 16.37
CA PRO B 206 9.25 38.93 15.00
C PRO B 206 8.62 39.82 13.95
N SER B 207 7.45 40.40 14.23
CA SER B 207 6.80 41.33 13.33
C SER B 207 6.82 42.76 13.84
N ASN B 208 7.33 42.98 15.05
CA ASN B 208 7.33 44.29 15.70
C ASN B 208 5.91 44.84 15.81
N THR B 209 5.00 43.99 16.27
CA THR B 209 3.59 44.35 16.40
C THR B 209 3.22 44.42 17.87
N LYS B 210 2.66 45.56 18.28
CA LYS B 210 2.16 45.76 19.64
C LYS B 210 0.74 46.30 19.51
N VAL B 211 -0.23 45.52 19.96
CA VAL B 211 -1.64 45.88 19.87
C VAL B 211 -2.25 45.84 21.26
N ASP B 212 -2.84 46.95 21.69
CA ASP B 212 -3.60 47.01 22.92
C ASP B 212 -5.07 47.05 22.52
N LYS B 213 -5.76 45.94 22.69
CA LYS B 213 -7.12 45.76 22.22
C LYS B 213 -8.07 45.70 23.41
N LYS B 214 -9.08 46.55 23.41
CA LYS B 214 -10.03 46.63 24.50
C LYS B 214 -11.27 45.83 24.16
N VAL B 215 -11.74 45.03 25.11
CA VAL B 215 -12.89 44.17 24.92
C VAL B 215 -13.96 44.52 25.94
N GLU B 216 -15.20 44.58 25.49
CA GLU B 216 -16.33 44.93 26.35
C GLU B 216 -17.55 44.21 25.80
N PRO B 217 -18.60 44.05 26.62
CA PRO B 217 -19.84 43.48 26.09
C PRO B 217 -20.38 44.25 24.90
N LYS B 218 -21.15 43.57 24.05
CA LYS B 218 -21.73 44.16 22.86
C LYS B 218 -23.18 44.56 23.07
N GLU C 1 26.22 4.57 19.53
CA GLU C 1 25.25 5.35 20.30
C GLU C 1 24.55 4.46 21.33
N ILE C 2 24.26 5.02 22.50
CA ILE C 2 23.64 4.30 23.59
C ILE C 2 22.28 4.93 23.88
N VAL C 3 21.23 4.12 23.82
CA VAL C 3 19.88 4.61 24.02
C VAL C 3 19.49 4.46 25.48
N LEU C 4 18.80 5.47 26.01
CA LEU C 4 18.21 5.44 27.34
C LEU C 4 16.70 5.29 27.19
N THR C 5 16.13 4.37 27.94
CA THR C 5 14.69 4.09 27.89
C THR C 5 14.09 4.41 29.25
N GLN C 6 13.13 5.33 29.26
CA GLN C 6 12.46 5.73 30.49
C GLN C 6 11.10 5.09 30.60
N SER C 7 10.69 4.82 31.84
CA SER C 7 9.42 4.17 32.10
C SER C 7 8.86 4.68 33.43
N PRO C 8 7.56 4.97 33.50
CA PRO C 8 6.69 4.96 32.33
C PRO C 8 6.77 6.26 31.54
N GLY C 9 6.23 6.27 30.32
CA GLY C 9 6.25 7.50 29.53
C GLY C 9 5.53 8.64 30.23
N THR C 10 4.46 8.33 30.95
CA THR C 10 3.75 9.32 31.75
C THR C 10 3.19 8.66 32.98
N LEU C 11 3.14 9.42 34.08
CA LEU C 11 2.71 8.92 35.37
C LEU C 11 1.86 9.97 36.07
N SER C 12 0.77 9.53 36.71
CA SER C 12 -0.17 10.44 37.35
C SER C 12 -0.34 10.03 38.81
N LEU C 13 -0.06 10.97 39.73
CA LEU C 13 -0.12 10.68 41.16
C LEU C 13 -0.69 11.89 41.89
N SER C 14 -1.26 11.65 43.06
CA SER C 14 -1.80 12.71 43.89
C SER C 14 -0.71 13.30 44.76
N PRO C 15 -0.89 14.52 45.27
CA PRO C 15 0.11 15.12 46.17
C PRO C 15 0.22 14.32 47.46
N GLY C 16 1.46 14.18 47.93
CA GLY C 16 1.74 13.37 49.10
C GLY C 16 2.14 11.94 48.81
N GLU C 17 2.14 11.52 47.55
CA GLU C 17 2.49 10.16 47.21
C GLU C 17 3.96 10.10 46.77
N ARG C 18 4.38 8.93 46.33
CA ARG C 18 5.75 8.70 45.90
C ARG C 18 5.76 8.40 44.41
N ALA C 19 6.72 8.99 43.71
CA ALA C 19 6.89 8.76 42.28
C ALA C 19 8.21 8.04 42.06
N THR C 20 8.16 6.95 41.30
CA THR C 20 9.34 6.15 40.99
C THR C 20 9.46 6.03 39.48
N LEU C 21 10.55 6.57 38.94
CA LEU C 21 10.81 6.62 37.51
C LEU C 21 12.04 5.78 37.21
N SER C 22 11.99 5.01 36.13
CA SER C 22 13.06 4.09 35.79
C SER C 22 13.72 4.50 34.50
N CYS C 23 15.06 4.50 34.49
CA CYS C 23 15.85 4.72 33.29
C CYS C 23 16.77 3.52 33.08
N ARG C 24 16.69 2.93 31.89
CA ARG C 24 17.46 1.74 31.53
C ARG C 24 18.36 2.06 30.35
N ALA C 25 19.55 1.47 30.35
CA ALA C 25 20.60 1.89 29.43
C ALA C 25 20.88 0.80 28.40
N SER C 26 21.14 1.23 27.15
CA SER C 26 21.58 0.26 26.15
C SER C 26 22.81 -0.52 26.61
N GLN C 27 23.86 0.15 27.08
CA GLN C 27 25.00 -0.61 27.61
C GLN C 27 25.14 -0.11 29.05
N SER C 28 25.92 -0.82 29.85
CA SER C 28 26.13 -0.35 31.21
C SER C 28 26.93 0.95 31.22
N VAL C 29 26.54 1.88 32.09
CA VAL C 29 27.25 3.15 32.22
C VAL C 29 27.82 3.37 33.62
N SER C 30 27.56 2.50 34.59
CA SER C 30 28.27 2.52 35.85
C SER C 30 28.16 3.85 36.61
N SER C 31 26.98 4.13 37.17
CA SER C 31 26.72 5.33 37.97
C SER C 31 27.06 6.65 37.26
N TYR C 32 27.25 6.66 35.94
CA TYR C 32 27.50 7.91 35.23
C TYR C 32 26.18 8.42 34.63
N LEU C 33 25.27 8.77 35.53
CA LEU C 33 23.93 9.19 35.16
C LEU C 33 23.53 10.46 35.90
N ALA C 34 22.69 11.27 35.27
CA ALA C 34 22.17 12.51 35.82
C ALA C 34 20.68 12.59 35.55
N TRP C 35 19.98 13.29 36.43
CA TRP C 35 18.54 13.52 36.35
C TRP C 35 18.26 15.01 36.28
N TYR C 36 17.42 15.42 35.32
CA TYR C 36 17.00 16.80 35.14
C TYR C 36 15.49 16.92 35.21
N GLN C 37 15.01 18.07 35.67
CA GLN C 37 13.59 18.40 35.68
C GLN C 37 13.36 19.61 34.78
N GLN C 38 12.33 19.53 33.94
CA GLN C 38 11.98 20.61 33.04
C GLN C 38 10.49 20.90 33.16
N LYS C 39 10.15 22.05 33.75
CA LYS C 39 8.78 22.52 33.80
C LYS C 39 8.42 23.20 32.47
N PRO C 40 7.12 23.28 32.15
CA PRO C 40 6.73 23.86 30.86
C PRO C 40 7.22 25.28 30.70
N GLY C 41 7.80 25.58 29.53
CA GLY C 41 8.29 26.89 29.22
C GLY C 41 9.56 27.30 29.92
N GLN C 42 10.26 26.36 30.55
CA GLN C 42 11.48 26.63 31.29
C GLN C 42 12.60 25.72 30.80
N ALA C 43 13.80 26.01 31.25
CA ALA C 43 14.95 25.19 30.91
C ALA C 43 15.08 24.03 31.89
N PRO C 44 15.78 22.96 31.50
CA PRO C 44 16.03 21.88 32.45
C PRO C 44 16.86 22.36 33.64
N ARG C 45 16.59 21.74 34.79
CA ARG C 45 17.31 22.03 36.02
C ARG C 45 17.99 20.75 36.48
N LEU C 46 19.27 20.84 36.84
CA LEU C 46 19.98 19.67 37.31
C LEU C 46 19.42 19.21 38.65
N LEU C 47 18.91 17.98 38.69
CA LEU C 47 18.38 17.38 39.90
C LEU C 47 19.38 16.46 40.58
N ILE C 48 19.96 15.53 39.83
CA ILE C 48 20.84 14.51 40.38
C ILE C 48 22.03 14.35 39.45
N TYR C 49 23.23 14.22 40.04
CA TYR C 49 24.42 13.88 39.28
C TYR C 49 25.09 12.68 39.95
N GLY C 50 25.87 11.95 39.16
CA GLY C 50 26.49 10.74 39.68
C GLY C 50 25.51 9.69 40.12
N ALA C 51 24.29 9.72 39.57
CA ALA C 51 23.24 8.74 39.82
C ALA C 51 22.74 8.73 41.27
N SER C 52 23.46 9.39 42.18
CA SER C 52 23.12 9.32 43.60
C SER C 52 23.39 10.60 44.38
N SER C 53 24.22 11.51 43.89
CA SER C 53 24.49 12.76 44.58
C SER C 53 23.50 13.83 44.17
N ARG C 54 23.02 14.59 45.15
CA ARG C 54 22.00 15.60 44.93
C ARG C 54 22.66 16.95 44.62
N ALA C 55 22.15 17.64 43.60
CA ALA C 55 22.66 18.95 43.24
C ALA C 55 22.30 19.97 44.32
N THR C 56 23.02 21.09 44.32
CA THR C 56 22.80 22.12 45.32
C THR C 56 21.44 22.77 45.14
N GLY C 57 20.75 23.02 46.26
CA GLY C 57 19.44 23.63 46.23
C GLY C 57 18.28 22.68 46.02
N ILE C 58 18.55 21.38 45.88
CA ILE C 58 17.50 20.40 45.60
C ILE C 58 17.00 19.81 46.91
N PRO C 59 15.70 19.79 47.16
CA PRO C 59 15.18 19.26 48.42
C PRO C 59 15.44 17.78 48.57
N ASP C 60 15.40 17.31 49.82
CA ASP C 60 15.77 15.94 50.15
C ASP C 60 14.78 14.91 49.64
N ARG C 61 13.59 15.32 49.20
CA ARG C 61 12.60 14.37 48.71
C ARG C 61 12.97 13.75 47.38
N PHE C 62 13.97 14.29 46.68
CA PHE C 62 14.48 13.71 45.45
C PHE C 62 15.60 12.75 45.80
N SER C 63 15.54 11.53 45.26
CA SER C 63 16.60 10.56 45.54
C SER C 63 16.91 9.76 44.29
N GLY C 64 18.19 9.43 44.13
CA GLY C 64 18.66 8.66 42.99
C GLY C 64 19.25 7.34 43.44
N SER C 65 19.05 6.32 42.60
CA SER C 65 19.54 4.98 42.91
C SER C 65 19.83 4.27 41.60
N GLY C 66 20.57 3.17 41.71
CA GLY C 66 20.84 2.30 40.58
C GLY C 66 22.32 2.28 40.23
N SER C 67 22.62 1.47 39.23
CA SER C 67 23.95 1.41 38.63
C SER C 67 23.86 0.50 37.40
N GLY C 68 25.02 0.25 36.81
CA GLY C 68 25.07 -0.54 35.59
C GLY C 68 24.13 -0.08 34.50
N THR C 69 23.02 -0.80 34.36
CA THR C 69 22.02 -0.51 33.36
C THR C 69 20.68 -0.06 33.92
N ASP C 70 20.47 -0.14 35.24
CA ASP C 70 19.18 0.15 35.85
C ASP C 70 19.31 1.31 36.82
N PHE C 71 18.49 2.35 36.63
CA PHE C 71 18.53 3.52 37.50
C PHE C 71 17.11 3.92 37.85
N THR C 72 16.96 4.51 39.04
CA THR C 72 15.66 4.88 39.58
C THR C 72 15.73 6.25 40.21
N LEU C 73 14.74 7.09 39.91
CA LEU C 73 14.56 8.37 40.58
C LEU C 73 13.26 8.33 41.38
N THR C 74 13.33 8.71 42.66
CA THR C 74 12.18 8.66 43.54
C THR C 74 11.93 10.06 44.09
N ILE C 75 10.73 10.57 43.87
CA ILE C 75 10.28 11.85 44.43
C ILE C 75 9.24 11.55 45.49
N SER C 76 9.59 11.82 46.75
CA SER C 76 8.70 11.58 47.88
C SER C 76 7.91 12.85 48.19
N ARG C 77 6.75 12.67 48.82
CA ARG C 77 5.89 13.76 49.28
C ARG C 77 5.70 14.81 48.18
N LEU C 78 4.91 14.42 47.19
CA LEU C 78 4.74 15.24 45.99
C LEU C 78 4.06 16.57 46.33
N GLU C 79 4.59 17.66 45.74
CA GLU C 79 4.10 19.03 45.84
C GLU C 79 3.58 19.49 44.49
N PRO C 80 2.46 20.24 44.46
CA PRO C 80 1.81 20.59 43.18
C PRO C 80 2.72 21.27 42.15
N GLU C 81 3.92 21.66 42.56
CA GLU C 81 4.91 22.25 41.65
C GLU C 81 6.00 21.27 41.26
N ASP C 82 6.00 20.05 41.81
CA ASP C 82 7.01 19.05 41.50
C ASP C 82 6.72 18.32 40.18
N PHE C 83 5.89 18.92 39.32
CA PHE C 83 5.28 18.22 38.21
C PHE C 83 5.74 18.87 36.91
N ALA C 84 6.32 18.06 36.04
CA ALA C 84 7.21 18.50 34.98
C ALA C 84 7.62 17.27 34.19
N VAL C 85 8.54 17.41 33.24
CA VAL C 85 9.10 16.26 32.54
C VAL C 85 10.49 15.99 33.12
N TYR C 86 10.78 14.73 33.40
CA TYR C 86 12.03 14.34 34.03
C TYR C 86 12.87 13.57 33.03
N TYR C 87 14.13 13.99 32.85
CA TYR C 87 15.02 13.40 31.86
C TYR C 87 16.21 12.73 32.56
N CYS C 88 16.57 11.52 32.11
CA CYS C 88 17.84 10.92 32.47
C CYS C 88 18.86 11.15 31.35
N GLN C 89 20.11 11.42 31.75
CA GLN C 89 21.21 11.64 30.82
C GLN C 89 22.40 10.81 31.26
N GLN C 90 23.03 10.12 30.32
CA GLN C 90 24.20 9.30 30.59
C GLN C 90 25.47 9.99 30.10
N TYR C 91 26.55 9.88 30.88
CA TYR C 91 27.86 10.34 30.43
C TYR C 91 28.88 9.23 30.61
N GLY C 92 28.51 8.01 30.23
CA GLY C 92 29.46 6.93 30.13
C GLY C 92 30.35 7.09 28.91
N SER C 93 29.76 7.01 27.72
CA SER C 93 30.49 7.15 26.46
C SER C 93 29.98 8.35 25.68
N SER C 94 30.76 8.74 24.69
CA SER C 94 30.36 9.78 23.73
C SER C 94 29.68 9.14 22.53
N PRO C 95 28.61 9.75 22.00
CA PRO C 95 28.05 11.02 22.50
C PRO C 95 27.13 10.82 23.71
N ARG C 96 27.03 11.86 24.54
CA ARG C 96 26.09 11.85 25.64
C ARG C 96 24.66 11.88 25.11
N THR C 97 23.76 11.15 25.78
CA THR C 97 22.40 11.00 25.30
C THR C 97 21.40 11.13 26.43
N PHE C 98 20.19 11.58 26.08
CA PHE C 98 19.07 11.72 27.00
C PHE C 98 17.99 10.70 26.65
N GLY C 99 17.18 10.33 27.65
CA GLY C 99 15.93 9.63 27.41
C GLY C 99 14.79 10.57 26.99
N GLN C 100 13.74 9.99 26.41
CA GLN C 100 12.61 10.85 26.04
C GLN C 100 11.93 11.51 27.23
N GLY C 101 12.14 11.03 28.45
CA GLY C 101 11.47 11.75 29.49
C GLY C 101 10.26 11.02 30.03
N THR C 102 9.90 11.33 31.27
CA THR C 102 8.69 10.85 31.91
C THR C 102 7.90 12.06 32.37
N LYS C 103 6.72 12.26 31.80
CA LYS C 103 5.85 13.36 32.17
C LYS C 103 4.99 12.94 33.36
N LEU C 104 4.94 13.80 34.36
CA LEU C 104 4.33 13.45 35.64
C LEU C 104 3.22 14.45 35.92
N GLU C 105 1.98 14.01 35.76
CA GLU C 105 0.94 14.95 36.13
C GLU C 105 0.40 14.58 37.52
N ILE C 106 -0.34 15.52 38.09
CA ILE C 106 -0.84 15.41 39.45
C ILE C 106 -2.28 14.92 39.41
N LYS C 107 -2.68 14.11 40.38
CA LYS C 107 -4.03 13.58 40.46
C LYS C 107 -4.81 14.49 41.40
N ARG C 108 -6.04 14.84 41.01
CA ARG C 108 -6.88 15.69 41.86
C ARG C 108 -8.32 15.23 41.70
N THR C 109 -9.20 15.80 42.53
CA THR C 109 -10.62 15.46 42.46
C THR C 109 -11.20 15.94 41.13
N VAL C 110 -12.22 15.22 40.66
CA VAL C 110 -12.81 15.55 39.37
C VAL C 110 -13.47 16.93 39.44
N ALA C 111 -13.17 17.77 38.47
CA ALA C 111 -13.71 19.12 38.39
C ALA C 111 -14.40 19.31 37.05
N ALA C 112 -15.67 19.71 37.10
CA ALA C 112 -16.43 19.92 35.89
C ALA C 112 -15.95 21.18 35.17
N PRO C 113 -15.95 21.19 33.84
CA PRO C 113 -15.57 22.41 33.12
C PRO C 113 -16.69 23.43 33.17
N SER C 114 -16.29 24.70 33.11
CA SER C 114 -17.22 25.79 32.88
C SER C 114 -17.12 26.18 31.41
N VAL C 115 -18.25 26.21 30.71
CA VAL C 115 -18.28 26.31 29.26
C VAL C 115 -18.75 27.70 28.86
N PHE C 116 -17.99 28.34 27.97
CA PHE C 116 -18.34 29.64 27.42
C PHE C 116 -18.22 29.60 25.90
N ILE C 117 -19.03 30.40 25.23
CA ILE C 117 -19.02 30.47 23.77
C ILE C 117 -18.87 31.93 23.35
N PHE C 118 -18.03 32.16 22.34
CA PHE C 118 -17.72 33.48 21.84
C PHE C 118 -18.00 33.53 20.35
N PRO C 119 -18.95 34.37 19.92
CA PRO C 119 -19.22 34.54 18.49
C PRO C 119 -18.11 35.32 17.81
N PRO C 120 -18.06 35.30 16.48
CA PRO C 120 -17.00 36.05 15.78
C PRO C 120 -17.21 37.55 15.92
N SER C 121 -16.09 38.26 16.07
CA SER C 121 -16.11 39.71 16.08
C SER C 121 -16.71 40.26 14.79
N ASP C 122 -17.34 41.44 14.91
CA ASP C 122 -17.72 42.21 13.73
C ASP C 122 -16.49 42.64 12.94
N GLU C 123 -15.40 42.96 13.64
CA GLU C 123 -14.18 43.43 12.96
C GLU C 123 -13.58 42.33 12.10
N GLN C 124 -13.50 41.10 12.62
CA GLN C 124 -13.04 39.99 11.79
C GLN C 124 -14.07 39.64 10.74
N LEU C 125 -15.36 39.82 11.04
CA LEU C 125 -16.38 39.49 10.06
C LEU C 125 -16.29 40.37 8.82
N LYS C 126 -15.89 41.63 8.97
CA LYS C 126 -15.67 42.44 7.76
C LYS C 126 -14.56 41.87 6.89
N SER C 127 -13.65 41.07 7.45
CA SER C 127 -12.49 40.56 6.72
C SER C 127 -12.82 39.38 5.81
N GLY C 128 -13.90 38.65 6.07
CA GLY C 128 -14.28 37.50 5.25
C GLY C 128 -14.25 36.17 5.98
N THR C 129 -13.74 36.12 7.21
CA THR C 129 -13.67 34.94 8.06
C THR C 129 -14.30 35.15 9.42
N ALA C 130 -15.04 34.13 9.85
CA ALA C 130 -15.62 34.06 11.18
C ALA C 130 -14.88 32.99 11.97
N SER C 131 -14.60 33.30 13.23
CA SER C 131 -13.99 32.36 14.15
C SER C 131 -14.88 32.24 15.38
N VAL C 132 -15.43 31.05 15.61
CA VAL C 132 -16.27 30.76 16.75
C VAL C 132 -15.39 30.07 17.79
N VAL C 133 -15.46 30.52 19.04
CA VAL C 133 -14.58 29.97 20.06
C VAL C 133 -15.43 29.36 21.16
N CYS C 134 -15.07 28.14 21.58
CA CYS C 134 -15.66 27.52 22.75
C CYS C 134 -14.56 27.29 23.77
N LEU C 135 -14.80 27.71 25.01
CA LEU C 135 -13.80 27.61 26.08
C LEU C 135 -14.33 26.72 27.19
N LEU C 136 -13.51 25.75 27.60
CA LEU C 136 -13.76 24.91 28.77
C LEU C 136 -12.74 25.31 29.82
N ASN C 137 -13.22 25.91 30.91
CA ASN C 137 -12.35 26.49 31.92
C ASN C 137 -12.34 25.61 33.16
N ASN C 138 -11.12 25.33 33.63
CA ASN C 138 -10.85 24.76 34.95
C ASN C 138 -11.61 23.44 35.16
N PHE C 139 -11.13 22.42 34.44
CA PHE C 139 -11.70 21.08 34.54
C PHE C 139 -10.60 20.05 34.78
N TYR C 140 -11.03 18.89 35.29
CA TYR C 140 -10.18 17.73 35.47
C TYR C 140 -11.08 16.51 35.46
N PRO C 141 -10.66 15.40 34.82
CA PRO C 141 -9.39 15.14 34.13
C PRO C 141 -9.32 15.73 32.72
N ARG C 142 -8.17 15.53 32.06
CA ARG C 142 -7.90 16.16 30.76
C ARG C 142 -8.85 15.70 29.67
N GLU C 143 -9.46 14.53 29.81
CA GLU C 143 -10.21 13.94 28.70
C GLU C 143 -11.56 14.63 28.62
N ALA C 144 -11.85 15.23 27.47
CA ALA C 144 -13.10 15.94 27.26
C ALA C 144 -13.46 15.84 25.79
N LYS C 145 -14.76 15.83 25.52
CA LYS C 145 -15.26 15.72 24.16
C LYS C 145 -16.00 17.01 23.82
N VAL C 146 -15.61 17.65 22.73
CA VAL C 146 -16.20 18.91 22.30
C VAL C 146 -16.71 18.72 20.89
N GLN C 147 -17.99 19.05 20.68
CA GLN C 147 -18.66 18.83 19.40
C GLN C 147 -19.28 20.14 18.96
N TRP C 148 -19.02 20.52 17.72
CA TRP C 148 -19.59 21.72 17.13
C TRP C 148 -20.85 21.31 16.39
N LYS C 149 -21.97 21.94 16.71
CA LYS C 149 -23.21 21.66 16.00
C LYS C 149 -23.83 22.97 15.55
N VAL C 150 -24.06 23.07 14.26
CA VAL C 150 -24.56 24.27 13.60
C VAL C 150 -25.96 23.94 13.10
N ASP C 151 -26.96 24.58 13.71
CA ASP C 151 -28.36 24.24 13.48
C ASP C 151 -28.57 22.74 13.73
N ASN C 152 -27.97 22.25 14.81
CA ASN C 152 -27.98 20.86 15.23
C ASN C 152 -27.37 19.92 14.21
N ALA C 153 -26.57 20.45 13.27
CA ALA C 153 -25.85 19.64 12.31
C ALA C 153 -24.40 19.54 12.76
N LEU C 154 -23.90 18.32 12.94
CA LEU C 154 -22.56 18.14 13.46
C LEU C 154 -21.52 18.53 12.41
N GLN C 155 -20.61 19.43 12.80
CA GLN C 155 -19.56 19.91 11.91
C GLN C 155 -18.29 19.10 12.12
N SER C 156 -17.48 19.01 11.07
CA SER C 156 -16.25 18.22 11.12
C SER C 156 -15.19 18.80 10.22
N GLY C 157 -13.95 18.82 10.72
CA GLY C 157 -12.79 19.17 9.93
C GLY C 157 -12.45 20.64 9.87
N ASN C 158 -13.22 21.51 10.53
CA ASN C 158 -12.97 22.95 10.48
C ASN C 158 -12.77 23.53 11.88
N SER C 159 -12.35 22.69 12.83
CA SER C 159 -12.13 23.11 14.21
C SER C 159 -10.74 22.67 14.65
N GLN C 160 -10.16 23.44 15.55
CA GLN C 160 -8.88 23.11 16.15
C GLN C 160 -8.95 23.31 17.66
N GLU C 161 -8.31 22.41 18.41
CA GLU C 161 -8.32 22.43 19.86
C GLU C 161 -6.92 22.71 20.40
N SER C 162 -6.90 23.37 21.56
CA SER C 162 -5.68 23.70 22.27
C SER C 162 -5.93 23.53 23.76
N VAL C 163 -5.00 22.89 24.47
CA VAL C 163 -5.16 22.63 25.89
C VAL C 163 -3.99 23.25 26.64
N THR C 164 -4.29 23.89 27.76
CA THR C 164 -3.22 24.40 28.59
C THR C 164 -2.57 23.26 29.36
N GLU C 165 -1.37 23.52 29.85
CA GLU C 165 -0.80 22.60 30.81
C GLU C 165 -1.44 22.84 32.17
N GLN C 166 -1.20 21.92 33.10
CA GLN C 166 -1.87 21.96 34.38
C GLN C 166 -1.62 23.27 35.10
N ASP C 167 -2.69 23.91 35.56
CA ASP C 167 -2.52 25.07 36.41
C ASP C 167 -1.76 24.62 37.65
N SER C 168 -0.77 25.40 38.06
CA SER C 168 0.17 24.87 39.04
C SER C 168 -0.28 25.08 40.48
N LYS C 169 -1.44 25.69 40.75
CA LYS C 169 -1.95 25.70 42.12
C LYS C 169 -3.20 24.86 42.28
N ASP C 170 -4.16 24.93 41.35
CA ASP C 170 -5.38 24.15 41.48
C ASP C 170 -5.45 22.97 40.50
N SER C 171 -4.39 22.75 39.72
CA SER C 171 -4.21 21.53 38.91
C SER C 171 -5.34 21.27 37.93
N THR C 172 -5.96 22.30 37.39
CA THR C 172 -7.01 22.07 36.41
C THR C 172 -6.45 22.27 35.00
N TYR C 173 -7.23 21.86 34.02
CA TYR C 173 -6.93 22.11 32.63
C TYR C 173 -7.96 23.09 32.08
N SER C 174 -7.63 23.69 30.96
CA SER C 174 -8.60 24.46 30.19
C SER C 174 -8.31 24.26 28.71
N LEU C 175 -9.36 24.36 27.92
CA LEU C 175 -9.34 23.94 26.53
C LEU C 175 -10.06 24.96 25.68
N SER C 176 -9.55 25.17 24.48
CA SER C 176 -10.16 26.09 23.51
C SER C 176 -10.39 25.31 22.22
N SER C 177 -11.62 25.32 21.73
CA SER C 177 -11.92 24.77 20.42
C SER C 177 -12.44 25.89 19.54
N THR C 178 -11.70 26.18 18.47
CA THR C 178 -12.06 27.26 17.54
C THR C 178 -12.52 26.67 16.22
N LEU C 179 -13.72 27.07 15.79
CA LEU C 179 -14.33 26.69 14.53
C LEU C 179 -14.18 27.85 13.56
N THR C 180 -13.47 27.63 12.46
CA THR C 180 -13.16 28.69 11.51
C THR C 180 -13.97 28.47 10.23
N LEU C 181 -14.58 29.55 9.73
CA LEU C 181 -15.46 29.47 8.57
C LEU C 181 -15.27 30.70 7.71
N SER C 182 -15.62 30.58 6.43
CA SER C 182 -15.82 31.75 5.60
C SER C 182 -17.00 32.56 6.12
N LYS C 183 -17.09 33.83 5.71
CA LYS C 183 -18.25 34.61 6.10
C LYS C 183 -19.49 34.17 5.34
N ALA C 184 -19.33 33.69 4.11
CA ALA C 184 -20.46 33.16 3.37
C ALA C 184 -21.02 31.93 4.06
N ASP C 185 -20.16 30.96 4.39
CA ASP C 185 -20.60 29.79 5.12
C ASP C 185 -21.13 30.13 6.50
N TYR C 186 -20.57 31.17 7.14
CA TYR C 186 -21.04 31.54 8.47
C TYR C 186 -22.45 32.12 8.44
N GLU C 187 -22.76 32.91 7.42
CA GLU C 187 -24.09 33.51 7.29
C GLU C 187 -25.07 32.60 6.57
N LYS C 188 -24.78 31.31 6.49
CA LYS C 188 -25.69 30.34 5.92
C LYS C 188 -26.39 29.50 6.98
N HIS C 189 -26.14 29.80 8.25
CA HIS C 189 -26.78 29.10 9.36
C HIS C 189 -27.09 30.10 10.48
N LYS C 190 -27.94 29.68 11.41
CA LYS C 190 -28.47 30.55 12.44
C LYS C 190 -27.93 30.23 13.82
N VAL C 191 -28.03 28.98 14.26
CA VAL C 191 -27.65 28.56 15.61
C VAL C 191 -26.26 27.95 15.57
N TYR C 192 -25.39 28.39 16.47
CA TYR C 192 -24.05 27.83 16.62
C TYR C 192 -23.92 27.35 18.06
N ALA C 193 -23.70 26.05 18.24
CA ALA C 193 -23.71 25.45 19.55
C ALA C 193 -22.46 24.61 19.77
N CYS C 194 -22.00 24.62 21.01
CA CYS C 194 -20.84 23.87 21.46
C CYS C 194 -21.30 22.91 22.55
N GLU C 195 -21.17 21.61 22.29
CA GLU C 195 -21.59 20.57 23.22
C GLU C 195 -20.38 19.91 23.85
N VAL C 196 -20.38 19.80 25.17
CA VAL C 196 -19.25 19.32 25.95
C VAL C 196 -19.67 18.08 26.72
N THR C 197 -18.92 17.01 26.56
CA THR C 197 -19.05 15.80 27.37
C THR C 197 -17.80 15.66 28.23
N HIS C 198 -18.01 15.50 29.54
CA HIS C 198 -16.91 15.36 30.48
C HIS C 198 -17.39 14.49 31.63
N GLN C 199 -16.43 13.88 32.34
CA GLN C 199 -16.77 12.97 33.42
C GLN C 199 -17.46 13.70 34.57
N GLY C 200 -17.09 14.96 34.81
CA GLY C 200 -17.67 15.71 35.90
C GLY C 200 -19.05 16.25 35.65
N LEU C 201 -19.60 16.03 34.45
CA LEU C 201 -20.95 16.47 34.11
C LEU C 201 -21.86 15.27 33.98
N SER C 202 -23.03 15.33 34.63
CA SER C 202 -23.98 14.23 34.55
C SER C 202 -24.47 14.02 33.12
N SER C 203 -24.70 15.10 32.40
CA SER C 203 -25.11 15.06 31.00
C SER C 203 -24.39 16.19 30.26
N PRO C 204 -24.29 16.10 28.93
CA PRO C 204 -23.50 17.09 28.19
C PRO C 204 -24.03 18.50 28.34
N VAL C 205 -23.11 19.46 28.36
CA VAL C 205 -23.42 20.87 28.53
C VAL C 205 -23.35 21.54 27.16
N THR C 206 -24.41 22.24 26.77
CA THR C 206 -24.47 22.88 25.47
C THR C 206 -24.58 24.40 25.65
N LYS C 207 -23.66 25.12 25.04
CA LYS C 207 -23.68 26.58 25.02
C LYS C 207 -23.84 27.05 23.58
N SER C 208 -24.88 27.83 23.31
CA SER C 208 -25.24 28.18 21.94
C SER C 208 -25.50 29.67 21.82
N PHE C 209 -25.45 30.17 20.58
CA PHE C 209 -25.90 31.52 20.28
C PHE C 209 -26.53 31.55 18.88
N ASN C 210 -27.31 32.60 18.64
CA ASN C 210 -27.95 32.82 17.36
C ASN C 210 -27.30 34.01 16.66
N ARG C 211 -27.04 33.86 15.36
CA ARG C 211 -26.34 34.88 14.59
C ARG C 211 -27.11 36.19 14.55
N GLN D 1 59.59 -10.38 7.04
CA GLN D 1 58.97 -9.60 5.97
C GLN D 1 57.50 -10.00 5.79
N MET D 2 56.69 -9.04 5.34
CA MET D 2 55.24 -9.14 5.30
C MET D 2 54.78 -9.20 3.84
N GLN D 3 53.61 -9.77 3.60
CA GLN D 3 53.16 -10.09 2.26
C GLN D 3 51.70 -9.68 2.08
N LEU D 4 51.42 -8.95 0.99
CA LEU D 4 50.06 -8.55 0.64
C LEU D 4 49.57 -9.31 -0.58
N VAL D 5 48.27 -9.64 -0.59
CA VAL D 5 47.63 -10.27 -1.74
C VAL D 5 46.31 -9.56 -1.99
N GLN D 6 46.01 -9.28 -3.26
CA GLN D 6 44.80 -8.53 -3.61
C GLN D 6 43.78 -9.44 -4.28
N SER D 7 42.57 -8.91 -4.45
CA SER D 7 41.49 -9.62 -5.10
C SER D 7 41.73 -9.72 -6.61
N GLY D 8 40.87 -10.46 -7.29
CA GLY D 8 41.00 -10.68 -8.71
C GLY D 8 40.48 -9.55 -9.57
N THR D 9 40.63 -9.74 -10.88
CA THR D 9 40.24 -8.74 -11.87
C THR D 9 38.73 -8.50 -11.87
N GLU D 10 38.34 -7.25 -12.08
CA GLU D 10 36.94 -6.87 -12.13
C GLU D 10 36.61 -6.22 -13.47
N VAL D 11 35.46 -6.58 -14.02
CA VAL D 11 34.90 -5.94 -15.21
C VAL D 11 33.46 -5.57 -14.89
N LYS D 12 33.15 -4.27 -14.96
CA LYS D 12 31.88 -3.74 -14.53
C LYS D 12 31.33 -2.76 -15.55
N LYS D 13 30.02 -2.56 -15.51
CA LYS D 13 29.34 -1.54 -16.29
C LYS D 13 29.24 -0.24 -15.51
N PRO D 14 29.18 0.90 -16.21
CA PRO D 14 29.07 2.18 -15.50
C PRO D 14 27.84 2.22 -14.59
N GLY D 15 28.00 2.84 -13.42
CA GLY D 15 26.95 2.94 -12.44
C GLY D 15 26.94 1.83 -11.39
N GLU D 16 27.64 0.73 -11.64
CA GLU D 16 27.69 -0.36 -10.68
C GLU D 16 28.52 0.02 -9.45
N SER D 17 28.35 -0.76 -8.39
CA SER D 17 29.10 -0.61 -7.16
C SER D 17 30.24 -1.63 -7.14
N LEU D 18 31.34 -1.26 -6.48
CA LEU D 18 32.51 -2.13 -6.48
C LEU D 18 33.25 -2.02 -5.15
N LYS D 19 33.79 -3.15 -4.70
CA LYS D 19 34.59 -3.21 -3.48
C LYS D 19 35.71 -4.22 -3.70
N ILE D 20 36.96 -3.76 -3.65
CA ILE D 20 38.12 -4.61 -3.88
C ILE D 20 38.88 -4.76 -2.56
N SER D 21 39.54 -5.91 -2.44
CA SER D 21 40.13 -6.40 -1.20
C SER D 21 41.65 -6.42 -1.29
N CYS D 22 42.30 -6.26 -0.14
CA CYS D 22 43.74 -6.50 0.00
C CYS D 22 43.99 -7.12 1.37
N LYS D 23 44.42 -8.37 1.39
CA LYS D 23 44.64 -9.13 2.61
C LYS D 23 46.13 -9.20 2.93
N GLY D 24 46.48 -8.96 4.18
CA GLY D 24 47.85 -8.97 4.64
C GLY D 24 48.16 -10.20 5.48
N SER D 25 49.37 -10.73 5.28
CA SER D 25 49.87 -11.93 5.94
C SER D 25 51.30 -11.64 6.38
N GLY D 26 51.74 -12.21 7.51
CA GLY D 26 53.10 -12.00 7.92
C GLY D 26 53.23 -11.68 9.40
N TYR D 27 54.44 -11.22 9.78
CA TYR D 27 54.90 -11.25 11.16
C TYR D 27 54.23 -10.21 12.04
N GLY D 28 53.88 -9.08 11.46
CA GLY D 28 53.68 -7.89 12.24
C GLY D 28 52.83 -6.94 11.45
N PHE D 29 51.79 -7.48 10.86
CA PHE D 29 50.76 -6.68 10.21
C PHE D 29 50.19 -5.65 11.18
N ILE D 30 50.40 -5.85 12.48
CA ILE D 30 49.82 -5.01 13.51
C ILE D 30 50.22 -3.54 13.31
N TRP D 31 51.46 -3.27 12.92
CA TRP D 31 51.94 -1.90 12.79
C TRP D 31 51.94 -1.40 11.36
N TYR D 32 51.37 -2.15 10.42
CA TYR D 32 51.42 -1.74 9.02
C TYR D 32 50.22 -0.88 8.68
N TRP D 33 50.49 0.27 8.06
CA TRP D 33 49.48 1.12 7.46
C TRP D 33 49.40 0.80 5.97
N ILE D 34 48.16 0.69 5.48
CA ILE D 34 47.87 0.21 4.13
C ILE D 34 47.41 1.38 3.30
N GLY D 35 48.10 1.62 2.19
CA GLY D 35 47.76 2.68 1.26
C GLY D 35 47.25 2.15 -0.06
N TRP D 36 46.55 3.00 -0.81
CA TRP D 36 45.97 2.63 -2.09
C TRP D 36 46.53 3.52 -3.20
N VAL D 37 46.94 2.91 -4.30
CA VAL D 37 47.58 3.56 -5.43
C VAL D 37 46.76 3.30 -6.68
N ARG D 38 46.42 4.36 -7.40
CA ARG D 38 45.76 4.21 -8.70
C ARG D 38 46.79 4.41 -9.81
N GLN D 39 46.69 3.58 -10.84
CA GLN D 39 47.50 3.74 -12.05
C GLN D 39 46.58 3.53 -13.25
N MET D 40 46.24 4.60 -13.93
CA MET D 40 45.43 4.48 -15.13
C MET D 40 46.31 4.02 -16.30
N PRO D 41 45.72 3.34 -17.30
CA PRO D 41 46.54 2.78 -18.39
C PRO D 41 47.47 3.78 -19.03
N GLY D 42 48.78 3.50 -18.94
CA GLY D 42 49.79 4.36 -19.52
C GLY D 42 50.18 5.56 -18.69
N LYS D 43 49.64 5.70 -17.48
CA LYS D 43 49.88 6.87 -16.64
C LYS D 43 50.72 6.48 -15.44
N GLY D 44 51.06 7.49 -14.63
CA GLY D 44 51.86 7.28 -13.45
C GLY D 44 51.03 6.88 -12.25
N LEU D 45 51.69 6.81 -11.10
CA LEU D 45 51.04 6.43 -9.85
C LEU D 45 50.39 7.64 -9.19
N GLU D 46 49.18 7.44 -8.70
CA GLU D 46 48.48 8.44 -7.91
C GLU D 46 48.14 7.85 -6.54
N TRP D 47 48.52 8.56 -5.49
CA TRP D 47 48.22 8.13 -4.13
C TRP D 47 46.79 8.49 -3.78
N MET D 48 46.00 7.49 -3.38
CA MET D 48 44.59 7.68 -3.08
C MET D 48 44.33 7.93 -1.60
N GLY D 49 44.91 7.10 -0.73
CA GLY D 49 44.67 7.25 0.69
C GLY D 49 45.36 6.16 1.47
N ILE D 50 45.17 6.21 2.79
CA ILE D 50 45.84 5.30 3.72
C ILE D 50 44.91 5.01 4.88
N ILE D 51 45.07 3.82 5.47
CA ILE D 51 44.28 3.39 6.62
C ILE D 51 45.17 2.58 7.56
N TYR D 52 44.86 2.67 8.85
CA TYR D 52 45.46 1.80 9.87
C TYR D 52 44.43 0.78 10.32
N PRO D 53 44.62 -0.51 10.02
CA PRO D 53 43.58 -1.50 10.32
C PRO D 53 43.28 -1.66 11.82
N GLY D 54 44.21 -1.30 12.69
CA GLY D 54 44.00 -1.55 14.12
C GLY D 54 42.87 -0.75 14.73
N ASP D 55 42.65 0.47 14.25
CA ASP D 55 41.57 1.30 14.76
C ASP D 55 40.79 2.02 13.66
N GLY D 56 41.11 1.79 12.39
CA GLY D 56 40.36 2.36 11.31
C GLY D 56 40.67 3.81 10.98
N GLU D 57 41.78 4.36 11.47
CA GLU D 57 42.16 5.72 11.09
C GLU D 57 42.39 5.79 9.59
N THR D 58 41.78 6.77 8.94
CA THR D 58 41.83 6.89 7.49
C THR D 58 42.20 8.31 7.09
N ARG D 59 43.07 8.42 6.09
CA ARG D 59 43.41 9.69 5.47
C ARG D 59 43.23 9.58 3.97
N TYR D 60 42.72 10.64 3.36
CA TYR D 60 42.42 10.66 1.93
C TYR D 60 43.19 11.77 1.22
N SER D 61 43.51 11.51 -0.04
CA SER D 61 43.97 12.58 -0.90
C SER D 61 42.81 13.53 -1.19
N PRO D 62 43.07 14.83 -1.28
CA PRO D 62 41.99 15.75 -1.69
C PRO D 62 41.39 15.41 -3.05
N SER D 63 42.19 14.82 -3.94
CA SER D 63 41.67 14.42 -5.25
C SER D 63 40.71 13.24 -5.14
N PHE D 64 40.85 12.42 -4.10
CA PHE D 64 40.06 11.22 -3.92
C PHE D 64 39.17 11.28 -2.69
N GLN D 65 39.12 12.43 -2.01
CA GLN D 65 38.53 12.49 -0.68
C GLN D 65 37.08 12.04 -0.71
N GLY D 66 36.29 12.64 -1.58
CA GLY D 66 34.88 12.36 -1.56
C GLY D 66 34.36 11.35 -2.52
N GLN D 67 35.16 10.71 -3.33
CA GLN D 67 34.47 9.69 -4.06
C GLN D 67 35.25 8.41 -4.28
N VAL D 68 35.92 7.98 -3.22
CA VAL D 68 36.08 6.56 -2.89
C VAL D 68 35.98 6.44 -1.37
N THR D 69 35.94 5.20 -0.89
CA THR D 69 35.90 4.96 0.54
C THR D 69 36.87 3.83 0.87
N ILE D 70 37.71 4.06 1.87
CA ILE D 70 38.72 3.11 2.30
C ILE D 70 38.31 2.57 3.66
N SER D 71 38.18 1.24 3.77
CA SER D 71 37.73 0.58 4.99
C SER D 71 38.74 -0.49 5.36
N ALA D 72 38.56 -1.07 6.56
CA ALA D 72 39.42 -2.18 6.96
C ALA D 72 38.71 -3.05 7.98
N ASP D 73 38.97 -4.35 7.90
CA ASP D 73 38.56 -5.33 8.91
C ASP D 73 39.82 -5.93 9.53
N LYS D 74 40.06 -5.60 10.80
CA LYS D 74 41.26 -6.07 11.48
C LYS D 74 41.20 -7.56 11.77
N SER D 75 40.01 -8.13 11.86
CA SER D 75 39.87 -9.53 12.25
C SER D 75 40.42 -10.46 11.16
N ILE D 76 40.36 -10.05 9.91
CA ILE D 76 40.90 -10.83 8.80
C ILE D 76 42.12 -10.17 8.18
N ASN D 77 42.61 -9.08 8.78
CA ASN D 77 43.78 -8.35 8.30
C ASN D 77 43.59 -7.88 6.86
N THR D 78 42.43 -7.27 6.60
CA THR D 78 42.09 -6.90 5.23
C THR D 78 41.73 -5.43 5.13
N ALA D 79 42.23 -4.78 4.09
CA ALA D 79 41.83 -3.43 3.72
C ALA D 79 40.93 -3.50 2.49
N TYR D 80 40.06 -2.51 2.34
CA TYR D 80 39.08 -2.49 1.27
C TYR D 80 39.03 -1.11 0.62
N LEU D 81 38.85 -1.11 -0.69
CA LEU D 81 38.64 0.10 -1.47
C LEU D 81 37.30 -0.01 -2.18
N GLN D 82 36.45 1.01 -2.04
CA GLN D 82 35.08 0.87 -2.49
C GLN D 82 34.60 2.10 -3.24
N TRP D 83 33.92 1.86 -4.36
CA TRP D 83 33.14 2.86 -5.08
C TRP D 83 31.67 2.47 -5.00
N SER D 84 30.80 3.48 -4.95
CA SER D 84 29.36 3.26 -4.98
C SER D 84 28.76 3.37 -6.36
N SER D 85 29.34 4.19 -7.24
CA SER D 85 28.90 4.27 -8.63
C SER D 85 30.14 4.50 -9.50
N LEU D 86 30.47 3.49 -10.31
CA LEU D 86 31.66 3.55 -11.14
C LEU D 86 31.40 4.35 -12.41
N LYS D 87 32.45 5.03 -12.87
CA LYS D 87 32.47 5.69 -14.16
C LYS D 87 33.51 5.01 -15.04
N ALA D 88 33.48 5.32 -16.33
CA ALA D 88 34.53 4.82 -17.21
C ALA D 88 35.89 5.40 -16.82
N SER D 89 35.90 6.61 -16.24
CA SER D 89 37.10 7.20 -15.67
C SER D 89 37.86 6.24 -14.77
N ASP D 90 37.17 5.34 -14.06
CA ASP D 90 37.77 4.56 -13.01
C ASP D 90 38.52 3.33 -13.52
N THR D 91 38.59 3.13 -14.83
CA THR D 91 39.36 2.04 -15.43
C THR D 91 40.85 2.20 -15.13
N ALA D 92 41.43 1.27 -14.37
CA ALA D 92 42.82 1.41 -13.95
C ALA D 92 43.26 0.14 -13.23
N ILE D 93 44.52 0.09 -12.86
CA ILE D 93 45.03 -0.91 -11.93
C ILE D 93 45.18 -0.27 -10.56
N TYR D 94 44.70 -0.95 -9.53
CA TYR D 94 44.73 -0.43 -8.16
C TYR D 94 45.64 -1.30 -7.32
N TYR D 95 46.69 -0.68 -6.76
CA TYR D 95 47.68 -1.36 -5.95
C TYR D 95 47.44 -1.08 -4.48
N CYS D 96 47.48 -2.13 -3.66
CA CYS D 96 47.51 -1.97 -2.22
C CYS D 96 48.96 -2.09 -1.76
N ALA D 97 49.43 -1.11 -1.01
CA ALA D 97 50.80 -1.10 -0.51
C ALA D 97 50.79 -0.94 1.01
N GLY D 98 51.93 -1.24 1.62
CA GLY D 98 52.04 -1.20 3.06
C GLY D 98 53.37 -0.68 3.55
N GLY D 99 53.28 0.23 4.52
CA GLY D 99 54.45 0.75 5.19
C GLY D 99 54.28 0.67 6.69
N GLY D 100 55.41 0.52 7.38
CA GLY D 100 55.37 0.27 8.81
C GLY D 100 55.08 1.49 9.69
N GLY D 101 54.18 2.34 9.25
CA GLY D 101 53.83 3.53 10.03
C GLY D 101 53.52 4.69 9.12
N ILE D 102 52.98 5.75 9.73
CA ILE D 102 52.77 7.00 8.99
C ILE D 102 54.12 7.65 8.73
N SER D 103 54.18 8.43 7.65
CA SER D 103 55.43 8.98 7.13
C SER D 103 56.53 7.92 7.13
N THR D 104 56.25 6.81 6.48
CA THR D 104 57.21 5.76 6.18
C THR D 104 57.06 5.35 4.73
N PRO D 105 58.12 4.84 4.10
CA PRO D 105 57.99 4.36 2.72
C PRO D 105 57.16 3.09 2.67
N MET D 106 56.76 2.72 1.46
CA MET D 106 55.92 1.54 1.25
C MET D 106 56.84 0.38 0.86
N ASP D 107 57.25 -0.39 1.86
CA ASP D 107 58.08 -1.56 1.62
C ASP D 107 57.30 -2.65 0.89
N VAL D 108 56.09 -2.96 1.35
CA VAL D 108 55.36 -4.13 0.85
C VAL D 108 54.36 -3.68 -0.20
N TRP D 109 54.23 -4.44 -1.28
CA TRP D 109 53.28 -4.14 -2.34
C TRP D 109 52.47 -5.38 -2.71
N GLY D 110 51.19 -5.17 -3.00
CA GLY D 110 50.37 -6.23 -3.57
C GLY D 110 50.58 -6.34 -5.07
N GLN D 111 50.07 -7.43 -5.64
CA GLN D 111 50.23 -7.69 -7.07
C GLN D 111 49.38 -6.78 -7.94
N GLY D 112 48.40 -6.09 -7.38
CA GLY D 112 47.53 -5.20 -8.13
C GLY D 112 46.21 -5.85 -8.49
N THR D 113 45.18 -5.02 -8.64
CA THR D 113 43.86 -5.45 -9.06
C THR D 113 43.45 -4.61 -10.26
N THR D 114 43.23 -5.27 -11.40
CA THR D 114 42.83 -4.58 -12.62
C THR D 114 41.31 -4.41 -12.65
N VAL D 115 40.86 -3.17 -12.86
CA VAL D 115 39.45 -2.82 -12.89
C VAL D 115 39.15 -2.19 -14.24
N THR D 116 38.25 -2.81 -14.99
CA THR D 116 37.79 -2.30 -16.27
C THR D 116 36.31 -1.95 -16.15
N VAL D 117 35.98 -0.67 -16.33
CA VAL D 117 34.61 -0.20 -16.26
C VAL D 117 34.22 0.29 -17.65
N SER D 118 33.31 -0.42 -18.30
CA SER D 118 32.96 -0.13 -19.68
C SER D 118 31.49 -0.49 -19.91
N SER D 119 30.87 0.25 -20.82
CA SER D 119 29.50 -0.05 -21.22
C SER D 119 29.40 -1.30 -22.10
N ALA D 120 30.53 -1.77 -22.64
CA ALA D 120 30.52 -2.95 -23.49
C ALA D 120 30.24 -4.21 -22.67
N SER D 121 29.90 -5.28 -23.37
CA SER D 121 29.68 -6.58 -22.75
C SER D 121 30.54 -7.62 -23.46
N THR D 122 30.60 -8.82 -22.88
CA THR D 122 31.61 -9.79 -23.28
C THR D 122 31.37 -10.25 -24.70
N LYS D 123 32.44 -10.25 -25.50
CA LYS D 123 32.38 -10.72 -26.88
C LYS D 123 33.68 -11.42 -27.22
N GLY D 124 33.56 -12.59 -27.85
CA GLY D 124 34.72 -13.33 -28.28
C GLY D 124 35.40 -12.66 -29.46
N PRO D 125 36.69 -12.88 -29.62
CA PRO D 125 37.41 -12.28 -30.73
C PRO D 125 37.14 -12.99 -32.05
N SER D 126 37.40 -12.27 -33.13
CA SER D 126 37.47 -12.86 -34.47
C SER D 126 38.91 -12.84 -34.91
N VAL D 127 39.39 -13.95 -35.46
CA VAL D 127 40.81 -14.14 -35.75
C VAL D 127 40.98 -14.28 -37.25
N PHE D 128 41.85 -13.44 -37.81
CA PHE D 128 42.12 -13.43 -39.23
C PHE D 128 43.62 -13.60 -39.47
N PRO D 129 44.00 -14.20 -40.60
CA PRO D 129 45.43 -14.37 -40.88
C PRO D 129 46.04 -13.15 -41.53
N LEU D 130 47.28 -12.86 -41.14
CA LEU D 130 48.13 -11.91 -41.83
C LEU D 130 49.11 -12.78 -42.60
N ALA D 131 48.72 -13.11 -43.84
CA ALA D 131 49.41 -14.10 -44.62
C ALA D 131 50.76 -13.58 -45.09
N PRO D 132 51.74 -14.46 -45.28
CA PRO D 132 53.01 -14.02 -45.85
C PRO D 132 52.77 -13.47 -47.25
N SER D 133 53.45 -12.38 -47.56
CA SER D 133 53.39 -11.78 -48.88
C SER D 133 53.83 -12.81 -49.93
N SER D 134 53.50 -12.51 -51.20
CA SER D 134 53.77 -13.50 -52.25
C SER D 134 55.24 -13.60 -52.60
N LYS D 135 56.12 -12.75 -52.07
CA LYS D 135 57.52 -13.12 -51.93
C LYS D 135 57.64 -14.04 -50.73
N SER D 136 58.28 -15.19 -50.92
CA SER D 136 58.29 -16.26 -49.94
C SER D 136 58.72 -15.81 -48.54
N GLY D 140 64.24 -15.23 -48.17
CA GLY D 140 65.09 -15.48 -47.01
C GLY D 140 64.44 -15.32 -45.64
N THR D 141 63.86 -14.15 -45.40
CA THR D 141 63.06 -13.90 -44.20
C THR D 141 61.66 -13.52 -44.62
N ALA D 142 60.68 -14.03 -43.88
CA ALA D 142 59.28 -13.73 -44.11
C ALA D 142 58.61 -13.39 -42.77
N ALA D 143 57.54 -12.62 -42.85
CA ALA D 143 56.77 -12.23 -41.68
C ALA D 143 55.33 -12.68 -41.87
N LEU D 144 54.74 -13.28 -40.84
CA LEU D 144 53.34 -13.68 -40.88
C LEU D 144 52.72 -13.37 -39.53
N GLY D 145 51.41 -13.49 -39.43
CA GLY D 145 50.82 -13.16 -38.14
C GLY D 145 49.33 -13.43 -38.07
N CYS D 146 48.78 -13.04 -36.92
CA CYS D 146 47.36 -13.18 -36.62
C CYS D 146 46.80 -11.85 -36.15
N LEU D 147 45.63 -11.50 -36.67
CA LEU D 147 44.88 -10.33 -36.27
C LEU D 147 43.71 -10.78 -35.41
N VAL D 148 43.68 -10.35 -34.15
CA VAL D 148 42.67 -10.72 -33.17
C VAL D 148 41.82 -9.48 -32.93
N LYS D 149 40.63 -9.42 -33.52
CA LYS D 149 39.85 -8.19 -33.57
C LYS D 149 38.52 -8.35 -32.82
N ASP D 150 38.07 -7.26 -32.20
CA ASP D 150 36.70 -7.12 -31.70
C ASP D 150 36.42 -8.11 -30.57
N TYR D 151 37.15 -7.94 -29.47
CA TYR D 151 36.93 -8.75 -28.28
C TYR D 151 36.85 -7.87 -27.05
N PHE D 152 36.19 -8.40 -26.02
CA PHE D 152 36.02 -7.70 -24.75
C PHE D 152 35.64 -8.73 -23.70
N PRO D 153 36.19 -8.65 -22.48
CA PRO D 153 37.24 -7.69 -22.11
C PRO D 153 38.63 -8.29 -22.26
N GLU D 154 39.62 -7.61 -21.70
CA GLU D 154 40.96 -8.16 -21.63
C GLU D 154 40.98 -9.30 -20.61
N PRO D 155 41.93 -10.23 -20.73
CA PRO D 155 42.94 -10.32 -21.79
C PRO D 155 42.75 -11.51 -22.71
N VAL D 156 43.58 -11.60 -23.75
CA VAL D 156 43.67 -12.79 -24.58
C VAL D 156 45.11 -13.26 -24.56
N THR D 157 45.30 -14.56 -24.75
CA THR D 157 46.62 -15.16 -24.84
C THR D 157 46.81 -15.69 -26.25
N VAL D 158 47.97 -15.40 -26.86
CA VAL D 158 48.29 -15.85 -28.20
C VAL D 158 49.57 -16.67 -28.15
N SER D 159 49.51 -17.89 -28.69
CA SER D 159 50.67 -18.76 -28.80
C SER D 159 50.81 -19.18 -30.25
N TRP D 160 51.99 -19.67 -30.60
CA TRP D 160 52.25 -20.17 -31.95
C TRP D 160 52.73 -21.62 -31.89
N ASN D 161 52.13 -22.47 -32.72
CA ASN D 161 52.45 -23.90 -32.77
C ASN D 161 52.29 -24.55 -31.40
N SER D 162 51.15 -24.25 -30.77
CA SER D 162 50.80 -24.75 -29.43
C SER D 162 51.94 -24.49 -28.43
N GLY D 163 52.49 -23.28 -28.47
CA GLY D 163 53.49 -22.87 -27.50
C GLY D 163 54.91 -23.20 -27.87
N ALA D 164 55.14 -23.87 -29.00
CA ALA D 164 56.50 -24.25 -29.39
C ALA D 164 57.27 -23.09 -30.00
N LEU D 165 56.59 -22.20 -30.72
CA LEU D 165 57.25 -21.08 -31.41
C LEU D 165 57.28 -19.88 -30.48
N THR D 166 58.47 -19.46 -30.09
CA THR D 166 58.61 -18.28 -29.24
C THR D 166 59.59 -17.25 -29.80
N SER D 167 60.74 -17.70 -30.30
CA SER D 167 61.73 -16.76 -30.84
C SER D 167 61.17 -16.03 -32.04
N GLY D 168 61.38 -14.71 -32.08
CA GLY D 168 60.90 -13.88 -33.16
C GLY D 168 59.45 -13.48 -33.06
N VAL D 169 58.75 -13.88 -32.00
CA VAL D 169 57.33 -13.61 -31.84
C VAL D 169 57.16 -12.27 -31.14
N HIS D 170 56.32 -11.41 -31.71
CA HIS D 170 55.96 -10.13 -31.12
C HIS D 170 54.45 -10.04 -31.07
N THR D 171 53.89 -10.15 -29.86
CA THR D 171 52.46 -9.96 -29.62
C THR D 171 52.27 -8.55 -29.08
N PHE D 172 51.62 -7.70 -29.87
CA PHE D 172 51.52 -6.29 -29.53
C PHE D 172 50.51 -6.08 -28.42
N PRO D 173 50.67 -5.01 -27.62
CA PRO D 173 49.67 -4.69 -26.62
C PRO D 173 48.33 -4.38 -27.28
N ALA D 174 47.25 -4.75 -26.58
CA ALA D 174 45.92 -4.50 -27.10
C ALA D 174 45.64 -3.01 -27.20
N VAL D 175 44.78 -2.65 -28.15
CA VAL D 175 44.35 -1.27 -28.34
C VAL D 175 42.83 -1.22 -28.17
N LEU D 176 42.36 -0.13 -27.56
CA LEU D 176 40.93 0.07 -27.34
C LEU D 176 40.36 0.87 -28.51
N GLN D 177 39.49 0.24 -29.28
CA GLN D 177 38.83 0.94 -30.38
C GLN D 177 37.71 1.84 -29.85
N SER D 178 37.25 2.74 -30.71
CA SER D 178 36.11 3.59 -30.36
C SER D 178 34.82 2.79 -30.25
N SER D 179 34.80 1.57 -30.78
CA SER D 179 33.65 0.68 -30.60
C SER D 179 33.49 0.20 -29.18
N GLY D 180 34.51 0.36 -28.34
CA GLY D 180 34.51 -0.23 -27.01
C GLY D 180 35.09 -1.62 -26.94
N LEU D 181 35.47 -2.21 -28.06
CA LEU D 181 36.09 -3.52 -28.11
C LEU D 181 37.60 -3.37 -28.33
N TYR D 182 38.32 -4.47 -28.10
CA TYR D 182 39.77 -4.49 -28.19
C TYR D 182 40.22 -5.21 -29.44
N SER D 183 41.40 -4.85 -29.92
CA SER D 183 42.04 -5.54 -31.03
C SER D 183 43.53 -5.64 -30.77
N LEU D 184 44.14 -6.62 -31.43
CA LEU D 184 45.46 -7.11 -31.10
C LEU D 184 46.02 -7.76 -32.36
N SER D 185 47.34 -7.83 -32.42
CA SER D 185 47.97 -8.61 -33.49
C SER D 185 49.24 -9.24 -32.94
N SER D 186 49.54 -10.44 -33.42
CA SER D 186 50.76 -11.15 -33.05
C SER D 186 51.45 -11.57 -34.33
N VAL D 187 52.72 -11.21 -34.47
CA VAL D 187 53.46 -11.49 -35.69
C VAL D 187 54.70 -12.29 -35.34
N VAL D 188 55.21 -13.00 -36.33
CA VAL D 188 56.40 -13.81 -36.17
C VAL D 188 57.19 -13.76 -37.47
N THR D 189 58.51 -13.65 -37.34
CA THR D 189 59.43 -13.71 -38.46
C THR D 189 60.01 -15.11 -38.52
N VAL D 190 60.00 -15.70 -39.71
CA VAL D 190 60.49 -17.06 -39.92
C VAL D 190 61.29 -17.10 -41.20
N PRO D 191 62.19 -18.07 -41.34
CA PRO D 191 62.83 -18.27 -42.64
C PRO D 191 61.78 -18.58 -43.71
N SER D 192 62.10 -18.24 -44.95
CA SER D 192 61.18 -18.52 -46.03
C SER D 192 61.46 -19.85 -46.69
N SER D 193 62.58 -20.50 -46.33
CA SER D 193 62.71 -21.94 -46.54
C SER D 193 61.51 -22.71 -46.01
N SER D 194 61.21 -22.52 -44.73
CA SER D 194 60.05 -23.09 -44.04
C SER D 194 58.71 -23.04 -44.76
N LEU D 195 58.44 -21.96 -45.51
CA LEU D 195 57.06 -21.61 -45.83
C LEU D 195 56.33 -22.73 -46.55
N GLY D 196 57.01 -23.41 -47.48
CA GLY D 196 56.38 -24.54 -48.16
C GLY D 196 56.32 -25.78 -47.31
N THR D 197 57.25 -25.93 -46.36
CA THR D 197 57.36 -27.14 -45.55
C THR D 197 56.49 -27.11 -44.30
N GLN D 198 56.67 -26.08 -43.47
CA GLN D 198 56.09 -26.08 -42.13
C GLN D 198 54.81 -25.23 -42.08
N THR D 199 53.82 -25.73 -41.33
CA THR D 199 52.51 -25.11 -41.21
C THR D 199 52.45 -24.33 -39.90
N TYR D 200 52.10 -23.05 -39.98
CA TYR D 200 52.16 -22.13 -38.84
C TYR D 200 50.75 -21.84 -38.36
N ILE D 201 50.42 -22.34 -37.16
CA ILE D 201 49.12 -22.17 -36.53
C ILE D 201 49.26 -21.25 -35.33
N CYS D 202 48.36 -20.28 -35.23
CA CYS D 202 48.31 -19.42 -34.05
C CYS D 202 47.07 -19.77 -33.23
N ASN D 203 47.26 -19.85 -31.91
CA ASN D 203 46.22 -20.23 -30.96
C ASN D 203 45.86 -19.02 -30.13
N VAL D 204 44.59 -18.64 -30.16
CA VAL D 204 44.07 -17.46 -29.47
C VAL D 204 43.09 -17.95 -28.42
N ASN D 205 43.30 -17.53 -27.18
CA ASN D 205 42.46 -17.91 -26.06
C ASN D 205 41.91 -16.67 -25.38
N HIS D 206 40.59 -16.61 -25.26
CA HIS D 206 39.88 -15.54 -24.56
C HIS D 206 39.04 -16.22 -23.48
N LYS D 207 39.59 -16.27 -22.26
CA LYS D 207 38.89 -16.91 -21.15
C LYS D 207 37.57 -16.25 -20.79
N PRO D 208 37.42 -14.91 -20.79
CA PRO D 208 36.12 -14.33 -20.39
C PRO D 208 34.93 -14.82 -21.23
N SER D 209 35.12 -15.07 -22.52
CA SER D 209 34.07 -15.56 -23.38
C SER D 209 34.19 -17.04 -23.69
N ASN D 210 35.15 -17.73 -23.07
CA ASN D 210 35.40 -19.14 -23.31
C ASN D 210 35.63 -19.43 -24.80
N THR D 211 36.43 -18.58 -25.44
CA THR D 211 36.69 -18.69 -26.87
C THR D 211 38.11 -19.20 -27.08
N LYS D 212 38.24 -20.28 -27.86
CA LYS D 212 39.54 -20.80 -28.27
C LYS D 212 39.53 -21.00 -29.76
N VAL D 213 40.47 -20.37 -30.46
CA VAL D 213 40.49 -20.38 -31.92
C VAL D 213 41.91 -20.73 -32.38
N ASP D 214 42.01 -21.71 -33.26
CA ASP D 214 43.27 -22.05 -33.91
C ASP D 214 43.15 -21.67 -35.38
N LYS D 215 44.09 -20.86 -35.86
CA LYS D 215 44.05 -20.36 -37.23
C LYS D 215 45.36 -20.68 -37.92
N LYS D 216 45.27 -21.31 -39.09
CA LYS D 216 46.42 -21.61 -39.91
C LYS D 216 46.74 -20.42 -40.81
N VAL D 217 48.03 -20.10 -40.93
CA VAL D 217 48.47 -18.96 -41.73
C VAL D 217 49.31 -19.49 -42.88
N GLU D 218 48.85 -19.28 -44.11
CA GLU D 218 49.57 -19.70 -45.29
C GLU D 218 49.54 -18.59 -46.31
N PRO D 219 50.50 -18.58 -47.26
CA PRO D 219 50.47 -17.58 -48.33
C PRO D 219 49.24 -17.74 -49.20
N LYS D 220 48.88 -16.66 -49.89
CA LYS D 220 47.71 -16.70 -50.74
C LYS D 220 47.94 -17.59 -51.96
N SER D 221 46.85 -18.09 -52.52
CA SER D 221 46.88 -18.99 -53.66
C SER D 221 46.88 -18.28 -55.02
N ASP E 1 50.15 19.85 0.30
CA ASP E 1 50.08 19.06 -0.93
C ASP E 1 51.37 19.16 -1.70
N ILE E 2 52.47 18.80 -1.04
CA ILE E 2 53.82 18.85 -1.59
C ILE E 2 53.85 18.23 -2.98
N GLN E 3 54.32 18.99 -3.96
CA GLN E 3 54.43 18.53 -5.34
C GLN E 3 55.86 18.11 -5.64
N LEU E 4 55.99 17.08 -6.47
CA LEU E 4 57.31 16.61 -6.92
C LEU E 4 57.31 16.49 -8.44
N THR E 5 58.32 17.11 -9.07
CA THR E 5 58.48 17.04 -10.52
C THR E 5 59.84 16.45 -10.82
N GLN E 6 59.88 15.35 -11.56
CA GLN E 6 61.13 14.72 -11.92
C GLN E 6 61.50 15.03 -13.37
N SER E 7 62.80 15.01 -13.64
CA SER E 7 63.38 15.32 -14.94
C SER E 7 64.60 14.44 -15.18
N PRO E 8 64.78 13.94 -16.41
CA PRO E 8 63.82 14.09 -17.51
C PRO E 8 62.70 13.07 -17.50
N ASP E 9 61.70 13.26 -18.36
CA ASP E 9 60.62 12.29 -18.47
C ASP E 9 61.11 10.97 -19.04
N SER E 10 62.02 11.03 -20.02
CA SER E 10 62.59 9.87 -20.67
C SER E 10 64.10 9.92 -20.59
N LEU E 11 64.73 8.75 -20.62
CA LEU E 11 66.17 8.64 -20.47
C LEU E 11 66.65 7.44 -21.25
N ALA E 12 67.72 7.63 -22.04
CA ALA E 12 68.29 6.56 -22.85
C ALA E 12 69.77 6.44 -22.51
N VAL E 13 70.13 5.33 -21.89
CA VAL E 13 71.51 5.07 -21.44
C VAL E 13 71.98 3.75 -22.03
N SER E 14 73.25 3.69 -22.39
CA SER E 14 73.81 2.45 -22.91
C SER E 14 74.24 1.54 -21.78
N LEU E 15 74.35 0.24 -22.09
CA LEU E 15 74.70 -0.76 -21.10
C LEU E 15 76.03 -0.43 -20.44
N GLY E 16 76.03 -0.27 -19.11
CA GLY E 16 77.23 -0.01 -18.38
C GLY E 16 77.50 1.46 -18.10
N GLU E 17 76.64 2.36 -18.58
CA GLU E 17 76.79 3.78 -18.40
C GLU E 17 75.91 4.26 -17.25
N ARG E 18 75.78 5.57 -17.12
CA ARG E 18 75.18 6.17 -15.94
C ARG E 18 73.82 6.75 -16.28
N ALA E 19 72.86 6.51 -15.39
CA ALA E 19 71.51 7.08 -15.48
C ALA E 19 71.29 7.98 -14.28
N THR E 20 70.84 9.21 -14.54
CA THR E 20 70.60 10.19 -13.50
C THR E 20 69.18 10.70 -13.63
N ILE E 21 68.45 10.71 -12.52
CA ILE E 21 67.06 11.18 -12.51
C ILE E 21 66.92 12.17 -11.36
N ASN E 22 66.58 13.41 -11.68
CA ASN E 22 66.38 14.44 -10.67
C ASN E 22 64.91 14.53 -10.30
N CYS E 23 64.66 14.86 -9.04
CA CYS E 23 63.33 15.06 -8.49
C CYS E 23 63.36 16.34 -7.67
N LYS E 24 62.53 17.31 -8.04
CA LYS E 24 62.46 18.60 -7.38
C LYS E 24 61.17 18.68 -6.58
N SER E 25 61.31 19.06 -5.31
CA SER E 25 60.17 19.18 -4.39
C SER E 25 59.67 20.61 -4.36
N SER E 26 58.34 20.76 -4.31
CA SER E 26 57.76 22.09 -4.15
C SER E 26 58.11 22.69 -2.79
N GLN E 27 58.03 21.88 -1.74
CA GLN E 27 58.40 22.31 -0.40
C GLN E 27 59.42 21.33 0.16
N SER E 28 60.15 21.78 1.20
CA SER E 28 61.18 20.95 1.80
C SER E 28 60.57 19.78 2.56
N VAL E 29 61.24 18.63 2.48
CA VAL E 29 60.76 17.41 3.14
C VAL E 29 61.77 16.91 4.16
N LEU E 30 62.57 17.80 4.72
CA LEU E 30 63.56 17.45 5.73
C LEU E 30 62.91 17.46 7.11
N TRP E 31 62.94 16.32 7.79
CA TRP E 31 62.44 16.20 9.16
C TRP E 31 63.56 16.63 10.10
N SER E 32 63.49 17.86 10.60
CA SER E 32 64.62 18.45 11.30
C SER E 32 64.89 17.80 12.66
N SER E 33 63.90 17.09 13.22
CA SER E 33 64.11 16.43 14.51
C SER E 33 64.98 15.18 14.33
N ILE E 34 64.78 14.46 13.23
CA ILE E 34 65.55 13.26 12.95
C ILE E 34 66.66 13.50 11.94
N ASN E 35 66.68 14.67 11.29
CA ASN E 35 67.71 15.03 10.31
C ASN E 35 67.79 14.01 9.17
N LYS E 36 66.62 13.72 8.57
CA LYS E 36 66.54 12.78 7.46
C LYS E 36 65.46 13.27 6.52
N ASN E 37 65.76 13.26 5.22
CA ASN E 37 64.78 13.66 4.21
C ASN E 37 63.82 12.51 3.94
N TYR E 38 62.52 12.80 3.98
CA TYR E 38 61.50 11.76 3.84
C TYR E 38 61.09 11.64 2.36
N LEU E 39 62.04 11.11 1.59
CA LEU E 39 61.91 10.94 0.15
C LEU E 39 62.24 9.49 -0.19
N ALA E 40 61.54 8.95 -1.19
CA ALA E 40 61.72 7.57 -1.59
C ALA E 40 61.77 7.45 -3.10
N TRP E 41 62.47 6.42 -3.56
CA TRP E 41 62.58 6.08 -4.97
C TRP E 41 62.06 4.66 -5.17
N TYR E 42 61.17 4.51 -6.16
CA TYR E 42 60.57 3.24 -6.52
C TYR E 42 60.87 2.91 -7.98
N GLN E 43 60.99 1.62 -8.26
CA GLN E 43 61.18 1.10 -9.60
C GLN E 43 59.98 0.24 -9.96
N GLN E 44 59.45 0.42 -11.18
CA GLN E 44 58.34 -0.37 -11.67
C GLN E 44 58.69 -0.86 -13.07
N LYS E 45 58.93 -2.16 -13.18
CA LYS E 45 59.15 -2.78 -14.47
C LYS E 45 57.82 -3.04 -15.15
N PRO E 46 57.80 -3.19 -16.48
CA PRO E 46 56.52 -3.32 -17.20
C PRO E 46 55.71 -4.49 -16.68
N GLY E 47 54.43 -4.22 -16.42
CA GLY E 47 53.49 -5.25 -15.98
C GLY E 47 53.66 -5.75 -14.57
N GLN E 48 54.45 -5.08 -13.74
CA GLN E 48 54.71 -5.52 -12.38
C GLN E 48 54.46 -4.38 -11.39
N PRO E 49 54.15 -4.70 -10.14
CA PRO E 49 53.91 -3.65 -9.13
C PRO E 49 55.19 -2.91 -8.78
N PRO E 50 55.08 -1.69 -8.28
CA PRO E 50 56.28 -0.93 -7.92
C PRO E 50 57.06 -1.61 -6.79
N LYS E 51 58.38 -1.45 -6.85
CA LYS E 51 59.29 -1.99 -5.86
C LYS E 51 60.02 -0.83 -5.18
N LEU E 52 60.11 -0.88 -3.86
CA LEU E 52 60.81 0.18 -3.13
C LEU E 52 62.30 0.01 -3.30
N LEU E 53 62.96 1.02 -3.88
CA LEU E 53 64.40 0.99 -4.10
C LEU E 53 65.16 1.71 -3.00
N ILE E 54 64.80 2.95 -2.70
CA ILE E 54 65.55 3.76 -1.75
C ILE E 54 64.59 4.53 -0.86
N TYR E 55 64.89 4.58 0.43
CA TYR E 55 64.13 5.39 1.38
C TYR E 55 65.09 6.30 2.13
N TRP E 56 64.51 7.35 2.74
CA TRP E 56 65.29 8.41 3.38
C TRP E 56 66.28 9.02 2.39
N ALA E 57 65.88 9.07 1.12
CA ALA E 57 66.57 9.75 0.03
C ALA E 57 67.92 9.13 -0.33
N SER E 58 68.50 8.30 0.53
CA SER E 58 69.84 7.77 0.25
C SER E 58 70.08 6.36 0.81
N THR E 59 69.15 5.84 1.60
CA THR E 59 69.34 4.53 2.21
C THR E 59 68.73 3.45 1.32
N PRO E 60 69.54 2.57 0.73
CA PRO E 60 68.97 1.52 -0.14
C PRO E 60 68.24 0.46 0.67
N GLU E 61 67.14 -0.02 0.12
CA GLU E 61 66.39 -1.10 0.75
C GLU E 61 67.15 -2.41 0.62
N SER E 62 66.90 -3.33 1.56
CA SER E 62 67.60 -4.60 1.59
C SER E 62 67.46 -5.33 0.25
N GLY E 63 68.58 -5.86 -0.24
CA GLY E 63 68.60 -6.63 -1.46
C GLY E 63 68.82 -5.83 -2.73
N VAL E 64 68.71 -4.51 -2.67
CA VAL E 64 68.89 -3.68 -3.86
C VAL E 64 70.37 -3.66 -4.25
N PRO E 65 70.71 -3.96 -5.50
CA PRO E 65 72.13 -4.00 -5.88
C PRO E 65 72.82 -2.66 -5.66
N ASP E 66 74.14 -2.73 -5.54
CA ASP E 66 74.94 -1.57 -5.14
C ASP E 66 74.99 -0.47 -6.19
N ARG E 67 74.60 -0.75 -7.43
CA ARG E 67 74.66 0.26 -8.47
C ARG E 67 73.61 1.35 -8.31
N PHE E 68 72.62 1.15 -7.43
CA PHE E 68 71.60 2.16 -7.15
C PHE E 68 72.06 3.03 -5.99
N SER E 69 71.96 4.34 -6.16
CA SER E 69 72.32 5.27 -5.11
C SER E 69 71.36 6.44 -5.09
N GLY E 70 71.10 6.96 -3.89
CA GLY E 70 70.23 8.10 -3.72
C GLY E 70 71.00 9.26 -3.13
N SER E 71 70.62 10.47 -3.54
CA SER E 71 71.33 11.67 -3.12
C SER E 71 70.37 12.84 -3.07
N GLY E 72 70.82 13.91 -2.42
CA GLY E 72 70.10 15.16 -2.38
C GLY E 72 69.64 15.49 -0.97
N SER E 73 69.00 16.65 -0.88
CA SER E 73 68.32 17.09 0.34
C SER E 73 67.56 18.37 0.02
N GLY E 74 66.98 18.99 1.04
CA GLY E 74 66.11 20.14 0.87
C GLY E 74 65.00 19.89 -0.12
N THR E 75 65.14 20.44 -1.32
CA THR E 75 64.16 20.29 -2.39
C THR E 75 64.70 19.52 -3.60
N ASP E 76 65.99 19.19 -3.64
CA ASP E 76 66.60 18.59 -4.81
C ASP E 76 67.11 17.20 -4.45
N PHE E 77 66.66 16.19 -5.20
CA PHE E 77 67.06 14.81 -4.96
C PHE E 77 67.39 14.16 -6.29
N THR E 78 68.28 13.17 -6.26
CA THR E 78 68.72 12.48 -7.45
C THR E 78 68.82 10.99 -7.18
N LEU E 79 68.36 10.20 -8.13
CA LEU E 79 68.57 8.76 -8.15
C LEU E 79 69.57 8.45 -9.25
N THR E 80 70.60 7.69 -8.91
CA THR E 80 71.70 7.40 -9.82
C THR E 80 71.83 5.89 -9.97
N ILE E 81 71.75 5.43 -11.21
CA ILE E 81 72.04 4.03 -11.55
C ILE E 81 73.36 4.02 -12.30
N SER E 82 74.41 3.50 -11.67
CA SER E 82 75.71 3.39 -12.33
C SER E 82 75.79 2.01 -12.96
N SER E 83 76.39 1.95 -14.15
CA SER E 83 76.49 0.70 -14.91
C SER E 83 75.10 0.08 -15.11
N LEU E 84 74.30 0.76 -15.94
CA LEU E 84 72.94 0.33 -16.21
C LEU E 84 72.93 -1.04 -16.88
N GLN E 85 72.02 -1.90 -16.42
CA GLN E 85 71.88 -3.25 -16.95
C GLN E 85 70.50 -3.41 -17.57
N ALA E 86 70.36 -4.44 -18.42
CA ALA E 86 69.12 -4.63 -19.18
C ALA E 86 67.93 -4.88 -18.27
N GLU E 87 68.16 -5.44 -17.07
CA GLU E 87 67.05 -5.67 -16.16
C GLU E 87 66.61 -4.40 -15.42
N ASP E 88 67.35 -3.31 -15.55
CA ASP E 88 67.01 -2.04 -14.92
C ASP E 88 66.04 -1.21 -15.74
N VAL E 89 65.61 -1.70 -16.90
CA VAL E 89 64.65 -0.97 -17.71
C VAL E 89 63.30 -0.95 -17.01
N ALA E 90 62.85 0.24 -16.64
CA ALA E 90 61.61 0.41 -15.89
C ALA E 90 61.26 1.89 -15.85
N VAL E 91 60.16 2.20 -15.16
CA VAL E 91 59.81 3.57 -14.84
C VAL E 91 60.12 3.80 -13.37
N TYR E 92 60.78 4.92 -13.08
CA TYR E 92 61.24 5.23 -11.74
C TYR E 92 60.45 6.42 -11.20
N TYR E 93 59.91 6.28 -9.99
CA TYR E 93 59.09 7.30 -9.36
C TYR E 93 59.76 7.78 -8.08
N CYS E 94 59.78 9.10 -7.88
CA CYS E 94 60.09 9.66 -6.57
C CYS E 94 58.79 9.93 -5.84
N GLN E 95 58.75 9.59 -4.56
CA GLN E 95 57.58 9.77 -3.73
C GLN E 95 57.96 10.44 -2.42
N GLN E 96 57.15 11.39 -1.98
CA GLN E 96 57.37 12.07 -0.73
C GLN E 96 56.46 11.45 0.32
N TYR E 97 57.01 11.17 1.50
CA TYR E 97 56.23 10.70 2.63
C TYR E 97 56.57 11.49 3.88
N TYR E 98 56.80 12.80 3.71
CA TYR E 98 57.01 13.68 4.85
C TYR E 98 55.69 14.01 5.54
N LYS E 99 54.64 14.21 4.74
CA LYS E 99 53.33 14.61 5.25
C LYS E 99 52.26 13.87 4.47
N THR E 100 51.16 13.57 5.12
CA THR E 100 50.00 13.17 4.32
C THR E 100 49.32 14.42 3.76
N PRO E 101 48.82 14.37 2.53
CA PRO E 101 48.77 13.21 1.63
C PRO E 101 50.09 12.92 0.90
N TYR E 102 50.45 11.65 0.79
CA TYR E 102 51.61 11.24 0.02
C TYR E 102 51.43 11.64 -1.44
N THR E 103 52.53 11.97 -2.10
CA THR E 103 52.49 12.40 -3.50
C THR E 103 53.60 11.71 -4.29
N PHE E 104 53.34 11.48 -5.57
CA PHE E 104 54.26 10.83 -6.49
C PHE E 104 54.76 11.79 -7.55
N GLY E 105 55.93 11.48 -8.11
CA GLY E 105 56.38 12.10 -9.34
C GLY E 105 55.66 11.55 -10.57
N GLN E 106 55.71 12.32 -11.66
CA GLN E 106 55.08 11.95 -12.92
C GLN E 106 55.65 10.67 -13.54
N GLY E 107 56.83 10.24 -13.13
CA GLY E 107 57.46 9.04 -13.65
C GLY E 107 58.63 9.39 -14.56
N THR E 108 59.63 8.52 -14.56
CA THR E 108 60.77 8.63 -15.46
C THR E 108 60.98 7.30 -16.17
N LYS E 109 60.83 7.29 -17.48
CA LYS E 109 61.03 6.06 -18.24
C LYS E 109 62.50 5.89 -18.58
N VAL E 110 63.04 4.70 -18.31
CA VAL E 110 64.43 4.38 -18.61
C VAL E 110 64.46 3.24 -19.60
N GLU E 111 65.08 3.48 -20.75
CA GLU E 111 65.28 2.48 -21.78
C GLU E 111 66.77 2.34 -22.04
N ILE E 112 67.14 1.28 -22.75
CA ILE E 112 68.55 1.06 -23.06
C ILE E 112 68.85 1.76 -24.37
N LYS E 113 70.03 2.37 -24.46
CA LYS E 113 70.46 3.03 -25.68
C LYS E 113 71.38 2.09 -26.42
N ARG E 114 71.16 1.95 -27.73
CA ARG E 114 71.98 1.10 -28.57
C ARG E 114 72.16 1.76 -29.92
N THR E 115 73.00 1.16 -30.74
CA THR E 115 73.24 1.70 -32.08
C THR E 115 71.96 1.63 -32.90
N VAL E 116 71.82 2.59 -33.81
CA VAL E 116 70.59 2.70 -34.59
C VAL E 116 70.40 1.47 -35.46
N ALA E 117 69.20 0.91 -35.42
CA ALA E 117 68.82 -0.26 -36.22
C ALA E 117 67.59 0.11 -37.04
N ALA E 118 67.70 -0.06 -38.35
CA ALA E 118 66.57 0.26 -39.21
C ALA E 118 65.49 -0.80 -39.07
N PRO E 119 64.21 -0.41 -39.15
CA PRO E 119 63.14 -1.40 -39.11
C PRO E 119 63.04 -2.16 -40.42
N SER E 120 62.55 -3.39 -40.32
CA SER E 120 62.15 -4.15 -41.50
C SER E 120 60.63 -4.03 -41.65
N VAL E 121 60.19 -3.64 -42.83
CA VAL E 121 58.80 -3.22 -43.04
C VAL E 121 58.07 -4.30 -43.83
N PHE E 122 56.92 -4.72 -43.32
CA PHE E 122 56.06 -5.68 -44.00
C PHE E 122 54.63 -5.13 -44.03
N ILE E 123 53.90 -5.50 -45.07
CA ILE E 123 52.52 -5.05 -45.23
C ILE E 123 51.62 -6.26 -45.48
N PHE E 124 50.47 -6.27 -44.82
CA PHE E 124 49.54 -7.38 -44.88
C PHE E 124 48.18 -6.88 -45.34
N PRO E 125 47.68 -7.36 -46.49
CA PRO E 125 46.33 -6.99 -46.93
C PRO E 125 45.29 -7.72 -46.09
N PRO E 126 44.03 -7.29 -46.14
CA PRO E 126 43.00 -7.98 -45.35
C PRO E 126 42.72 -9.36 -45.91
N SER E 127 42.55 -10.32 -45.01
CA SER E 127 42.12 -11.66 -45.38
C SER E 127 40.79 -11.64 -46.12
N ASP E 128 40.62 -12.60 -47.03
CA ASP E 128 39.32 -12.80 -47.65
C ASP E 128 38.25 -13.15 -46.63
N GLU E 129 38.64 -13.88 -45.57
CA GLU E 129 37.68 -14.26 -44.54
C GLU E 129 37.12 -13.03 -43.83
N GLN E 130 37.97 -12.04 -43.56
CA GLN E 130 37.51 -10.81 -42.91
C GLN E 130 36.63 -9.95 -43.81
N LEU E 131 36.89 -9.97 -45.13
CA LEU E 131 36.13 -9.10 -46.01
C LEU E 131 34.64 -9.46 -46.04
N LYS E 132 34.31 -10.74 -45.85
CA LYS E 132 32.90 -11.12 -45.75
C LYS E 132 32.18 -10.44 -44.59
N SER E 133 32.91 -9.96 -43.58
CA SER E 133 32.28 -9.34 -42.41
C SER E 133 31.85 -7.90 -42.67
N GLY E 134 32.46 -7.20 -43.62
CA GLY E 134 32.11 -5.82 -43.92
C GLY E 134 33.17 -4.79 -43.62
N THR E 135 34.25 -5.16 -42.94
CA THR E 135 35.33 -4.23 -42.61
C THR E 135 36.66 -4.84 -43.05
N ALA E 136 37.53 -3.99 -43.60
CA ALA E 136 38.86 -4.41 -44.03
C ALA E 136 39.91 -3.86 -43.07
N SER E 137 40.92 -4.65 -42.76
CA SER E 137 42.03 -4.20 -41.92
C SER E 137 43.33 -4.46 -42.65
N VAL E 138 44.05 -3.39 -42.96
CA VAL E 138 45.39 -3.48 -43.55
C VAL E 138 46.39 -3.26 -42.42
N VAL E 139 47.44 -4.09 -42.38
CA VAL E 139 48.39 -4.03 -41.28
C VAL E 139 49.77 -3.69 -41.83
N CYS E 140 50.48 -2.78 -41.16
CA CYS E 140 51.87 -2.49 -41.45
C CYS E 140 52.69 -2.84 -40.22
N LEU E 141 53.79 -3.57 -40.43
CA LEU E 141 54.66 -4.05 -39.37
C LEU E 141 56.04 -3.45 -39.56
N LEU E 142 56.57 -2.85 -38.50
CA LEU E 142 57.95 -2.38 -38.42
C LEU E 142 58.64 -3.26 -37.40
N ASN E 143 59.58 -4.08 -37.85
CA ASN E 143 60.20 -5.09 -37.01
C ASN E 143 61.62 -4.70 -36.63
N ASN E 144 61.91 -4.78 -35.32
CA ASN E 144 63.25 -4.75 -34.76
C ASN E 144 64.03 -3.48 -35.17
N PHE E 145 63.57 -2.36 -34.61
CA PHE E 145 64.21 -1.08 -34.85
C PHE E 145 64.49 -0.36 -33.53
N TYR E 146 65.44 0.58 -33.60
CA TYR E 146 65.78 1.49 -32.52
C TYR E 146 66.38 2.72 -33.19
N PRO E 147 66.07 3.94 -32.70
CA PRO E 147 65.26 4.23 -31.52
C PRO E 147 63.75 4.07 -31.73
N ARG E 148 63.00 4.28 -30.64
CA ARG E 148 61.57 4.01 -30.64
C ARG E 148 60.82 4.93 -31.60
N GLU E 149 61.38 6.10 -31.91
CA GLU E 149 60.65 7.12 -32.64
C GLU E 149 60.65 6.77 -34.12
N ALA E 150 59.46 6.61 -34.69
CA ALA E 150 59.30 6.24 -36.09
C ALA E 150 58.02 6.86 -36.60
N LYS E 151 58.01 7.19 -37.90
CA LYS E 151 56.86 7.81 -38.53
C LYS E 151 56.30 6.87 -39.59
N VAL E 152 55.02 6.54 -39.48
CA VAL E 152 54.36 5.64 -40.41
C VAL E 152 53.14 6.33 -40.98
N GLN E 153 53.05 6.38 -42.31
CA GLN E 153 51.98 7.10 -43.00
C GLN E 153 51.31 6.16 -44.00
N TRP E 154 49.98 6.15 -44.00
CA TRP E 154 49.18 5.31 -44.87
C TRP E 154 48.77 6.07 -46.11
N LYS E 155 48.96 5.47 -47.28
CA LYS E 155 48.57 6.09 -48.55
C LYS E 155 47.70 5.11 -49.33
N VAL E 156 46.50 5.55 -49.69
CA VAL E 156 45.57 4.75 -50.48
C VAL E 156 45.39 5.47 -51.80
N ASP E 157 45.92 4.88 -52.88
CA ASP E 157 45.98 5.53 -54.19
C ASP E 157 46.72 6.87 -54.08
N ASN E 158 47.84 6.86 -53.36
CA ASN E 158 48.68 8.03 -53.11
C ASN E 158 47.94 9.15 -52.38
N ALA E 159 46.82 8.85 -51.77
CA ALA E 159 46.07 9.81 -50.98
C ALA E 159 46.35 9.57 -49.51
N LEU E 160 46.83 10.61 -48.81
CA LEU E 160 47.22 10.46 -47.42
C LEU E 160 45.98 10.25 -46.56
N GLN E 161 46.00 9.22 -45.73
CA GLN E 161 44.87 8.90 -44.86
C GLN E 161 45.05 9.57 -43.51
N SER E 162 43.92 9.86 -42.87
CA SER E 162 43.95 10.49 -41.56
C SER E 162 42.74 10.05 -40.75
N GLY E 163 42.98 9.72 -39.47
CA GLY E 163 41.92 9.41 -38.54
C GLY E 163 41.46 7.98 -38.53
N ASN E 164 42.03 7.11 -39.37
CA ASN E 164 41.57 5.73 -39.47
C ASN E 164 42.69 4.72 -39.21
N SER E 165 43.73 5.12 -38.46
CA SER E 165 44.85 4.25 -38.18
C SER E 165 45.11 4.23 -36.68
N GLN E 166 45.59 3.09 -36.19
CA GLN E 166 45.98 2.94 -34.80
C GLN E 166 47.32 2.24 -34.71
N GLU E 167 48.18 2.69 -33.79
CA GLU E 167 49.52 2.17 -33.65
C GLU E 167 49.68 1.44 -32.32
N SER E 168 50.58 0.46 -32.32
CA SER E 168 50.89 -0.34 -31.14
C SER E 168 52.38 -0.61 -31.12
N VAL E 169 53.01 -0.43 -29.96
CA VAL E 169 54.45 -0.60 -29.80
C VAL E 169 54.71 -1.63 -28.71
N THR E 170 55.67 -2.51 -28.97
CA THR E 170 56.10 -3.47 -27.97
C THR E 170 56.99 -2.79 -26.94
N GLU E 171 57.20 -3.47 -25.81
CA GLU E 171 58.21 -3.00 -24.89
C GLU E 171 59.58 -3.36 -25.43
N GLN E 172 60.62 -2.75 -24.86
CA GLN E 172 61.96 -2.96 -25.36
C GLN E 172 62.35 -4.43 -25.23
N ASP E 173 62.80 -5.02 -26.33
CA ASP E 173 63.28 -6.39 -26.28
C ASP E 173 64.46 -6.51 -25.34
N SER E 174 64.48 -7.57 -24.54
CA SER E 174 65.45 -7.68 -23.45
C SER E 174 66.77 -8.29 -23.90
N LYS E 175 66.91 -8.64 -25.19
CA LYS E 175 68.15 -9.16 -25.71
C LYS E 175 68.85 -8.22 -26.69
N ASP E 176 68.14 -7.66 -27.66
CA ASP E 176 68.75 -6.75 -28.62
C ASP E 176 68.28 -5.30 -28.45
N SER E 177 67.42 -5.03 -27.47
CA SER E 177 67.02 -3.66 -27.13
C SER E 177 66.36 -2.93 -28.31
N THR E 178 65.66 -3.68 -29.17
CA THR E 178 64.93 -3.09 -30.28
C THR E 178 63.44 -2.99 -29.95
N TYR E 179 62.73 -2.25 -30.79
CA TYR E 179 61.28 -2.14 -30.72
C TYR E 179 60.65 -2.72 -31.98
N SER E 180 59.34 -2.95 -31.91
CA SER E 180 58.55 -3.25 -33.08
C SER E 180 57.18 -2.57 -32.95
N LEU E 181 56.60 -2.26 -34.11
CA LEU E 181 55.44 -1.38 -34.19
C LEU E 181 54.46 -1.94 -35.21
N SER E 182 53.17 -1.79 -34.90
CA SER E 182 52.08 -2.22 -35.77
C SER E 182 51.17 -1.04 -36.02
N SER E 183 50.90 -0.75 -37.29
CA SER E 183 49.93 0.26 -37.67
C SER E 183 48.79 -0.42 -38.39
N THR E 184 47.59 -0.34 -37.81
CA THR E 184 46.41 -0.98 -38.37
C THR E 184 45.52 0.11 -38.96
N LEU E 185 45.24 -0.02 -40.24
CA LEU E 185 44.34 0.86 -40.97
C LEU E 185 43.04 0.10 -41.19
N THR E 186 41.96 0.60 -40.62
CA THR E 186 40.66 -0.08 -40.67
C THR E 186 39.76 0.71 -41.61
N LEU E 187 39.06 0.00 -42.50
CA LEU E 187 38.26 0.68 -43.52
C LEU E 187 36.94 -0.07 -43.65
N SER E 188 35.95 0.62 -44.22
CA SER E 188 34.80 -0.10 -44.73
C SER E 188 35.25 -1.02 -45.88
N LYS E 189 34.40 -2.00 -46.20
CA LYS E 189 34.67 -2.84 -47.37
C LYS E 189 34.41 -2.10 -48.68
N ALA E 190 33.47 -1.16 -48.67
CA ALA E 190 33.24 -0.35 -49.86
C ALA E 190 34.43 0.56 -50.16
N ASP E 191 34.85 1.33 -49.15
CA ASP E 191 36.02 2.19 -49.34
C ASP E 191 37.25 1.37 -49.64
N TYR E 192 37.32 0.15 -49.13
CA TYR E 192 38.44 -0.69 -49.47
C TYR E 192 38.36 -1.09 -50.93
N GLU E 193 37.16 -1.32 -51.44
CA GLU E 193 37.13 -1.70 -52.84
C GLU E 193 36.80 -0.57 -53.77
N LYS E 194 37.08 0.66 -53.34
CA LYS E 194 37.05 1.81 -54.23
C LYS E 194 38.46 2.24 -54.63
N HIS E 195 39.49 1.54 -54.20
CA HIS E 195 40.85 1.90 -54.55
C HIS E 195 41.71 0.67 -54.80
N LYS E 196 42.86 0.88 -55.45
CA LYS E 196 43.72 -0.19 -55.92
C LYS E 196 45.02 -0.30 -55.14
N VAL E 197 45.75 0.81 -54.96
CA VAL E 197 47.09 0.79 -54.37
C VAL E 197 46.97 1.08 -52.88
N TYR E 198 47.58 0.24 -52.05
CA TYR E 198 47.63 0.44 -50.62
C TYR E 198 49.09 0.41 -50.19
N ALA E 199 49.58 1.50 -49.61
CA ALA E 199 50.99 1.63 -49.29
C ALA E 199 51.18 2.11 -47.86
N CYS E 200 52.25 1.61 -47.23
CA CYS E 200 52.69 1.98 -45.90
C CYS E 200 54.09 2.58 -46.05
N GLU E 201 54.24 3.86 -45.70
CA GLU E 201 55.49 4.58 -45.84
C GLU E 201 56.11 4.80 -44.46
N VAL E 202 57.39 4.46 -44.33
CA VAL E 202 58.08 4.49 -43.06
C VAL E 202 59.26 5.44 -43.15
N THR E 203 59.32 6.39 -42.20
CA THR E 203 60.45 7.27 -41.98
C THR E 203 61.07 6.93 -40.63
N HIS E 204 62.37 6.66 -40.63
CA HIS E 204 63.09 6.31 -39.42
C HIS E 204 64.52 6.80 -39.55
N GLN E 205 65.17 6.95 -38.40
CA GLN E 205 66.53 7.47 -38.38
C GLN E 205 67.51 6.54 -39.10
N GLY E 206 67.28 5.24 -39.03
CA GLY E 206 68.16 4.27 -39.64
C GLY E 206 68.01 4.09 -41.13
N LEU E 207 67.08 4.78 -41.76
CA LEU E 207 66.84 4.66 -43.20
C LEU E 207 67.32 5.91 -43.91
N SER E 208 68.10 5.72 -44.99
CA SER E 208 68.60 6.85 -45.75
C SER E 208 67.47 7.67 -46.36
N SER E 209 66.45 6.98 -46.87
CA SER E 209 65.26 7.59 -47.45
C SER E 209 64.06 6.76 -47.03
N PRO E 210 62.86 7.33 -47.09
CA PRO E 210 61.69 6.60 -46.59
C PRO E 210 61.47 5.30 -47.36
N VAL E 211 61.02 4.27 -46.64
CA VAL E 211 60.77 2.95 -47.22
C VAL E 211 59.27 2.78 -47.40
N THR E 212 58.84 2.43 -48.60
CA THR E 212 57.43 2.26 -48.91
C THR E 212 57.16 0.80 -49.28
N LYS E 213 56.21 0.19 -48.58
CA LYS E 213 55.77 -1.16 -48.88
C LYS E 213 54.31 -1.10 -49.32
N SER E 214 54.04 -1.58 -50.52
CA SER E 214 52.73 -1.41 -51.13
C SER E 214 52.24 -2.73 -51.71
N PHE E 215 50.92 -2.79 -51.92
CA PHE E 215 50.33 -3.88 -52.66
C PHE E 215 49.16 -3.35 -53.47
N ASN E 216 48.75 -4.12 -54.47
CA ASN E 216 47.59 -3.80 -55.28
C ASN E 216 46.47 -4.77 -54.93
N ARG E 217 45.28 -4.23 -54.67
CA ARG E 217 44.15 -5.05 -54.27
C ARG E 217 43.75 -6.00 -55.40
N GLY E 218 43.64 -7.29 -55.07
CA GLY E 218 43.26 -8.25 -56.08
C GLY E 218 44.34 -8.61 -57.07
N GLU E 219 45.61 -8.40 -56.72
CA GLU E 219 46.72 -8.78 -57.59
C GLU E 219 47.36 -10.04 -57.04
N CYS E 220 47.82 -10.90 -57.97
CA CYS E 220 48.37 -12.20 -57.59
C CYS E 220 49.54 -12.51 -58.51
N SER E 221 50.20 -13.62 -58.25
CA SER E 221 51.30 -14.07 -59.08
C SER E 221 50.80 -14.92 -60.24
N ASN F 16 -47.48 33.01 12.11
CA ASN F 16 -46.75 33.06 10.86
C ASN F 16 -46.65 31.69 10.20
N LEU F 17 -46.47 31.71 8.88
CA LEU F 17 -46.24 30.50 8.11
C LEU F 17 -44.81 30.02 8.25
N CYS F 18 -44.62 28.70 8.11
CA CYS F 18 -43.18 28.45 8.11
C CYS F 18 -42.67 28.58 6.69
N PRO F 19 -41.48 29.13 6.47
CA PRO F 19 -41.08 29.49 5.09
C PRO F 19 -40.46 28.34 4.29
N PHE F 20 -41.29 27.35 3.96
CA PHE F 20 -40.81 26.23 3.13
C PHE F 20 -40.43 26.70 1.74
N GLY F 21 -41.04 27.79 1.27
CA GLY F 21 -40.77 28.27 -0.08
C GLY F 21 -39.32 28.69 -0.29
N GLU F 22 -38.70 29.28 0.74
CA GLU F 22 -37.29 29.62 0.65
C GLU F 22 -36.42 28.40 0.38
N VAL F 23 -36.90 27.20 0.72
CA VAL F 23 -36.10 26.00 0.53
C VAL F 23 -36.36 25.41 -0.86
N PHE F 24 -37.62 25.10 -1.14
CA PHE F 24 -37.96 24.37 -2.37
C PHE F 24 -37.74 25.23 -3.61
N ASN F 25 -38.20 26.47 -3.59
CA ASN F 25 -38.13 27.33 -4.76
C ASN F 25 -36.89 28.21 -4.80
N ALA F 26 -35.82 27.83 -4.09
CA ALA F 26 -34.58 28.59 -4.15
C ALA F 26 -34.01 28.53 -5.57
N THR F 27 -33.55 29.69 -6.05
CA THR F 27 -32.94 29.82 -7.37
C THR F 27 -31.80 28.82 -7.56
N ARG F 28 -31.10 28.63 -6.46
CA ARG F 28 -29.75 28.21 -6.20
C ARG F 28 -29.75 27.04 -5.20
N PHE F 29 -28.94 25.99 -5.44
CA PHE F 29 -28.83 24.88 -4.46
C PHE F 29 -27.36 24.59 -4.09
N ALA F 30 -27.14 23.99 -2.92
CA ALA F 30 -25.78 23.68 -2.47
C ALA F 30 -25.31 22.33 -3.03
N SER F 31 -23.99 22.14 -2.99
CA SER F 31 -23.41 20.84 -3.30
C SER F 31 -23.58 19.90 -2.10
N VAL F 32 -23.58 18.60 -2.37
CA VAL F 32 -24.01 17.65 -1.35
C VAL F 32 -22.99 17.59 -0.21
N TYR F 33 -21.71 17.81 -0.50
CA TYR F 33 -20.72 17.85 0.56
C TYR F 33 -20.90 19.06 1.46
N ALA F 34 -21.50 20.12 0.94
CA ALA F 34 -21.79 21.32 1.74
C ALA F 34 -23.29 21.53 1.78
N TRP F 35 -24.03 20.48 2.15
CA TRP F 35 -25.48 20.53 2.07
C TRP F 35 -26.04 21.63 2.96
N ASN F 36 -27.09 22.27 2.49
CA ASN F 36 -27.69 23.38 3.22
C ASN F 36 -28.75 22.88 4.19
N ARG F 37 -28.85 23.55 5.33
CA ARG F 37 -29.85 23.24 6.34
C ARG F 37 -30.56 24.52 6.77
N LYS F 38 -31.88 24.52 6.67
CA LYS F 38 -32.72 25.60 7.18
C LYS F 38 -33.52 25.07 8.35
N ARG F 39 -33.45 25.77 9.48
CA ARG F 39 -34.14 25.36 10.70
C ARG F 39 -35.51 26.03 10.77
N ILE F 40 -36.52 25.24 11.12
CA ILE F 40 -37.92 25.64 11.11
C ILE F 40 -38.43 25.53 12.54
N SER F 41 -38.90 26.65 13.08
CA SER F 41 -39.28 26.74 14.49
C SER F 41 -40.18 27.94 14.71
N ASN F 42 -40.91 27.88 15.82
CA ASN F 42 -41.89 28.90 16.22
C ASN F 42 -42.72 29.37 15.02
N CYS F 43 -43.53 28.46 14.47
CA CYS F 43 -44.26 28.78 13.25
C CYS F 43 -45.36 27.75 13.08
N VAL F 44 -46.31 28.08 12.21
CA VAL F 44 -47.33 27.14 11.73
C VAL F 44 -46.91 26.57 10.38
N ALA F 45 -46.82 25.24 10.29
CA ALA F 45 -46.42 24.54 9.08
C ALA F 45 -47.65 24.01 8.33
N ASP F 46 -47.90 24.54 7.14
CA ASP F 46 -48.93 24.01 6.24
C ASP F 46 -48.26 23.12 5.20
N TYR F 47 -48.31 21.81 5.42
CA TYR F 47 -47.71 20.83 4.52
C TYR F 47 -48.54 20.62 3.26
N SER F 48 -49.71 21.24 3.16
CA SER F 48 -50.55 21.07 1.98
C SER F 48 -49.89 21.65 0.72
N VAL F 49 -49.02 22.64 0.88
CA VAL F 49 -48.24 23.14 -0.25
C VAL F 49 -47.38 22.04 -0.86
N LEU F 50 -47.14 20.96 -0.11
CA LEU F 50 -46.43 19.78 -0.57
C LEU F 50 -47.34 18.74 -1.21
N TYR F 51 -48.64 18.76 -0.87
CA TYR F 51 -49.59 17.80 -1.41
C TYR F 51 -49.76 17.99 -2.88
N ASN F 52 -49.26 19.12 -3.35
CA ASN F 52 -49.58 19.65 -4.65
C ASN F 52 -48.38 19.34 -5.55
N SER F 53 -48.16 18.02 -5.70
CA SER F 53 -46.90 17.41 -6.14
C SER F 53 -46.56 17.85 -7.55
N ALA F 54 -46.93 17.03 -8.55
CA ALA F 54 -46.86 17.41 -9.96
C ALA F 54 -45.48 17.90 -10.41
N SER F 55 -44.47 17.80 -9.54
CA SER F 55 -43.14 18.27 -9.90
C SER F 55 -42.09 17.27 -9.47
N PHE F 56 -42.28 16.69 -8.29
CA PHE F 56 -41.28 15.82 -7.70
C PHE F 56 -41.24 14.48 -8.43
N SER F 57 -40.06 13.86 -8.42
CA SER F 57 -39.88 12.53 -8.98
C SER F 57 -39.88 11.45 -7.90
N THR F 58 -39.31 11.73 -6.73
CA THR F 58 -39.38 10.80 -5.61
C THR F 58 -39.87 11.52 -4.36
N PHE F 59 -40.72 10.83 -3.59
CA PHE F 59 -41.31 11.37 -2.37
C PHE F 59 -41.37 10.22 -1.37
N LYS F 60 -40.26 9.94 -0.69
CA LYS F 60 -40.15 8.78 0.18
C LYS F 60 -40.18 9.26 1.62
N CYS F 61 -41.15 8.78 2.39
CA CYS F 61 -41.26 9.17 3.79
C CYS F 61 -41.14 7.94 4.68
N TYR F 62 -40.63 8.17 5.88
CA TYR F 62 -40.15 7.12 6.77
C TYR F 62 -40.69 7.44 8.16
N GLY F 63 -41.57 6.56 8.65
CA GLY F 63 -42.14 6.68 9.97
C GLY F 63 -43.32 7.63 10.11
N VAL F 64 -43.63 8.43 9.08
CA VAL F 64 -44.76 9.33 9.10
C VAL F 64 -45.29 9.49 7.69
N SER F 65 -46.60 9.78 7.58
CA SER F 65 -47.29 10.00 6.32
C SER F 65 -47.50 11.50 6.12
N PRO F 66 -47.25 12.03 4.93
CA PRO F 66 -47.34 13.48 4.74
C PRO F 66 -48.71 14.07 5.00
N THR F 67 -49.80 13.35 4.71
CA THR F 67 -51.12 13.91 4.92
C THR F 67 -51.57 13.86 6.38
N LYS F 68 -50.75 13.32 7.28
CA LYS F 68 -51.05 13.35 8.70
C LYS F 68 -50.14 14.30 9.46
N LEU F 69 -49.24 15.02 8.77
CA LEU F 69 -48.39 15.98 9.46
C LEU F 69 -49.17 17.18 9.96
N ASN F 70 -50.25 17.54 9.27
CA ASN F 70 -51.06 18.73 9.53
C ASN F 70 -51.79 18.69 10.86
N ASP F 71 -51.43 17.70 11.68
CA ASP F 71 -52.11 17.44 12.94
C ASP F 71 -51.11 16.76 13.86
N LEU F 72 -49.90 17.32 13.92
CA LEU F 72 -48.85 16.89 14.83
C LEU F 72 -48.05 18.11 15.23
N CYS F 73 -47.18 17.92 16.24
CA CYS F 73 -46.34 19.00 16.74
C CYS F 73 -44.92 18.49 16.96
N PHE F 74 -43.96 19.36 16.72
CA PHE F 74 -42.55 19.00 16.79
C PHE F 74 -41.78 20.12 17.44
N THR F 75 -40.79 19.74 18.26
CA THR F 75 -39.79 20.70 18.71
C THR F 75 -39.20 21.47 17.54
N ASN F 76 -38.54 20.77 16.63
CA ASN F 76 -37.85 21.42 15.54
C ASN F 76 -38.16 20.71 14.23
N VAL F 77 -38.02 21.43 13.12
CA VAL F 77 -38.06 20.83 11.79
C VAL F 77 -36.82 21.28 11.05
N TYR F 78 -36.21 20.38 10.31
CA TYR F 78 -35.02 20.71 9.53
C TYR F 78 -35.30 20.42 8.06
N ALA F 79 -34.94 21.38 7.20
CA ALA F 79 -35.05 21.21 5.75
C ALA F 79 -33.64 21.28 5.18
N ASP F 80 -33.11 20.14 4.75
CA ASP F 80 -31.76 20.06 4.19
C ASP F 80 -31.86 19.92 2.67
N SER F 81 -31.26 20.86 1.95
CA SER F 81 -31.33 20.91 0.50
C SER F 81 -29.94 20.70 -0.10
N PHE F 82 -29.89 19.94 -1.19
CA PHE F 82 -28.66 19.79 -1.96
C PHE F 82 -28.99 19.28 -3.35
N VAL F 83 -27.94 19.02 -4.14
CA VAL F 83 -28.05 18.53 -5.51
C VAL F 83 -27.16 17.31 -5.66
N ILE F 84 -27.72 16.25 -6.25
CA ILE F 84 -26.93 15.06 -6.58
C ILE F 84 -27.33 14.60 -7.97
N ARG F 85 -26.92 13.40 -8.37
CA ARG F 85 -27.41 12.82 -9.62
C ARG F 85 -28.52 11.81 -9.31
N GLY F 86 -29.17 11.34 -10.38
CA GLY F 86 -30.30 10.43 -10.21
C GLY F 86 -29.97 9.12 -9.52
N ASP F 87 -29.00 8.37 -10.05
CA ASP F 87 -28.63 7.08 -9.46
C ASP F 87 -28.29 7.17 -7.98
N GLU F 88 -28.07 8.36 -7.43
CA GLU F 88 -27.65 8.51 -6.05
C GLU F 88 -28.78 8.93 -5.12
N VAL F 89 -29.98 9.20 -5.67
CA VAL F 89 -31.10 9.56 -4.82
C VAL F 89 -31.52 8.37 -3.95
N ARG F 90 -31.28 7.15 -4.43
CA ARG F 90 -31.51 5.97 -3.61
C ARG F 90 -30.66 5.95 -2.34
N GLN F 91 -29.60 6.75 -2.28
CA GLN F 91 -28.74 6.79 -1.11
C GLN F 91 -29.24 7.74 -0.02
N ILE F 92 -30.20 8.61 -0.34
CA ILE F 92 -30.72 9.54 0.65
C ILE F 92 -31.84 8.83 1.40
N ALA F 93 -31.46 7.90 2.27
CA ALA F 93 -32.40 7.08 3.02
C ALA F 93 -31.67 6.38 4.16
N PRO F 94 -32.38 6.04 5.24
CA PRO F 94 -31.73 5.29 6.32
C PRO F 94 -31.21 3.95 5.83
N GLY F 95 -30.14 3.48 6.48
CA GLY F 95 -29.59 2.18 6.18
C GLY F 95 -29.08 2.03 4.76
N GLN F 96 -28.53 3.11 4.19
CA GLN F 96 -27.99 3.07 2.84
C GLN F 96 -26.48 3.23 2.89
N THR F 97 -25.83 2.75 1.82
CA THR F 97 -24.39 2.82 1.69
C THR F 97 -24.05 3.31 0.28
N GLY F 98 -22.88 3.92 0.17
CA GLY F 98 -22.45 4.49 -1.09
C GLY F 98 -21.69 5.78 -0.86
N LYS F 99 -21.15 6.36 -1.94
CA LYS F 99 -20.32 7.56 -1.80
C LYS F 99 -21.08 8.68 -1.12
N ILE F 100 -22.32 8.95 -1.57
CA ILE F 100 -23.09 10.05 -1.01
C ILE F 100 -23.50 9.75 0.43
N ALA F 101 -24.01 8.55 0.67
CA ALA F 101 -24.47 8.21 2.02
C ALA F 101 -23.32 8.10 3.01
N ASP F 102 -22.14 7.68 2.56
CA ASP F 102 -21.02 7.46 3.47
C ASP F 102 -20.15 8.69 3.67
N TYR F 103 -20.03 9.55 2.66
CA TYR F 103 -19.07 10.65 2.69
C TYR F 103 -19.70 12.03 2.54
N ASN F 104 -21.01 12.12 2.30
CA ASN F 104 -21.59 13.44 2.04
C ASN F 104 -22.79 13.74 2.94
N TYR F 105 -23.74 12.80 3.03
CA TYR F 105 -24.98 13.07 3.76
C TYR F 105 -25.55 11.73 4.22
N LYS F 106 -25.59 11.53 5.53
CA LYS F 106 -25.99 10.26 6.13
C LYS F 106 -27.27 10.44 6.94
N LEU F 107 -28.24 9.57 6.71
CA LEU F 107 -29.46 9.63 7.50
C LEU F 107 -29.42 8.60 8.62
N PRO F 108 -29.91 8.95 9.81
CA PRO F 108 -29.88 8.01 10.93
C PRO F 108 -30.84 6.84 10.71
N ASP F 109 -30.52 5.72 11.37
CA ASP F 109 -31.39 4.55 11.23
C ASP F 109 -32.79 4.85 11.76
N ASP F 110 -32.89 5.70 12.78
CA ASP F 110 -34.18 6.10 13.33
C ASP F 110 -34.75 7.33 12.65
N PHE F 111 -34.37 7.58 11.39
CA PHE F 111 -34.84 8.77 10.68
C PHE F 111 -36.35 8.72 10.53
N THR F 112 -37.01 9.80 10.95
CA THR F 112 -38.45 9.98 10.79
C THR F 112 -38.66 11.27 10.00
N GLY F 113 -39.05 11.15 8.74
CA GLY F 113 -39.10 12.33 7.89
C GLY F 113 -39.43 11.99 6.45
N CYS F 114 -39.06 12.90 5.55
CA CYS F 114 -39.34 12.73 4.13
C CYS F 114 -38.17 13.20 3.29
N VAL F 115 -37.97 12.51 2.16
CA VAL F 115 -36.97 12.84 1.17
C VAL F 115 -37.70 13.11 -0.14
N ILE F 116 -37.59 14.33 -0.64
CA ILE F 116 -38.34 14.80 -1.81
C ILE F 116 -37.33 15.27 -2.85
N ALA F 117 -37.32 14.61 -4.00
CA ALA F 117 -36.34 14.92 -5.04
C ALA F 117 -37.04 15.11 -6.38
N TRP F 118 -36.56 16.08 -7.15
CA TRP F 118 -37.08 16.34 -8.48
C TRP F 118 -35.95 16.67 -9.44
N ASN F 119 -36.18 16.34 -10.71
CA ASN F 119 -35.17 16.58 -11.75
C ASN F 119 -34.97 18.07 -11.95
N SER F 120 -33.71 18.48 -12.10
CA SER F 120 -33.36 19.89 -12.20
C SER F 120 -32.49 20.12 -13.44
N ASN F 121 -32.87 19.51 -14.57
CA ASN F 121 -32.07 19.67 -15.78
C ASN F 121 -32.15 21.09 -16.34
N ASN F 122 -33.32 21.74 -16.42
CA ASN F 122 -33.26 23.11 -16.91
C ASN F 122 -32.45 24.04 -15.98
N LEU F 123 -32.34 23.77 -14.67
CA LEU F 123 -31.68 24.80 -13.87
C LEU F 123 -30.20 24.55 -13.62
N ASP F 124 -29.78 23.31 -13.38
CA ASP F 124 -28.41 23.03 -12.93
C ASP F 124 -27.50 22.41 -13.97
N SER F 125 -27.98 22.13 -15.18
CA SER F 125 -27.18 21.45 -16.19
C SER F 125 -26.94 22.37 -17.38
N LYS F 126 -25.66 22.60 -17.68
CA LYS F 126 -25.26 23.46 -18.80
C LYS F 126 -24.19 22.74 -19.62
N VAL F 127 -24.14 23.08 -20.91
CA VAL F 127 -23.12 22.53 -21.80
C VAL F 127 -21.73 23.02 -21.44
N ASN F 130 -21.14 21.74 -16.77
CA ASN F 130 -21.34 22.31 -15.45
C ASN F 130 -20.50 21.58 -14.40
N TYR F 131 -19.45 22.24 -13.93
CA TYR F 131 -18.56 21.69 -12.92
C TYR F 131 -18.70 22.41 -11.59
N ASN F 132 -19.86 23.03 -11.33
CA ASN F 132 -20.03 23.82 -10.11
C ASN F 132 -20.44 22.96 -8.93
N TYR F 133 -21.10 21.84 -9.16
CA TYR F 133 -21.54 20.95 -8.09
C TYR F 133 -20.47 19.90 -7.81
N LEU F 134 -20.25 19.63 -6.52
CA LEU F 134 -19.20 18.68 -6.13
C LEU F 134 -19.71 17.73 -5.05
N TYR F 135 -18.94 16.65 -4.88
CA TYR F 135 -19.21 15.65 -3.84
C TYR F 135 -17.87 15.13 -3.33
N ARG F 136 -17.86 14.69 -2.08
CA ARG F 136 -16.65 14.14 -1.49
C ARG F 136 -16.44 12.71 -1.98
N LEU F 137 -15.26 12.45 -2.54
CA LEU F 137 -14.95 11.14 -3.11
C LEU F 137 -14.05 10.31 -2.20
N PHE F 138 -13.18 10.94 -1.42
CA PHE F 138 -12.24 10.23 -0.57
C PHE F 138 -12.48 10.61 0.88
N ARG F 139 -12.60 9.61 1.74
CA ARG F 139 -12.69 9.82 3.18
C ARG F 139 -12.36 8.50 3.88
N LYS F 140 -11.58 8.58 4.95
CA LYS F 140 -11.15 7.38 5.66
C LYS F 140 -12.26 6.79 6.52
N SER F 141 -13.22 7.61 6.96
CA SER F 141 -14.25 7.16 7.87
C SER F 141 -15.62 7.62 7.38
N ASN F 142 -16.63 6.78 7.64
CA ASN F 142 -17.98 7.12 7.27
C ASN F 142 -18.50 8.29 8.09
N LEU F 143 -19.50 8.97 7.56
CA LEU F 143 -20.10 10.09 8.26
C LEU F 143 -21.05 9.61 9.34
N LYS F 144 -21.11 10.36 10.44
CA LYS F 144 -22.18 10.14 11.39
C LYS F 144 -23.44 10.79 10.86
N PRO F 145 -24.62 10.38 11.33
CA PRO F 145 -25.85 10.96 10.79
C PRO F 145 -25.90 12.47 11.01
N PHE F 146 -26.29 13.19 9.95
CA PHE F 146 -26.40 14.65 9.98
C PHE F 146 -25.05 15.32 10.25
N GLU F 147 -23.98 14.78 9.67
CA GLU F 147 -22.65 15.37 9.75
C GLU F 147 -22.32 16.10 8.46
N ARG F 148 -21.58 17.20 8.57
CA ARG F 148 -21.19 18.02 7.43
C ARG F 148 -19.69 18.26 7.46
N ASP F 149 -19.01 17.82 6.40
CA ASP F 149 -17.55 17.97 6.27
C ASP F 149 -17.28 18.80 5.01
N ILE F 150 -16.81 20.02 5.20
CA ILE F 150 -16.46 20.89 4.08
C ILE F 150 -14.95 21.10 3.98
N SER F 151 -14.17 20.21 4.59
CA SER F 151 -12.72 20.26 4.47
C SER F 151 -12.29 20.04 3.02
N THR F 152 -11.33 20.85 2.56
CA THR F 152 -10.67 20.64 1.29
C THR F 152 -9.23 20.16 1.47
N GLU F 153 -8.91 19.61 2.64
CA GLU F 153 -7.56 19.13 2.89
C GLU F 153 -7.20 18.00 1.93
N ILE F 154 -5.96 18.03 1.44
CA ILE F 154 -5.52 17.01 0.49
C ILE F 154 -5.57 15.64 1.15
N TYR F 155 -6.17 14.68 0.44
CA TYR F 155 -6.35 13.33 0.96
C TYR F 155 -5.05 12.55 0.86
N GLN F 156 -4.58 12.04 2.00
CA GLN F 156 -3.29 11.34 2.07
C GLN F 156 -3.55 9.84 1.94
N ALA F 157 -3.28 9.30 0.75
CA ALA F 157 -3.52 7.89 0.47
C ALA F 157 -2.30 7.02 0.72
N GLY F 158 -1.18 7.60 1.13
CA GLY F 158 0.01 6.81 1.42
C GLY F 158 0.64 7.16 2.76
N SER F 159 1.85 6.64 3.01
CA SER F 159 2.54 6.97 4.25
C SER F 159 3.29 8.29 4.15
N THR F 160 3.61 8.74 2.94
CA THR F 160 4.25 10.03 2.77
C THR F 160 3.24 11.15 2.99
N PRO F 161 3.54 12.13 3.84
CA PRO F 161 2.69 13.32 3.91
C PRO F 161 2.73 14.09 2.60
N CYS F 162 1.72 14.94 2.41
CA CYS F 162 1.50 15.60 1.14
C CYS F 162 1.74 17.09 1.16
N ASN F 163 1.75 17.71 2.35
CA ASN F 163 2.09 19.13 2.52
C ASN F 163 1.27 20.02 1.60
N GLY F 164 0.03 19.63 1.34
CA GLY F 164 -0.92 20.51 0.69
C GLY F 164 -0.77 20.66 -0.81
N VAL F 165 -0.21 19.66 -1.50
CA VAL F 165 -0.14 19.66 -2.95
C VAL F 165 -0.54 18.29 -3.48
N GLU F 166 -1.20 18.28 -4.61
CA GLU F 166 -1.70 17.04 -5.21
C GLU F 166 -0.58 16.29 -5.92
N GLY F 167 -0.71 14.96 -5.94
CA GLY F 167 0.30 14.15 -6.59
C GLY F 167 0.01 12.67 -6.37
N PHE F 168 1.07 11.87 -6.48
CA PHE F 168 0.95 10.44 -6.24
C PHE F 168 0.60 10.17 -4.79
N ASN F 169 -0.43 9.35 -4.57
CA ASN F 169 -0.91 8.98 -3.24
C ASN F 169 -1.42 10.18 -2.46
N CYS F 170 -1.73 11.27 -3.15
CA CYS F 170 -2.31 12.45 -2.51
C CYS F 170 -3.32 13.06 -3.46
N TYR F 171 -4.61 12.98 -3.11
CA TYR F 171 -5.69 13.36 -4.01
C TYR F 171 -6.50 14.50 -3.42
N PHE F 172 -7.12 15.28 -4.30
CA PHE F 172 -8.10 16.25 -3.84
C PHE F 172 -9.37 15.50 -3.41
N PRO F 173 -9.91 15.77 -2.23
CA PRO F 173 -11.00 14.93 -1.72
C PRO F 173 -12.33 15.11 -2.43
N LEU F 174 -12.52 16.19 -3.18
CA LEU F 174 -13.80 16.47 -3.83
C LEU F 174 -13.71 16.22 -5.32
N GLN F 175 -14.87 16.05 -5.94
CA GLN F 175 -14.96 15.77 -7.36
C GLN F 175 -16.20 16.43 -7.92
N SER F 176 -16.07 16.94 -9.16
CA SER F 176 -17.16 17.64 -9.84
C SER F 176 -18.08 16.67 -10.55
N TYR F 177 -19.38 16.94 -10.47
CA TYR F 177 -20.35 16.25 -11.32
C TYR F 177 -20.22 16.74 -12.76
N GLY F 178 -20.30 15.80 -13.71
CA GLY F 178 -20.28 16.17 -15.11
C GLY F 178 -21.69 16.37 -15.66
N PHE F 179 -22.36 17.43 -15.21
CA PHE F 179 -23.76 17.66 -15.56
C PHE F 179 -23.85 18.21 -16.97
N GLN F 180 -24.30 17.39 -17.91
CA GLN F 180 -24.54 17.79 -19.28
C GLN F 180 -25.97 17.41 -19.66
N PRO F 181 -26.67 18.26 -20.41
CA PRO F 181 -28.07 17.96 -20.75
C PRO F 181 -28.23 16.72 -21.61
N THR F 182 -27.19 16.34 -22.36
CA THR F 182 -27.26 15.17 -23.23
C THR F 182 -27.14 13.85 -22.48
N ASN F 183 -26.83 13.89 -21.18
CA ASN F 183 -26.65 12.67 -20.40
C ASN F 183 -27.98 11.94 -20.23
N GLY F 184 -27.90 10.68 -19.84
CA GLY F 184 -29.10 9.97 -19.43
C GLY F 184 -29.63 10.52 -18.12
N VAL F 185 -30.90 10.22 -17.85
CA VAL F 185 -31.57 10.79 -16.67
C VAL F 185 -30.86 10.37 -15.39
N GLY F 186 -30.19 9.21 -15.39
CA GLY F 186 -29.44 8.79 -14.22
C GLY F 186 -28.27 9.71 -13.92
N TYR F 187 -27.69 10.31 -14.97
CA TYR F 187 -26.57 11.23 -14.81
C TYR F 187 -27.02 12.68 -14.64
N GLN F 188 -28.29 12.98 -14.87
CA GLN F 188 -28.79 14.33 -14.79
C GLN F 188 -28.87 14.81 -13.33
N PRO F 189 -28.77 16.12 -13.10
CA PRO F 189 -28.87 16.63 -11.73
C PRO F 189 -30.29 16.59 -11.19
N TYR F 190 -30.40 16.19 -9.92
CA TYR F 190 -31.65 16.19 -9.17
C TYR F 190 -31.48 17.03 -7.92
N ARG F 191 -32.48 17.87 -7.64
CA ARG F 191 -32.53 18.67 -6.43
C ARG F 191 -33.28 17.89 -5.36
N VAL F 192 -32.71 17.82 -4.16
CA VAL F 192 -33.21 16.99 -3.08
C VAL F 192 -33.42 17.87 -1.86
N VAL F 193 -34.58 17.72 -1.21
CA VAL F 193 -34.90 18.37 0.05
C VAL F 193 -35.34 17.28 1.03
N VAL F 194 -34.70 17.24 2.19
CA VAL F 194 -35.01 16.28 3.25
C VAL F 194 -35.61 17.05 4.42
N LEU F 195 -36.85 16.73 4.76
CA LEU F 195 -37.52 17.31 5.92
C LEU F 195 -37.47 16.29 7.06
N SER F 196 -36.80 16.66 8.15
CA SER F 196 -36.70 15.82 9.33
C SER F 196 -37.38 16.50 10.50
N PHE F 197 -38.15 15.73 11.26
CA PHE F 197 -38.97 16.24 12.36
C PHE F 197 -38.41 15.76 13.69
N GLU F 198 -37.83 16.68 14.47
CA GLU F 198 -37.15 16.37 15.72
C GLU F 198 -38.06 16.66 16.90
N LEU F 199 -38.35 15.63 17.69
CA LEU F 199 -39.09 15.73 18.94
C LEU F 199 -38.15 15.41 20.09
N LEU F 200 -38.09 16.31 21.09
CA LEU F 200 -37.15 16.22 22.21
C LEU F 200 -37.74 16.52 23.58
N HIS F 201 -36.88 16.98 24.50
CA HIS F 201 -37.24 17.37 25.86
C HIS F 201 -37.73 18.80 25.93
N ALA F 202 -38.52 19.27 24.97
CA ALA F 202 -38.74 20.70 24.86
C ALA F 202 -40.18 21.00 24.45
N PRO F 203 -40.65 22.21 24.71
CA PRO F 203 -41.96 22.62 24.19
C PRO F 203 -41.96 22.59 22.67
N ALA F 204 -43.06 22.09 22.10
CA ALA F 204 -43.16 22.02 20.65
C ALA F 204 -43.39 23.42 20.09
N THR F 205 -42.66 23.74 19.02
CA THR F 205 -42.73 25.06 18.41
C THR F 205 -43.20 25.04 16.96
N VAL F 206 -43.23 23.88 16.32
CA VAL F 206 -43.74 23.75 14.95
C VAL F 206 -44.96 22.82 15.00
N CYS F 207 -46.09 23.32 14.51
CA CYS F 207 -47.30 22.53 14.42
C CYS F 207 -48.08 22.91 13.17
N GLY F 208 -49.08 22.09 12.85
CA GLY F 208 -49.89 22.27 11.68
C GLY F 208 -51.11 23.08 12.07
N PRO F 209 -52.00 23.35 11.11
CA PRO F 209 -53.22 24.08 11.45
C PRO F 209 -54.08 23.38 12.49
N LYS F 210 -54.18 22.06 12.46
CA LYS F 210 -54.89 21.35 13.51
C LYS F 210 -53.99 21.18 14.74
N GLN G 1 6.73 3.83 -6.38
CA GLN G 1 6.65 2.39 -6.58
C GLN G 1 5.42 1.81 -5.89
N VAL G 2 4.64 1.02 -6.64
CA VAL G 2 3.48 0.31 -6.11
C VAL G 2 3.67 -1.18 -6.40
N GLN G 3 3.32 -2.02 -5.44
CA GLN G 3 3.44 -3.47 -5.58
C GLN G 3 2.18 -4.13 -5.07
N LEU G 4 1.66 -5.09 -5.85
CA LEU G 4 0.51 -5.89 -5.48
C LEU G 4 0.84 -7.34 -5.81
N VAL G 5 0.84 -8.20 -4.79
CA VAL G 5 1.24 -9.60 -4.95
C VAL G 5 0.15 -10.49 -4.38
N GLU G 6 -0.29 -11.47 -5.18
CA GLU G 6 -1.44 -12.29 -4.81
C GLU G 6 -1.03 -13.68 -4.36
N SER G 7 -1.93 -14.31 -3.62
CA SER G 7 -1.68 -15.52 -2.88
C SER G 7 -2.98 -16.30 -2.74
N GLY G 8 -2.89 -17.62 -2.85
CA GLY G 8 -3.96 -18.50 -2.41
C GLY G 8 -4.70 -19.22 -3.49
N GLY G 9 -4.36 -18.98 -4.76
CA GLY G 9 -5.03 -19.70 -5.83
C GLY G 9 -4.66 -21.18 -5.85
N GLY G 10 -5.62 -22.00 -6.26
CA GLY G 10 -5.40 -23.42 -6.31
C GLY G 10 -6.64 -24.15 -6.75
N LEU G 11 -6.57 -25.47 -6.68
CA LEU G 11 -7.71 -26.31 -7.04
C LEU G 11 -8.62 -26.51 -5.83
N ILE G 12 -9.92 -26.43 -6.08
CA ILE G 12 -10.94 -26.62 -5.04
C ILE G 12 -12.14 -27.30 -5.70
N GLN G 13 -12.77 -28.23 -4.99
CA GLN G 13 -13.92 -28.91 -5.57
C GLN G 13 -15.16 -28.03 -5.44
N PRO G 14 -16.17 -28.27 -6.28
CA PRO G 14 -17.39 -27.45 -6.23
C PRO G 14 -18.05 -27.48 -4.86
N GLY G 15 -18.53 -26.31 -4.42
CA GLY G 15 -19.09 -26.13 -3.11
C GLY G 15 -18.09 -25.82 -2.01
N GLY G 16 -16.80 -25.86 -2.31
CA GLY G 16 -15.78 -25.58 -1.32
C GLY G 16 -15.53 -24.09 -1.16
N SER G 17 -14.51 -23.79 -0.35
CA SER G 17 -14.16 -22.41 -0.02
C SER G 17 -12.67 -22.18 -0.24
N LEU G 18 -12.34 -20.95 -0.63
CA LEU G 18 -10.95 -20.54 -0.82
C LEU G 18 -10.81 -19.10 -0.36
N ARG G 19 -9.59 -18.73 0.02
CA ARG G 19 -9.31 -17.37 0.47
C ARG G 19 -8.11 -16.83 -0.28
N LEU G 20 -8.34 -15.79 -1.07
CA LEU G 20 -7.26 -15.11 -1.78
C LEU G 20 -6.76 -13.94 -0.95
N SER G 21 -5.44 -13.78 -0.92
CA SER G 21 -4.81 -12.66 -0.25
C SER G 21 -4.04 -11.85 -1.28
N CYS G 22 -3.98 -10.54 -1.05
CA CYS G 22 -3.27 -9.63 -1.93
C CYS G 22 -2.50 -8.65 -1.05
N ALA G 23 -1.20 -8.86 -0.93
CA ALA G 23 -0.34 -7.94 -0.20
C ALA G 23 -0.05 -6.72 -1.06
N ALA G 24 -0.08 -5.55 -0.43
CA ALA G 24 0.08 -4.28 -1.12
C ALA G 24 1.19 -3.47 -0.48
N SER G 25 1.93 -2.75 -1.32
CA SER G 25 3.03 -1.91 -0.88
C SER G 25 3.04 -0.65 -1.74
N GLY G 26 3.38 0.48 -1.13
CA GLY G 26 3.46 1.74 -1.84
C GLY G 26 2.24 2.62 -1.68
N PHE G 27 1.21 2.14 -0.98
CA PHE G 27 0.06 2.94 -0.63
C PHE G 27 -0.58 2.30 0.60
N THR G 28 -1.41 3.06 1.29
CA THR G 28 -2.07 2.58 2.50
C THR G 28 -3.41 1.94 2.14
N VAL G 29 -3.54 0.65 2.44
CA VAL G 29 -4.71 -0.11 2.01
C VAL G 29 -5.99 0.38 2.67
N SER G 30 -5.88 1.04 3.82
CA SER G 30 -7.04 1.46 4.61
C SER G 30 -7.63 2.78 4.17
N SER G 31 -6.96 3.51 3.28
CA SER G 31 -7.45 4.81 2.83
C SER G 31 -7.71 4.81 1.33
N ASN G 32 -7.81 3.64 0.73
CA ASN G 32 -8.01 3.53 -0.71
C ASN G 32 -9.15 2.55 -1.01
N TYR G 33 -9.85 2.82 -2.10
CA TYR G 33 -10.74 1.82 -2.66
C TYR G 33 -9.90 0.67 -3.21
N MET G 34 -10.38 -0.55 -3.03
CA MET G 34 -9.70 -1.70 -3.61
C MET G 34 -10.74 -2.66 -4.19
N SER G 35 -10.31 -3.46 -5.16
CA SER G 35 -11.27 -4.30 -5.86
C SER G 35 -10.65 -5.63 -6.26
N TRP G 36 -11.54 -6.59 -6.50
CA TRP G 36 -11.20 -7.88 -7.07
C TRP G 36 -11.90 -7.97 -8.42
N VAL G 37 -11.11 -8.28 -9.46
CA VAL G 37 -11.52 -8.36 -10.86
C VAL G 37 -11.10 -9.74 -11.38
N ARG G 38 -12.05 -10.56 -11.79
CA ARG G 38 -11.68 -11.88 -12.27
C ARG G 38 -11.79 -11.96 -13.79
N GLN G 39 -11.03 -12.91 -14.36
CA GLN G 39 -10.98 -13.12 -15.80
C GLN G 39 -11.01 -14.62 -16.05
N ALA G 40 -12.10 -15.10 -16.66
CA ALA G 40 -12.19 -16.50 -17.02
C ALA G 40 -11.16 -16.85 -18.09
N PRO G 41 -10.75 -18.11 -18.18
CA PRO G 41 -9.73 -18.49 -19.17
C PRO G 41 -10.17 -18.19 -20.59
N GLY G 42 -9.41 -17.34 -21.27
CA GLY G 42 -9.72 -16.97 -22.64
C GLY G 42 -10.88 -16.04 -22.82
N LYS G 43 -11.31 -15.36 -21.76
CA LYS G 43 -12.45 -14.46 -21.82
C LYS G 43 -12.03 -13.06 -21.35
N GLY G 44 -13.01 -12.19 -21.17
CA GLY G 44 -12.78 -10.82 -20.76
C GLY G 44 -12.70 -10.66 -19.25
N LEU G 45 -12.68 -9.40 -18.83
CA LEU G 45 -12.60 -9.04 -17.42
C LEU G 45 -13.99 -8.80 -16.85
N GLU G 46 -14.20 -9.29 -15.63
CA GLU G 46 -15.46 -9.11 -14.91
C GLU G 46 -15.15 -8.58 -13.52
N TRP G 47 -15.69 -7.40 -13.19
CA TRP G 47 -15.50 -6.86 -11.85
C TRP G 47 -16.29 -7.70 -10.85
N VAL G 48 -15.65 -8.08 -9.76
CA VAL G 48 -16.23 -8.98 -8.78
C VAL G 48 -16.64 -8.23 -7.52
N SER G 49 -15.73 -7.48 -6.91
CA SER G 49 -16.12 -6.81 -5.67
C SER G 49 -15.25 -5.60 -5.41
N VAL G 50 -15.74 -4.74 -4.52
CA VAL G 50 -15.02 -3.52 -4.14
C VAL G 50 -15.23 -3.25 -2.65
N ILE G 51 -14.19 -2.74 -2.01
CA ILE G 51 -14.26 -2.19 -0.67
C ILE G 51 -13.84 -0.73 -0.74
N TYR G 52 -14.69 0.15 -0.21
CA TYR G 52 -14.46 1.59 -0.21
C TYR G 52 -13.43 1.97 0.84
N SER G 53 -12.97 3.22 0.77
CA SER G 53 -12.04 3.73 1.78
C SER G 53 -12.69 3.76 3.16
N GLY G 54 -14.00 3.98 3.23
CA GLY G 54 -14.71 3.99 4.49
C GLY G 54 -15.12 2.64 5.01
N GLY G 55 -14.82 1.56 4.28
CA GLY G 55 -15.09 0.22 4.74
C GLY G 55 -16.33 -0.43 4.17
N SER G 56 -17.17 0.32 3.47
CA SER G 56 -18.38 -0.27 2.90
C SER G 56 -18.03 -1.11 1.69
N THR G 57 -18.77 -2.20 1.50
CA THR G 57 -18.42 -3.21 0.52
C THR G 57 -19.56 -3.41 -0.47
N PHE G 58 -19.20 -3.74 -1.71
CA PHE G 58 -20.19 -4.02 -2.74
C PHE G 58 -19.70 -5.18 -3.61
N TYR G 59 -20.66 -5.94 -4.13
CA TYR G 59 -20.36 -7.15 -4.89
C TYR G 59 -21.22 -7.18 -6.14
N ALA G 60 -20.79 -8.00 -7.10
CA ALA G 60 -21.58 -8.26 -8.28
C ALA G 60 -22.65 -9.31 -7.99
N ASP G 61 -23.68 -9.36 -8.85
CA ASP G 61 -24.79 -10.26 -8.63
C ASP G 61 -24.36 -11.73 -8.69
N SER G 62 -23.39 -12.04 -9.55
CA SER G 62 -22.96 -13.43 -9.71
C SER G 62 -22.27 -13.98 -8.47
N VAL G 63 -21.76 -13.12 -7.60
CA VAL G 63 -20.99 -13.53 -6.44
C VAL G 63 -21.61 -13.07 -5.13
N LYS G 64 -22.75 -12.37 -5.16
CA LYS G 64 -23.33 -11.83 -3.94
C LYS G 64 -23.87 -12.96 -3.08
N GLY G 65 -23.71 -12.81 -1.76
CA GLY G 65 -24.06 -13.84 -0.81
C GLY G 65 -23.05 -14.95 -0.64
N ARG G 66 -22.08 -15.05 -1.54
CA ARG G 66 -21.06 -16.09 -1.49
C ARG G 66 -19.66 -15.55 -1.28
N PHE G 67 -19.33 -14.41 -1.85
CA PHE G 67 -18.02 -13.80 -1.73
C PHE G 67 -18.05 -12.70 -0.67
N THR G 68 -16.96 -12.58 0.06
CA THR G 68 -16.81 -11.53 1.07
C THR G 68 -15.44 -10.89 0.90
N ILE G 69 -15.41 -9.60 0.63
CA ILE G 69 -14.16 -8.86 0.54
C ILE G 69 -13.83 -8.28 1.91
N SER G 70 -12.55 -8.25 2.24
CA SER G 70 -12.10 -7.83 3.56
C SER G 70 -10.71 -7.23 3.43
N ARG G 71 -10.25 -6.59 4.51
CA ARG G 71 -8.90 -6.06 4.51
C ARG G 71 -8.30 -6.13 5.91
N ASP G 72 -7.01 -6.44 5.97
CA ASP G 72 -6.24 -6.39 7.21
C ASP G 72 -5.20 -5.30 7.05
N ASN G 73 -5.40 -4.20 7.77
CA ASN G 73 -4.52 -3.04 7.71
C ASN G 73 -3.22 -3.28 8.45
N SER G 74 -3.19 -4.24 9.38
CA SER G 74 -1.98 -4.53 10.14
C SER G 74 -1.04 -5.46 9.38
N LYS G 75 -1.52 -6.10 8.31
CA LYS G 75 -0.70 -6.88 7.42
C LYS G 75 -0.68 -6.29 6.01
N SER G 76 -1.33 -5.15 5.81
CA SER G 76 -1.46 -4.49 4.51
C SER G 76 -1.89 -5.48 3.43
N THR G 77 -2.99 -6.18 3.70
CA THR G 77 -3.47 -7.21 2.79
C THR G 77 -4.95 -7.02 2.52
N LEU G 78 -5.35 -7.33 1.29
CA LEU G 78 -6.74 -7.37 0.90
C LEU G 78 -7.14 -8.83 0.70
N TYR G 79 -8.29 -9.21 1.23
CA TYR G 79 -8.73 -10.59 1.21
C TYR G 79 -10.02 -10.72 0.43
N LEU G 80 -10.15 -11.85 -0.26
CA LEU G 80 -11.39 -12.24 -0.92
C LEU G 80 -11.70 -13.67 -0.49
N GLN G 81 -12.77 -13.86 0.27
CA GLN G 81 -13.20 -15.18 0.70
C GLN G 81 -14.33 -15.64 -0.21
N MET G 82 -14.21 -16.85 -0.74
CA MET G 82 -15.14 -17.42 -1.70
C MET G 82 -15.69 -18.70 -1.09
N ASN G 83 -16.98 -18.69 -0.75
CA ASN G 83 -17.67 -19.89 -0.28
C ASN G 83 -18.63 -20.40 -1.34
N SER G 84 -18.94 -21.70 -1.23
CA SER G 84 -19.81 -22.41 -2.16
C SER G 84 -19.43 -22.10 -3.62
N LEU G 85 -18.22 -22.50 -3.97
CA LEU G 85 -17.68 -22.18 -5.28
C LEU G 85 -18.34 -23.04 -6.36
N ARG G 86 -18.56 -22.44 -7.53
CA ARG G 86 -19.04 -23.15 -8.69
C ARG G 86 -17.95 -23.19 -9.76
N VAL G 87 -18.14 -24.07 -10.75
CA VAL G 87 -17.10 -24.23 -11.77
C VAL G 87 -17.02 -22.99 -12.65
N GLU G 88 -18.12 -22.23 -12.78
CA GLU G 88 -18.09 -20.99 -13.54
C GLU G 88 -17.25 -19.92 -12.86
N ASP G 89 -16.92 -20.09 -11.59
CA ASP G 89 -16.02 -19.17 -10.90
C ASP G 89 -14.56 -19.45 -11.21
N THR G 90 -14.26 -20.51 -11.95
CA THR G 90 -12.89 -20.81 -12.33
C THR G 90 -12.34 -19.68 -13.18
N ALA G 91 -11.27 -19.05 -12.71
CA ALA G 91 -10.75 -17.86 -13.39
C ALA G 91 -9.43 -17.45 -12.74
N VAL G 92 -8.75 -16.51 -13.39
CA VAL G 92 -7.62 -15.82 -12.77
C VAL G 92 -8.15 -14.57 -12.10
N TYR G 93 -7.94 -14.46 -10.79
CA TYR G 93 -8.43 -13.35 -10.00
C TYR G 93 -7.32 -12.33 -9.83
N TYR G 94 -7.63 -11.07 -10.13
CA TYR G 94 -6.71 -9.95 -10.07
C TYR G 94 -7.13 -9.04 -8.92
N CYS G 95 -6.17 -8.69 -8.08
CA CYS G 95 -6.33 -7.66 -7.06
C CYS G 95 -5.93 -6.31 -7.66
N ALA G 96 -6.77 -5.29 -7.48
CA ALA G 96 -6.50 -3.99 -8.07
C ALA G 96 -6.78 -2.85 -7.11
N ARG G 97 -5.87 -1.87 -7.07
CA ARG G 97 -6.14 -0.62 -6.38
C ARG G 97 -7.10 0.21 -7.21
N ASP G 98 -8.15 0.73 -6.57
CA ASP G 98 -9.28 1.35 -7.25
C ASP G 98 -9.30 2.84 -6.93
N PHE G 99 -9.43 3.67 -7.97
CA PHE G 99 -9.49 5.12 -7.79
C PHE G 99 -10.94 5.55 -7.66
N GLY G 100 -11.46 5.50 -6.43
CA GLY G 100 -12.79 6.02 -6.14
C GLY G 100 -13.91 5.30 -6.85
N ASP G 101 -13.86 3.97 -6.91
CA ASP G 101 -14.88 3.15 -7.57
C ASP G 101 -15.01 3.52 -9.05
N PHE G 102 -13.92 4.00 -9.66
CA PHE G 102 -13.94 4.45 -11.05
C PHE G 102 -13.11 3.54 -11.95
N TYR G 103 -11.79 3.52 -11.78
CA TYR G 103 -10.91 2.74 -12.64
C TYR G 103 -9.78 2.16 -11.80
N PHE G 104 -9.09 1.18 -12.39
CA PHE G 104 -8.08 0.39 -11.69
C PHE G 104 -6.71 0.80 -12.20
N ASP G 105 -5.98 1.59 -11.40
CA ASP G 105 -4.71 2.16 -11.83
C ASP G 105 -3.51 1.28 -11.52
N TYR G 106 -3.65 0.28 -10.65
CA TYR G 106 -2.57 -0.65 -10.34
C TYR G 106 -3.17 -2.02 -10.11
N TRP G 107 -2.53 -3.05 -10.67
CA TRP G 107 -3.02 -4.42 -10.61
C TRP G 107 -1.97 -5.35 -10.04
N GLY G 108 -2.42 -6.42 -9.40
CA GLY G 108 -1.55 -7.52 -9.04
C GLY G 108 -1.39 -8.50 -10.19
N GLN G 109 -0.46 -9.44 -10.03
CA GLN G 109 -0.16 -10.39 -11.09
C GLN G 109 -1.29 -11.39 -11.32
N GLY G 110 -2.21 -11.53 -10.38
CA GLY G 110 -3.30 -12.49 -10.52
C GLY G 110 -2.92 -13.87 -10.02
N THR G 111 -3.93 -14.59 -9.53
CA THR G 111 -3.76 -15.96 -9.09
C THR G 111 -4.91 -16.81 -9.65
N LEU G 112 -4.61 -18.06 -9.99
CA LEU G 112 -5.56 -18.89 -10.71
C LEU G 112 -6.36 -19.75 -9.74
N VAL G 113 -7.69 -19.69 -9.85
CA VAL G 113 -8.61 -20.46 -9.03
C VAL G 113 -9.33 -21.45 -9.95
N THR G 114 -9.10 -22.74 -9.72
CA THR G 114 -9.70 -23.82 -10.49
C THR G 114 -10.75 -24.52 -9.62
N VAL G 115 -11.98 -24.57 -10.12
CA VAL G 115 -13.08 -25.24 -9.43
C VAL G 115 -13.44 -26.48 -10.23
N SER G 116 -13.05 -27.65 -9.72
CA SER G 116 -13.20 -28.89 -10.46
C SER G 116 -13.30 -30.05 -9.48
N SER G 117 -14.04 -31.08 -9.87
CA SER G 117 -14.05 -32.32 -9.10
C SER G 117 -12.88 -33.24 -9.46
N ALA G 118 -12.02 -32.84 -10.38
CA ALA G 118 -10.89 -33.66 -10.78
C ALA G 118 -9.79 -33.66 -9.72
N SER G 119 -9.10 -34.78 -9.62
CA SER G 119 -7.96 -34.90 -8.71
C SER G 119 -6.70 -34.34 -9.36
N THR G 120 -5.86 -33.72 -8.53
CA THR G 120 -4.55 -33.30 -8.99
C THR G 120 -3.68 -34.52 -9.33
N LYS G 121 -2.95 -34.43 -10.43
CA LYS G 121 -1.98 -35.45 -10.80
C LYS G 121 -0.69 -34.77 -11.22
N GLY G 122 0.43 -35.29 -10.72
CA GLY G 122 1.72 -34.76 -11.08
C GLY G 122 2.09 -35.12 -12.49
N PRO G 123 2.89 -34.28 -13.13
CA PRO G 123 3.26 -34.52 -14.53
C PRO G 123 4.39 -35.51 -14.66
N SER G 124 4.47 -36.11 -15.84
CA SER G 124 5.60 -36.93 -16.24
C SER G 124 6.40 -36.14 -17.26
N VAL G 125 7.72 -36.10 -17.10
CA VAL G 125 8.60 -35.29 -17.93
C VAL G 125 9.47 -36.22 -18.77
N PHE G 126 9.44 -35.99 -20.08
CA PHE G 126 10.20 -36.79 -21.02
C PHE G 126 11.06 -35.88 -21.88
N PRO G 127 12.19 -36.37 -22.35
CA PRO G 127 13.07 -35.53 -23.17
C PRO G 127 12.65 -35.54 -24.64
N LEU G 128 12.87 -34.39 -25.28
CA LEU G 128 12.77 -34.26 -26.73
C LEU G 128 14.19 -34.01 -27.19
N ALA G 129 14.85 -35.07 -27.62
CA ALA G 129 16.28 -35.09 -27.87
C ALA G 129 16.61 -34.37 -29.18
N PRO G 130 17.79 -33.76 -29.27
CA PRO G 130 18.18 -33.12 -30.53
C PRO G 130 18.42 -34.18 -31.59
N SER G 131 18.29 -33.78 -32.86
CA SER G 131 18.33 -34.77 -33.92
C SER G 131 19.76 -35.16 -34.22
N SER G 132 19.93 -36.41 -34.64
CA SER G 132 21.24 -36.92 -35.03
C SER G 132 21.65 -36.45 -36.41
N LYS G 133 20.70 -36.21 -37.29
CA LYS G 133 20.97 -35.57 -38.59
C LYS G 133 21.15 -34.07 -38.46
N SER G 134 21.77 -33.62 -37.35
CA SER G 134 21.89 -32.21 -37.06
C SER G 134 22.80 -31.52 -38.07
N THR G 135 22.80 -30.18 -38.00
CA THR G 135 23.55 -29.37 -38.95
C THR G 135 25.04 -29.41 -38.64
N SER G 136 25.81 -28.79 -39.54
CA SER G 136 27.24 -28.60 -39.33
C SER G 136 27.48 -27.80 -38.06
N GLY G 137 27.26 -26.48 -38.15
CA GLY G 137 27.34 -25.60 -37.01
C GLY G 137 26.13 -24.69 -36.94
N GLY G 138 25.06 -25.08 -37.64
CA GLY G 138 23.81 -24.35 -37.64
C GLY G 138 23.06 -24.47 -36.34
N THR G 139 21.73 -24.51 -36.41
CA THR G 139 20.89 -24.54 -35.22
C THR G 139 20.17 -25.88 -35.11
N ALA G 140 20.15 -26.42 -33.88
CA ALA G 140 19.43 -27.63 -33.55
C ALA G 140 18.46 -27.33 -32.44
N ALA G 141 17.43 -28.14 -32.32
CA ALA G 141 16.37 -27.91 -31.34
C ALA G 141 16.27 -29.07 -30.37
N LEU G 142 16.01 -28.75 -29.10
CA LEU G 142 15.79 -29.75 -28.07
C LEU G 142 14.67 -29.26 -27.17
N GLY G 143 14.22 -30.11 -26.25
CA GLY G 143 13.17 -29.65 -25.35
C GLY G 143 12.75 -30.71 -24.34
N CYS G 144 11.68 -30.37 -23.64
CA CYS G 144 11.07 -31.22 -22.63
C CYS G 144 9.56 -31.26 -22.85
N LEU G 145 8.99 -32.46 -22.70
CA LEU G 145 7.55 -32.68 -22.80
C LEU G 145 7.01 -33.02 -21.42
N VAL G 146 6.12 -32.18 -20.91
CA VAL G 146 5.52 -32.33 -19.60
C VAL G 146 4.08 -32.76 -19.80
N LYS G 147 3.78 -34.03 -19.54
CA LYS G 147 2.51 -34.62 -19.94
C LYS G 147 1.72 -35.06 -18.71
N ASP G 148 0.38 -35.02 -18.86
CA ASP G 148 -0.55 -35.66 -17.93
C ASP G 148 -0.44 -35.03 -16.53
N TYR G 149 -0.79 -33.75 -16.45
CA TYR G 149 -0.82 -33.03 -15.20
C TYR G 149 -2.12 -32.23 -15.08
N PHE G 150 -2.49 -31.95 -13.83
CA PHE G 150 -3.68 -31.20 -13.49
C PHE G 150 -3.58 -30.76 -12.03
N PRO G 151 -4.00 -29.53 -11.70
CA PRO G 151 -4.46 -28.54 -12.67
C PRO G 151 -3.32 -27.65 -13.13
N GLU G 152 -3.65 -26.51 -13.72
CA GLU G 152 -2.66 -25.52 -14.09
C GLU G 152 -2.22 -24.76 -12.85
N PRO G 153 -1.01 -24.16 -12.87
CA PRO G 153 -0.06 -24.15 -13.98
C PRO G 153 1.18 -25.00 -13.75
N VAL G 154 2.00 -25.13 -14.79
CA VAL G 154 3.31 -25.76 -14.72
C VAL G 154 4.33 -24.74 -15.17
N THR G 155 5.45 -24.65 -14.44
CA THR G 155 6.51 -23.69 -14.72
C THR G 155 7.77 -24.42 -15.18
N VAL G 156 8.29 -24.04 -16.34
CA VAL G 156 9.48 -24.66 -16.90
C VAL G 156 10.57 -23.61 -17.03
N SER G 157 11.80 -24.01 -16.69
CA SER G 157 13.00 -23.20 -16.90
C SER G 157 14.08 -24.09 -17.52
N TRP G 158 15.19 -23.45 -17.90
CA TRP G 158 16.28 -24.14 -18.57
C TRP G 158 17.60 -23.76 -17.91
N ASN G 159 18.33 -24.76 -17.43
CA ASN G 159 19.62 -24.56 -16.76
C ASN G 159 19.50 -23.60 -15.57
N SER G 160 18.41 -23.75 -14.81
CA SER G 160 18.17 -22.96 -13.61
C SER G 160 18.16 -21.47 -13.90
N GLY G 161 17.53 -21.09 -15.02
CA GLY G 161 17.38 -19.69 -15.38
C GLY G 161 18.51 -19.11 -16.20
N ALA G 162 19.59 -19.86 -16.43
CA ALA G 162 20.71 -19.33 -17.21
C ALA G 162 20.38 -19.29 -18.71
N LEU G 163 19.46 -20.15 -19.15
CA LEU G 163 19.08 -20.26 -20.56
C LEU G 163 17.72 -19.60 -20.77
N THR G 164 17.69 -18.49 -21.50
CA THR G 164 16.40 -17.85 -21.77
C THR G 164 16.19 -17.43 -23.21
N SER G 165 17.26 -17.11 -23.93
CA SER G 165 17.12 -16.70 -25.33
C SER G 165 16.94 -17.93 -26.21
N GLY G 166 15.95 -17.86 -27.10
CA GLY G 166 15.66 -18.98 -27.97
C GLY G 166 14.72 -20.00 -27.37
N VAL G 167 14.12 -19.70 -26.21
CA VAL G 167 13.27 -20.65 -25.51
C VAL G 167 11.82 -20.33 -25.85
N HIS G 168 11.04 -21.39 -26.05
CA HIS G 168 9.62 -21.28 -26.38
C HIS G 168 8.89 -22.33 -25.57
N THR G 169 8.12 -21.89 -24.58
CA THR G 169 7.27 -22.78 -23.80
C THR G 169 5.84 -22.59 -24.27
N PHE G 170 5.26 -23.65 -24.80
CA PHE G 170 3.98 -23.52 -25.47
C PHE G 170 2.85 -23.50 -24.45
N PRO G 171 1.72 -22.88 -24.78
CA PRO G 171 0.55 -22.95 -23.90
C PRO G 171 0.09 -24.40 -23.73
N ALA G 172 -0.45 -24.68 -22.55
CA ALA G 172 -0.92 -26.02 -22.25
C ALA G 172 -2.11 -26.38 -23.13
N VAL G 173 -2.17 -27.66 -23.52
CA VAL G 173 -3.29 -28.21 -24.27
C VAL G 173 -4.04 -29.17 -23.37
N LEU G 174 -5.37 -29.08 -23.39
CA LEU G 174 -6.22 -29.97 -22.61
C LEU G 174 -6.49 -31.22 -23.43
N GLN G 175 -5.92 -32.34 -23.01
CA GLN G 175 -6.17 -33.62 -23.67
C GLN G 175 -7.61 -34.06 -23.43
N SER G 176 -8.05 -35.08 -24.17
CA SER G 176 -9.39 -35.59 -23.97
C SER G 176 -9.53 -36.40 -22.69
N SER G 177 -8.41 -36.86 -22.11
CA SER G 177 -8.39 -37.45 -20.78
C SER G 177 -8.91 -36.50 -19.71
N GLY G 178 -8.88 -35.19 -19.96
CA GLY G 178 -9.09 -34.20 -18.94
C GLY G 178 -7.83 -33.70 -18.25
N LEU G 179 -6.66 -34.13 -18.70
CA LEU G 179 -5.38 -33.69 -18.16
C LEU G 179 -4.72 -32.73 -19.12
N TYR G 180 -3.64 -32.10 -18.64
CA TYR G 180 -2.92 -31.10 -19.42
C TYR G 180 -1.56 -31.64 -19.83
N SER G 181 -1.07 -31.15 -20.96
CA SER G 181 0.30 -31.41 -21.39
C SER G 181 0.84 -30.17 -22.09
N LEU G 182 2.17 -30.11 -22.16
CA LEU G 182 2.87 -28.89 -22.50
C LEU G 182 4.25 -29.28 -23.01
N SER G 183 4.83 -28.41 -23.84
CA SER G 183 6.16 -28.65 -24.36
C SER G 183 6.95 -27.36 -24.25
N SER G 184 8.23 -27.47 -23.91
CA SER G 184 9.11 -26.32 -23.96
C SER G 184 10.37 -26.71 -24.73
N VAL G 185 10.71 -25.91 -25.74
CA VAL G 185 11.81 -26.21 -26.64
C VAL G 185 12.76 -25.01 -26.64
N VAL G 186 14.00 -25.28 -27.07
CA VAL G 186 14.97 -24.21 -27.27
C VAL G 186 15.89 -24.63 -28.40
N THR G 187 16.39 -23.62 -29.11
CA THR G 187 17.26 -23.79 -30.28
C THR G 187 18.64 -23.29 -29.93
N VAL G 188 19.65 -24.14 -30.14
CA VAL G 188 21.02 -23.83 -29.75
C VAL G 188 21.93 -24.20 -30.92
N PRO G 189 23.14 -23.64 -30.95
CA PRO G 189 24.08 -23.99 -32.02
C PRO G 189 24.47 -25.46 -31.96
N SER G 190 24.57 -26.08 -33.14
CA SER G 190 24.95 -27.49 -33.16
C SER G 190 26.42 -27.67 -32.80
N SER G 191 27.22 -26.59 -32.86
CA SER G 191 28.45 -26.52 -32.10
C SER G 191 28.31 -27.08 -30.67
N SER G 192 27.27 -26.67 -29.97
CA SER G 192 27.22 -26.68 -28.50
C SER G 192 26.98 -28.05 -27.86
N LEU G 193 26.49 -29.05 -28.61
CA LEU G 193 25.80 -30.18 -27.97
C LEU G 193 26.74 -31.09 -27.16
N GLY G 194 27.96 -31.32 -27.65
CA GLY G 194 28.88 -32.17 -26.90
C GLY G 194 29.43 -31.47 -25.67
N THR G 195 29.89 -30.23 -25.84
CA THR G 195 30.38 -29.45 -24.72
C THR G 195 29.29 -29.18 -23.69
N GLN G 196 28.27 -28.42 -24.08
CA GLN G 196 27.27 -27.94 -23.12
C GLN G 196 26.30 -29.04 -22.72
N THR G 197 25.86 -28.98 -21.48
CA THR G 197 24.84 -29.87 -20.93
C THR G 197 23.57 -29.06 -20.69
N TYR G 198 22.44 -29.58 -21.19
CA TYR G 198 21.16 -28.88 -21.16
C TYR G 198 20.20 -29.63 -20.26
N ILE G 199 19.66 -28.94 -19.25
CA ILE G 199 18.73 -29.51 -18.30
C ILE G 199 17.54 -28.56 -18.15
N CYS G 200 16.33 -29.10 -18.21
CA CYS G 200 15.11 -28.33 -17.98
C CYS G 200 14.58 -28.62 -16.58
N ASN G 201 14.20 -27.56 -15.88
CA ASN G 201 13.64 -27.64 -14.53
C ASN G 201 12.14 -27.39 -14.62
N VAL G 202 11.35 -28.42 -14.31
CA VAL G 202 9.90 -28.33 -14.37
C VAL G 202 9.37 -28.37 -12.93
N ASN G 203 8.41 -27.51 -12.64
CA ASN G 203 7.85 -27.36 -11.32
C ASN G 203 6.33 -27.29 -11.43
N HIS G 204 5.64 -28.20 -10.75
CA HIS G 204 4.18 -28.24 -10.67
C HIS G 204 3.84 -28.18 -9.18
N LYS G 205 3.54 -26.97 -8.70
CA LYS G 205 3.29 -26.69 -7.29
C LYS G 205 1.99 -27.31 -6.76
N PRO G 206 0.91 -27.41 -7.55
CA PRO G 206 -0.29 -28.09 -7.04
C PRO G 206 -0.05 -29.54 -6.64
N SER G 207 0.97 -30.19 -7.18
CA SER G 207 1.31 -31.56 -6.80
C SER G 207 2.61 -31.66 -6.03
N ASN G 208 3.31 -30.54 -5.82
CA ASN G 208 4.63 -30.52 -5.17
C ASN G 208 5.62 -31.38 -5.94
N THR G 209 5.65 -31.21 -7.26
CA THR G 209 6.53 -31.98 -8.14
C THR G 209 7.61 -31.06 -8.69
N LYS G 210 8.87 -31.42 -8.48
CA LYS G 210 10.01 -30.69 -9.03
C LYS G 210 10.94 -31.69 -9.70
N VAL G 211 11.09 -31.58 -11.02
CA VAL G 211 11.89 -32.52 -11.77
C VAL G 211 12.94 -31.75 -12.57
N ASP G 212 14.19 -32.12 -12.40
CA ASP G 212 15.28 -31.59 -13.22
C ASP G 212 15.66 -32.69 -14.21
N LYS G 213 15.22 -32.53 -15.46
CA LYS G 213 15.42 -33.55 -16.48
C LYS G 213 16.41 -33.01 -17.50
N LYS G 214 17.50 -33.75 -17.73
CA LYS G 214 18.58 -33.36 -18.61
C LYS G 214 18.45 -34.09 -19.93
N VAL G 215 18.71 -33.38 -21.03
CA VAL G 215 18.48 -33.90 -22.37
C VAL G 215 19.82 -34.03 -23.09
N GLU G 216 19.98 -35.15 -23.80
CA GLU G 216 21.18 -35.46 -24.56
C GLU G 216 20.75 -36.26 -25.79
N PRO G 217 21.54 -36.23 -26.86
CA PRO G 217 21.25 -37.11 -27.99
C PRO G 217 21.30 -38.57 -27.57
N LYS G 218 20.54 -39.40 -28.29
CA LYS G 218 20.55 -40.83 -28.05
C LYS G 218 21.44 -41.51 -29.11
N SER G 219 21.61 -42.83 -28.96
CA SER G 219 22.67 -43.56 -29.67
C SER G 219 22.64 -43.29 -31.16
N CYS G 220 23.83 -43.38 -31.77
CA CYS G 220 24.05 -43.05 -33.18
C CYS G 220 23.04 -43.69 -34.13
N GLU H 1 -27.38 -3.34 -16.86
CA GLU H 1 -25.94 -3.54 -16.99
C GLU H 1 -25.48 -3.12 -18.39
N ILE H 2 -24.57 -2.14 -18.43
CA ILE H 2 -24.11 -1.59 -19.71
C ILE H 2 -23.20 -2.59 -20.39
N VAL H 3 -23.54 -2.93 -21.63
CA VAL H 3 -22.70 -3.80 -22.45
C VAL H 3 -21.79 -2.93 -23.29
N LEU H 4 -20.49 -3.20 -23.22
CA LEU H 4 -19.50 -2.53 -24.05
C LEU H 4 -19.07 -3.47 -25.17
N THR H 5 -19.09 -2.96 -26.40
CA THR H 5 -18.72 -3.74 -27.58
C THR H 5 -17.52 -3.07 -28.23
N GLN H 6 -16.44 -3.82 -28.38
CA GLN H 6 -15.21 -3.30 -28.98
C GLN H 6 -15.14 -3.72 -30.43
N SER H 7 -14.50 -2.87 -31.24
CA SER H 7 -14.45 -3.09 -32.67
C SER H 7 -13.15 -2.59 -33.29
N PRO H 8 -12.55 -3.37 -34.21
CA PRO H 8 -13.01 -4.75 -34.45
C PRO H 8 -12.31 -5.71 -33.47
N GLY H 9 -12.64 -7.00 -33.54
CA GLY H 9 -12.05 -7.94 -32.60
C GLY H 9 -10.56 -8.10 -32.77
N THR H 10 -10.06 -8.03 -34.00
CA THR H 10 -8.67 -8.29 -34.31
C THR H 10 -8.10 -7.19 -35.20
N LEU H 11 -6.82 -6.89 -34.99
CA LEU H 11 -6.08 -5.89 -35.76
C LEU H 11 -4.73 -6.46 -36.17
N SER H 12 -4.30 -6.14 -37.39
CA SER H 12 -3.00 -6.59 -37.88
C SER H 12 -2.37 -5.47 -38.69
N LEU H 13 -1.46 -4.72 -38.06
CA LEU H 13 -0.75 -3.63 -38.70
C LEU H 13 0.74 -3.79 -38.45
N SER H 14 1.54 -3.01 -39.18
CA SER H 14 3.00 -3.11 -39.13
C SER H 14 3.58 -1.97 -38.30
N PRO H 15 4.82 -2.13 -37.81
CA PRO H 15 5.40 -1.08 -36.95
C PRO H 15 5.48 0.25 -37.68
N GLY H 16 5.32 1.32 -36.90
CA GLY H 16 5.34 2.68 -37.42
C GLY H 16 4.02 3.19 -37.92
N GLU H 17 2.97 2.37 -37.93
CA GLU H 17 1.66 2.79 -38.40
C GLU H 17 0.77 3.14 -37.21
N ARG H 18 -0.48 3.48 -37.52
CA ARG H 18 -1.44 3.94 -36.53
C ARG H 18 -2.56 2.92 -36.40
N ALA H 19 -2.94 2.64 -35.17
CA ALA H 19 -4.03 1.73 -34.85
C ALA H 19 -5.11 2.52 -34.12
N THR H 20 -6.36 2.34 -34.57
CA THR H 20 -7.50 3.03 -33.98
C THR H 20 -8.54 1.97 -33.58
N LEU H 21 -8.73 1.80 -32.28
CA LEU H 21 -9.69 0.85 -31.75
C LEU H 21 -10.93 1.61 -31.28
N SER H 22 -12.10 1.05 -31.56
CA SER H 22 -13.36 1.67 -31.17
C SER H 22 -14.01 0.86 -30.07
N CYS H 23 -14.68 1.56 -29.16
CA CYS H 23 -15.47 0.92 -28.12
C CYS H 23 -16.78 1.67 -28.00
N ARG H 24 -17.89 0.94 -27.98
CA ARG H 24 -19.20 1.55 -27.95
C ARG H 24 -20.07 0.94 -26.87
N ALA H 25 -20.76 1.80 -26.12
CA ALA H 25 -21.64 1.40 -25.03
C ALA H 25 -23.10 1.42 -25.47
N SER H 26 -23.88 0.51 -24.87
CA SER H 26 -25.32 0.43 -25.11
C SER H 26 -26.01 1.71 -24.69
N GLN H 27 -25.50 2.28 -23.61
CA GLN H 27 -25.94 3.38 -22.77
C GLN H 27 -24.90 4.49 -22.78
N SER H 28 -25.37 5.73 -22.67
CA SER H 28 -24.40 6.81 -22.68
C SER H 28 -23.68 6.80 -21.36
N VAL H 29 -22.37 6.96 -21.42
CA VAL H 29 -21.54 6.93 -20.22
C VAL H 29 -20.79 8.23 -20.02
N SER H 30 -21.14 9.28 -20.77
CA SER H 30 -20.60 10.62 -20.61
C SER H 30 -19.12 10.64 -20.97
N SER H 31 -18.25 10.69 -19.98
CA SER H 31 -16.81 10.68 -20.25
C SER H 31 -16.08 9.76 -19.28
N TYR H 32 -16.80 8.86 -18.61
CA TYR H 32 -16.24 7.98 -17.61
C TYR H 32 -15.89 6.62 -18.23
N LEU H 33 -14.86 6.65 -19.07
CA LEU H 33 -14.36 5.46 -19.75
C LEU H 33 -12.84 5.39 -19.61
N ALA H 34 -12.32 4.16 -19.55
CA ALA H 34 -10.89 3.92 -19.39
C ALA H 34 -10.44 2.84 -20.37
N TRP H 35 -9.17 2.90 -20.72
CA TRP H 35 -8.53 1.95 -21.62
C TRP H 35 -7.36 1.28 -20.89
N TYR H 36 -7.31 -0.05 -20.97
CA TYR H 36 -6.26 -0.88 -20.40
C TYR H 36 -5.60 -1.72 -21.49
N GLN H 37 -4.32 -2.02 -21.30
CA GLN H 37 -3.56 -2.90 -22.17
C GLN H 37 -3.09 -4.12 -21.37
N GLN H 38 -3.23 -5.31 -21.97
CA GLN H 38 -2.84 -6.56 -21.33
C GLN H 38 -1.97 -7.36 -22.29
N LYS H 39 -0.69 -7.47 -21.97
CA LYS H 39 0.25 -8.32 -22.68
C LYS H 39 0.14 -9.75 -22.14
N PRO H 40 0.53 -10.75 -22.94
CA PRO H 40 0.35 -12.15 -22.51
C PRO H 40 1.07 -12.46 -21.20
N GLY H 41 0.35 -13.12 -20.30
CA GLY H 41 0.92 -13.53 -19.03
C GLY H 41 1.14 -12.42 -18.03
N GLN H 42 0.62 -11.23 -18.28
CA GLN H 42 0.82 -10.08 -17.40
C GLN H 42 -0.53 -9.49 -17.02
N ALA H 43 -0.53 -8.77 -15.91
CA ALA H 43 -1.74 -8.08 -15.46
C ALA H 43 -2.07 -6.94 -16.41
N PRO H 44 -3.35 -6.55 -16.50
CA PRO H 44 -3.70 -5.36 -17.28
C PRO H 44 -3.03 -4.13 -16.72
N ARG H 45 -2.61 -3.23 -17.61
CA ARG H 45 -2.04 -1.95 -17.23
C ARG H 45 -2.98 -0.83 -17.67
N LEU H 46 -3.19 0.15 -16.79
CA LEU H 46 -4.06 1.27 -17.11
C LEU H 46 -3.37 2.21 -18.10
N LEU H 47 -3.99 2.41 -19.26
CA LEU H 47 -3.46 3.30 -20.27
C LEU H 47 -4.10 4.69 -20.22
N ILE H 48 -5.43 4.76 -20.23
CA ILE H 48 -6.11 6.05 -20.31
C ILE H 48 -7.31 6.04 -19.37
N TYR H 49 -7.55 7.16 -18.68
CA TYR H 49 -8.74 7.35 -17.87
C TYR H 49 -9.43 8.63 -18.29
N GLY H 50 -10.69 8.77 -17.88
CA GLY H 50 -11.48 9.92 -18.28
C GLY H 50 -11.64 10.05 -19.77
N ALA H 51 -11.56 8.94 -20.49
CA ALA H 51 -11.75 8.87 -21.94
C ALA H 51 -10.65 9.58 -22.72
N SER H 52 -9.80 10.37 -22.07
CA SER H 52 -8.83 11.16 -22.83
C SER H 52 -7.48 11.34 -22.14
N SER H 53 -7.46 11.42 -20.81
CA SER H 53 -6.22 11.65 -20.09
C SER H 53 -5.45 10.35 -19.92
N ARG H 54 -4.19 10.34 -20.35
CA ARG H 54 -3.39 9.13 -20.24
C ARG H 54 -2.71 9.07 -18.87
N ALA H 55 -2.47 7.83 -18.42
CA ALA H 55 -2.02 7.56 -17.06
C ALA H 55 -0.54 7.89 -16.88
N THR H 56 -0.05 7.63 -15.67
CA THR H 56 1.35 7.91 -15.34
C THR H 56 2.27 6.96 -16.08
N GLY H 57 3.32 7.50 -16.69
CA GLY H 57 4.29 6.68 -17.40
C GLY H 57 3.85 6.19 -18.76
N ILE H 58 2.79 6.77 -19.31
CA ILE H 58 2.25 6.35 -20.61
C ILE H 58 2.80 7.28 -21.68
N PRO H 59 3.53 6.77 -22.67
CA PRO H 59 4.04 7.63 -23.74
C PRO H 59 2.92 8.33 -24.49
N ASP H 60 3.29 9.43 -25.16
CA ASP H 60 2.31 10.30 -25.80
C ASP H 60 1.64 9.67 -27.02
N ARG H 61 2.15 8.56 -27.54
CA ARG H 61 1.54 7.99 -28.74
C ARG H 61 0.18 7.36 -28.47
N PHE H 62 -0.17 7.12 -27.20
CA PHE H 62 -1.51 6.66 -26.84
C PHE H 62 -2.38 7.87 -26.50
N SER H 63 -3.52 8.00 -27.16
CA SER H 63 -4.49 9.02 -26.75
C SER H 63 -5.90 8.51 -27.05
N GLY H 64 -6.84 8.85 -26.17
CA GLY H 64 -8.22 8.45 -26.32
C GLY H 64 -9.14 9.65 -26.39
N SER H 65 -10.28 9.50 -27.08
CA SER H 65 -11.25 10.59 -27.24
C SER H 65 -12.66 10.01 -27.43
N GLY H 66 -13.66 10.88 -27.38
CA GLY H 66 -15.03 10.45 -27.58
C GLY H 66 -15.92 10.72 -26.38
N SER H 67 -17.19 10.33 -26.52
CA SER H 67 -18.22 10.65 -25.52
C SER H 67 -19.44 9.76 -25.74
N GLY H 68 -20.44 10.00 -24.91
CA GLY H 68 -21.75 9.39 -24.99
C GLY H 68 -21.63 7.91 -25.09
N THR H 69 -21.79 7.41 -26.30
CA THR H 69 -21.71 5.99 -26.52
C THR H 69 -20.52 5.57 -27.38
N ASP H 70 -19.79 6.50 -27.98
CA ASP H 70 -18.73 6.18 -28.93
C ASP H 70 -17.39 6.69 -28.43
N PHE H 71 -16.40 5.79 -28.37
CA PHE H 71 -15.07 6.13 -27.87
C PHE H 71 -14.01 5.51 -28.78
N THR H 72 -12.85 6.17 -28.84
CA THR H 72 -11.75 5.79 -29.71
C THR H 72 -10.44 5.86 -28.94
N LEU H 73 -9.63 4.81 -29.09
CA LEU H 73 -8.25 4.79 -28.61
C LEU H 73 -7.30 4.71 -29.79
N THR H 74 -6.28 5.57 -29.81
CA THR H 74 -5.35 5.65 -30.92
C THR H 74 -3.92 5.48 -30.44
N ILE H 75 -3.24 4.48 -31.02
CA ILE H 75 -1.80 4.27 -30.87
C ILE H 75 -1.18 4.62 -32.21
N SER H 76 -0.43 5.71 -32.27
CA SER H 76 0.02 6.24 -33.55
C SER H 76 1.38 5.71 -34.04
N ARG H 77 2.28 5.33 -33.15
CA ARG H 77 3.61 4.87 -33.57
C ARG H 77 3.81 3.46 -33.04
N LEU H 78 3.27 2.48 -33.76
CA LEU H 78 3.26 1.10 -33.30
C LEU H 78 4.67 0.52 -33.23
N GLU H 79 4.98 -0.12 -32.10
CA GLU H 79 6.23 -0.82 -31.89
C GLU H 79 5.98 -2.32 -31.76
N PRO H 80 6.99 -3.16 -31.98
CA PRO H 80 6.78 -4.61 -31.84
C PRO H 80 6.32 -5.01 -30.45
N GLU H 81 6.69 -4.26 -29.42
CA GLU H 81 6.31 -4.57 -28.05
C GLU H 81 4.87 -4.16 -27.72
N ASP H 82 4.19 -3.48 -28.63
CA ASP H 82 2.81 -3.05 -28.41
C ASP H 82 1.79 -4.15 -28.69
N PHE H 83 2.24 -5.38 -28.92
CA PHE H 83 1.31 -6.48 -29.12
C PHE H 83 0.64 -6.84 -27.81
N ALA H 84 -0.68 -6.73 -27.76
CA ALA H 84 -1.45 -7.03 -26.56
C ALA H 84 -2.93 -7.04 -26.90
N VAL H 85 -3.76 -7.28 -25.88
CA VAL H 85 -5.21 -7.13 -25.99
C VAL H 85 -5.59 -5.84 -25.25
N TYR H 86 -6.44 -5.04 -25.87
CA TYR H 86 -6.82 -3.74 -25.32
C TYR H 86 -8.29 -3.77 -24.92
N TYR H 87 -8.58 -3.36 -23.69
CA TYR H 87 -9.93 -3.38 -23.12
C TYR H 87 -10.41 -1.98 -22.80
N CYS H 88 -11.65 -1.71 -23.15
CA CYS H 88 -12.38 -0.53 -22.69
C CYS H 88 -13.26 -0.88 -21.50
N GLN H 89 -13.29 0.00 -20.50
CA GLN H 89 -14.10 -0.20 -19.31
C GLN H 89 -14.87 1.08 -19.00
N GLN H 90 -16.16 0.93 -18.68
CA GLN H 90 -17.01 2.05 -18.33
C GLN H 90 -17.26 2.10 -16.82
N TYR H 91 -17.25 3.31 -16.26
CA TYR H 91 -17.62 3.52 -14.86
C TYR H 91 -18.63 4.65 -14.75
N GLY H 92 -19.66 4.61 -15.61
CA GLY H 92 -20.72 5.59 -15.58
C GLY H 92 -21.90 5.14 -14.72
N SER H 93 -22.10 3.83 -14.61
CA SER H 93 -23.16 3.28 -13.79
C SER H 93 -22.79 1.88 -13.36
N SER H 94 -23.29 1.47 -12.20
CA SER H 94 -22.94 0.17 -11.64
C SER H 94 -23.80 -0.94 -12.25
N PRO H 95 -23.24 -2.14 -12.46
CA PRO H 95 -21.83 -2.44 -12.16
C PRO H 95 -20.89 -2.00 -13.28
N ARG H 96 -19.63 -1.78 -12.94
CA ARG H 96 -18.63 -1.46 -13.95
C ARG H 96 -18.41 -2.66 -14.85
N THR H 97 -18.35 -2.41 -16.16
CA THR H 97 -18.26 -3.48 -17.15
C THR H 97 -17.12 -3.19 -18.12
N PHE H 98 -16.57 -4.26 -18.69
CA PHE H 98 -15.47 -4.21 -19.63
C PHE H 98 -15.95 -4.59 -21.02
N GLY H 99 -15.22 -4.12 -22.02
CA GLY H 99 -15.39 -4.67 -23.35
C GLY H 99 -14.74 -6.03 -23.49
N GLN H 100 -15.19 -6.78 -24.49
CA GLN H 100 -14.64 -8.11 -24.75
C GLN H 100 -13.17 -8.07 -25.18
N GLY H 101 -12.67 -6.91 -25.59
CA GLY H 101 -11.27 -6.82 -25.93
C GLY H 101 -11.01 -6.77 -27.43
N THR H 102 -9.91 -6.12 -27.80
CA THR H 102 -9.41 -6.10 -29.18
C THR H 102 -7.96 -6.55 -29.16
N LYS H 103 -7.67 -7.67 -29.80
CA LYS H 103 -6.32 -8.20 -29.86
C LYS H 103 -5.59 -7.56 -31.03
N LEU H 104 -4.46 -6.92 -30.74
CA LEU H 104 -3.67 -6.22 -31.75
C LEU H 104 -2.42 -7.03 -32.02
N GLU H 105 -2.29 -7.54 -33.25
CA GLU H 105 -1.07 -8.20 -33.70
C GLU H 105 -0.28 -7.26 -34.61
N ILE H 106 1.04 -7.37 -34.54
CA ILE H 106 1.94 -6.62 -35.41
C ILE H 106 2.31 -7.48 -36.60
N LYS H 107 2.44 -6.80 -37.72
CA LYS H 107 2.74 -7.35 -39.01
C LYS H 107 4.24 -7.24 -39.22
N ARG H 108 4.83 -8.28 -39.78
CA ARG H 108 6.25 -8.30 -40.09
C ARG H 108 6.44 -9.00 -41.44
N THR H 109 7.66 -8.96 -41.95
CA THR H 109 7.92 -9.65 -43.21
C THR H 109 7.74 -11.15 -43.02
N VAL H 110 7.31 -11.82 -44.09
CA VAL H 110 7.04 -13.24 -43.99
C VAL H 110 8.33 -13.99 -43.71
N ALA H 111 8.28 -14.86 -42.70
CA ALA H 111 9.41 -15.68 -42.31
C ALA H 111 8.99 -17.14 -42.32
N ALA H 112 9.75 -17.97 -43.04
CA ALA H 112 9.43 -19.39 -43.12
C ALA H 112 9.76 -20.07 -41.79
N PRO H 113 8.98 -21.08 -41.40
CA PRO H 113 9.29 -21.82 -40.17
C PRO H 113 10.46 -22.75 -40.36
N SER H 114 11.19 -22.99 -39.28
CA SER H 114 12.19 -24.04 -39.23
C SER H 114 11.58 -25.25 -38.52
N VAL H 115 11.65 -26.41 -39.16
CA VAL H 115 10.88 -27.59 -38.76
C VAL H 115 11.80 -28.62 -38.13
N PHE H 116 11.42 -29.11 -36.96
CA PHE H 116 12.12 -30.18 -36.27
C PHE H 116 11.13 -31.25 -35.84
N ILE H 117 11.60 -32.50 -35.79
CA ILE H 117 10.76 -33.62 -35.41
C ILE H 117 11.45 -34.39 -34.28
N PHE H 118 10.66 -34.78 -33.28
CA PHE H 118 11.16 -35.43 -32.08
C PHE H 118 10.43 -36.76 -31.89
N PRO H 119 11.15 -37.88 -31.92
CA PRO H 119 10.54 -39.20 -31.63
C PRO H 119 10.25 -39.36 -30.16
N PRO H 120 9.42 -40.34 -29.78
CA PRO H 120 9.14 -40.56 -28.35
C PRO H 120 10.33 -41.17 -27.63
N SER H 121 10.55 -40.68 -26.41
CA SER H 121 11.54 -41.28 -25.50
C SER H 121 11.20 -42.73 -25.18
N ASP H 122 12.24 -43.52 -24.91
CA ASP H 122 12.04 -44.87 -24.38
C ASP H 122 11.37 -44.86 -23.02
N GLU H 123 11.65 -43.83 -22.20
CA GLU H 123 11.05 -43.75 -20.87
C GLU H 123 9.53 -43.63 -20.98
N GLN H 124 9.04 -42.85 -21.95
CA GLN H 124 7.61 -42.76 -22.18
C GLN H 124 7.07 -44.07 -22.74
N LEU H 125 7.86 -44.77 -23.55
CA LEU H 125 7.42 -46.03 -24.12
C LEU H 125 7.23 -47.09 -23.05
N LYS H 126 8.01 -47.03 -21.96
CA LYS H 126 7.79 -47.94 -20.85
C LYS H 126 6.40 -47.77 -20.22
N SER H 127 5.79 -46.58 -20.36
CA SER H 127 4.49 -46.31 -19.76
C SER H 127 3.32 -46.85 -20.58
N GLY H 128 3.50 -47.01 -21.90
CA GLY H 128 2.46 -47.54 -22.77
C GLY H 128 1.91 -46.62 -23.83
N THR H 129 2.23 -45.32 -23.83
CA THR H 129 1.75 -44.41 -24.87
C THR H 129 2.93 -43.63 -25.42
N ALA H 130 2.93 -43.42 -26.73
CA ALA H 130 3.98 -42.68 -27.42
C ALA H 130 3.47 -41.31 -27.88
N SER H 131 4.34 -40.31 -27.77
CA SER H 131 4.04 -38.95 -28.22
C SER H 131 5.14 -38.49 -29.17
N VAL H 132 4.77 -38.23 -30.42
CA VAL H 132 5.68 -37.69 -31.44
C VAL H 132 5.45 -36.18 -31.53
N VAL H 133 6.51 -35.39 -31.53
CA VAL H 133 6.38 -33.94 -31.48
C VAL H 133 6.96 -33.32 -32.75
N CYS H 134 6.22 -32.37 -33.33
CA CYS H 134 6.72 -31.57 -34.45
C CYS H 134 6.75 -30.11 -34.03
N LEU H 135 7.88 -29.45 -34.28
CA LEU H 135 8.10 -28.07 -33.90
C LEU H 135 8.33 -27.21 -35.14
N LEU H 136 7.55 -26.13 -35.26
CA LEU H 136 7.72 -25.11 -36.29
C LEU H 136 8.17 -23.85 -35.57
N ASN H 137 9.40 -23.42 -35.80
CA ASN H 137 10.01 -22.34 -35.04
C ASN H 137 10.12 -21.07 -35.87
N ASN H 138 9.75 -19.94 -35.25
CA ASN H 138 10.07 -18.59 -35.72
C ASN H 138 9.56 -18.35 -37.15
N PHE H 139 8.24 -18.30 -37.26
CA PHE H 139 7.60 -18.04 -38.53
C PHE H 139 6.57 -16.93 -38.39
N TYR H 140 6.26 -16.32 -39.53
CA TYR H 140 5.20 -15.34 -39.66
C TYR H 140 4.75 -15.44 -41.12
N PRO H 141 3.43 -15.39 -41.37
CA PRO H 141 2.41 -15.21 -40.35
C PRO H 141 2.10 -16.50 -39.57
N ARG H 142 1.21 -16.40 -38.58
CA ARG H 142 0.88 -17.49 -37.67
C ARG H 142 0.33 -18.71 -38.40
N GLU H 143 -0.09 -18.53 -39.63
CA GLU H 143 -1.08 -19.39 -40.28
C GLU H 143 -0.33 -20.50 -41.02
N ALA H 144 -0.55 -21.73 -40.60
CA ALA H 144 0.23 -22.84 -41.14
C ALA H 144 -0.52 -24.15 -41.00
N LYS H 145 -0.23 -25.07 -41.91
CA LYS H 145 -0.87 -26.38 -41.90
C LYS H 145 0.19 -27.46 -41.67
N VAL H 146 -0.06 -28.31 -40.68
CA VAL H 146 0.87 -29.34 -40.24
C VAL H 146 0.17 -30.68 -40.42
N GLN H 147 0.84 -31.60 -41.10
CA GLN H 147 0.24 -32.87 -41.49
C GLN H 147 1.12 -34.01 -40.99
N TRP H 148 0.49 -34.98 -40.33
CA TRP H 148 1.17 -36.15 -39.80
C TRP H 148 1.01 -37.30 -40.76
N LYS H 149 2.12 -37.97 -41.09
CA LYS H 149 2.11 -39.12 -41.99
C LYS H 149 2.81 -40.28 -41.31
N VAL H 150 2.12 -41.40 -41.19
CA VAL H 150 2.67 -42.63 -40.63
C VAL H 150 2.66 -43.69 -41.72
N ASP H 151 3.84 -44.06 -42.21
CA ASP H 151 3.98 -44.97 -43.36
C ASP H 151 3.22 -44.44 -44.57
N ASN H 152 3.36 -43.14 -44.82
CA ASN H 152 2.68 -42.44 -45.90
C ASN H 152 1.16 -42.50 -45.77
N ALA H 153 0.65 -42.83 -44.59
CA ALA H 153 -0.77 -42.82 -44.31
C ALA H 153 -1.08 -41.55 -43.53
N LEU H 154 -1.99 -40.74 -44.07
CA LEU H 154 -2.30 -39.46 -43.45
C LEU H 154 -3.11 -39.66 -42.18
N GLN H 155 -2.62 -39.12 -41.08
CA GLN H 155 -3.30 -39.25 -39.80
C GLN H 155 -4.17 -38.03 -39.53
N SER H 156 -5.30 -38.26 -38.86
CA SER H 156 -6.22 -37.21 -38.50
C SER H 156 -6.96 -37.65 -37.24
N GLY H 157 -7.17 -36.72 -36.31
CA GLY H 157 -7.92 -36.98 -35.11
C GLY H 157 -7.12 -37.46 -33.91
N ASN H 158 -5.79 -37.60 -34.06
CA ASN H 158 -4.94 -38.03 -32.95
C ASN H 158 -3.80 -37.03 -32.70
N SER H 159 -3.99 -35.77 -33.08
CA SER H 159 -2.97 -34.74 -32.92
C SER H 159 -3.57 -33.51 -32.25
N GLN H 160 -2.73 -32.80 -31.50
CA GLN H 160 -3.13 -31.55 -30.86
C GLN H 160 -2.07 -30.49 -31.12
N GLU H 161 -2.53 -29.26 -31.37
CA GLU H 161 -1.64 -28.15 -31.71
C GLU H 161 -1.63 -27.09 -30.61
N SER H 162 -0.49 -26.45 -30.45
CA SER H 162 -0.31 -25.34 -29.52
C SER H 162 0.62 -24.33 -30.14
N VAL H 163 0.24 -23.06 -30.13
CA VAL H 163 1.05 -22.00 -30.73
C VAL H 163 1.33 -20.93 -29.68
N THR H 164 2.57 -20.44 -29.68
CA THR H 164 2.94 -19.39 -28.74
C THR H 164 2.30 -18.07 -29.14
N GLU H 165 2.32 -17.13 -28.19
CA GLU H 165 1.92 -15.76 -28.48
C GLU H 165 3.04 -15.04 -29.23
N GLN H 166 2.71 -13.86 -29.75
CA GLN H 166 3.68 -13.12 -30.56
C GLN H 166 4.92 -12.79 -29.74
N ASP H 167 6.09 -13.11 -30.30
CA ASP H 167 7.34 -12.73 -29.67
C ASP H 167 7.44 -11.22 -29.58
N SER H 168 7.98 -10.72 -28.47
CA SER H 168 7.79 -9.31 -28.16
C SER H 168 8.82 -8.39 -28.84
N LYS H 169 9.85 -8.92 -29.46
CA LYS H 169 10.67 -8.05 -30.28
C LYS H 169 10.90 -8.55 -31.70
N ASP H 170 10.87 -9.85 -32.01
CA ASP H 170 11.05 -10.23 -33.42
C ASP H 170 9.74 -10.67 -34.09
N SER H 171 8.61 -10.60 -33.39
CA SER H 171 7.26 -10.80 -33.98
C SER H 171 7.09 -12.16 -34.64
N THR H 172 7.73 -13.20 -34.10
CA THR H 172 7.59 -14.53 -34.67
C THR H 172 6.57 -15.36 -33.89
N TYR H 173 6.15 -16.45 -34.52
CA TYR H 173 5.35 -17.49 -33.90
C TYR H 173 6.12 -18.79 -33.89
N SER H 174 5.71 -19.70 -33.03
CA SER H 174 6.15 -21.08 -33.10
C SER H 174 5.02 -22.00 -32.67
N LEU H 175 5.03 -23.20 -33.21
CA LEU H 175 3.89 -24.11 -33.14
C LEU H 175 4.40 -25.51 -32.83
N SER H 176 3.63 -26.23 -32.03
CA SER H 176 3.93 -27.60 -31.64
C SER H 176 2.72 -28.46 -31.97
N SER H 177 2.95 -29.53 -32.72
CA SER H 177 1.92 -30.52 -33.01
C SER H 177 2.35 -31.83 -32.37
N THR H 178 1.55 -32.32 -31.43
CA THR H 178 1.84 -33.56 -30.71
C THR H 178 0.87 -34.63 -31.20
N LEU H 179 1.42 -35.73 -31.70
CA LEU H 179 0.67 -36.88 -32.17
C LEU H 179 0.80 -37.98 -31.11
N THR H 180 -0.33 -38.38 -30.53
CA THR H 180 -0.34 -39.33 -29.44
C THR H 180 -0.95 -40.65 -29.90
N LEU H 181 -0.27 -41.76 -29.60
CA LEU H 181 -0.73 -43.06 -30.06
C LEU H 181 -0.38 -44.11 -29.01
N SER H 182 -0.99 -45.27 -29.14
CA SER H 182 -0.61 -46.42 -28.34
C SER H 182 0.85 -46.81 -28.58
N LYS H 183 1.41 -47.58 -27.64
CA LYS H 183 2.74 -48.13 -27.85
C LYS H 183 2.72 -49.26 -28.87
N ALA H 184 1.63 -50.01 -28.93
CA ALA H 184 1.50 -51.04 -29.95
C ALA H 184 1.42 -50.42 -31.34
N ASP H 185 0.55 -49.43 -31.52
CA ASP H 185 0.44 -48.77 -32.81
C ASP H 185 1.74 -48.05 -33.17
N TYR H 186 2.48 -47.57 -32.17
CA TYR H 186 3.76 -46.92 -32.47
C TYR H 186 4.80 -47.95 -32.92
N GLU H 187 4.81 -49.12 -32.30
CA GLU H 187 5.73 -50.18 -32.69
C GLU H 187 5.13 -51.04 -33.78
N LYS H 188 4.06 -50.56 -34.41
CA LYS H 188 3.38 -51.22 -35.50
C LYS H 188 3.61 -50.55 -36.85
N HIS H 189 4.38 -49.47 -36.89
CA HIS H 189 4.71 -48.77 -38.12
C HIS H 189 6.16 -48.28 -38.05
N LYS H 190 6.70 -47.87 -39.20
CA LYS H 190 8.12 -47.55 -39.31
C LYS H 190 8.42 -46.08 -39.51
N VAL H 191 7.81 -45.43 -40.49
CA VAL H 191 8.15 -44.06 -40.89
C VAL H 191 7.18 -43.08 -40.24
N TYR H 192 7.73 -42.05 -39.60
CA TYR H 192 6.93 -40.97 -39.02
C TYR H 192 7.40 -39.64 -39.60
N ALA H 193 6.52 -38.93 -40.28
CA ALA H 193 6.89 -37.71 -40.99
C ALA H 193 5.93 -36.57 -40.65
N CYS H 194 6.48 -35.37 -40.59
CA CYS H 194 5.74 -34.14 -40.33
C CYS H 194 5.92 -33.22 -41.53
N GLU H 195 4.81 -32.89 -42.20
CA GLU H 195 4.80 -32.05 -43.40
C GLU H 195 4.22 -30.69 -43.07
N VAL H 196 4.92 -29.63 -43.48
CA VAL H 196 4.56 -28.26 -43.14
C VAL H 196 4.28 -27.49 -44.42
N THR H 197 3.11 -26.86 -44.48
CA THR H 197 2.75 -25.91 -45.52
C THR H 197 2.60 -24.54 -44.88
N HIS H 198 3.30 -23.55 -45.43
CA HIS H 198 3.28 -22.20 -44.90
C HIS H 198 3.50 -21.21 -46.04
N GLN H 199 3.12 -19.95 -45.77
CA GLN H 199 3.23 -18.91 -46.79
C GLN H 199 4.67 -18.68 -47.21
N GLY H 200 5.61 -18.80 -46.28
CA GLY H 200 7.02 -18.57 -46.53
C GLY H 200 7.79 -19.69 -47.19
N LEU H 201 7.16 -20.83 -47.47
CA LEU H 201 7.82 -21.95 -48.10
C LEU H 201 7.32 -22.13 -49.52
N SER H 202 8.25 -22.26 -50.48
CA SER H 202 7.86 -22.46 -51.87
C SER H 202 7.13 -23.77 -52.05
N SER H 203 7.56 -24.82 -51.36
CA SER H 203 6.93 -26.13 -51.39
C SER H 203 6.96 -26.71 -49.98
N PRO H 204 6.10 -27.67 -49.67
CA PRO H 204 5.99 -28.17 -48.29
C PRO H 204 7.29 -28.79 -47.81
N VAL H 205 7.58 -28.60 -46.51
CA VAL H 205 8.80 -29.12 -45.90
C VAL H 205 8.46 -30.33 -45.05
N THR H 206 9.15 -31.44 -45.30
CA THR H 206 8.88 -32.68 -44.58
C THR H 206 10.09 -33.09 -43.76
N LYS H 207 9.88 -33.31 -42.47
CA LYS H 207 10.90 -33.81 -41.56
C LYS H 207 10.45 -35.17 -41.03
N SER H 208 11.28 -36.19 -41.21
CA SER H 208 10.88 -37.56 -40.94
C SER H 208 11.91 -38.28 -40.09
N PHE H 209 11.48 -39.38 -39.48
CA PHE H 209 12.38 -40.32 -38.83
C PHE H 209 11.82 -41.73 -38.97
N ASN H 210 12.70 -42.71 -38.79
CA ASN H 210 12.34 -44.13 -38.80
C ASN H 210 12.45 -44.69 -37.39
N ARG H 211 11.44 -45.46 -36.98
CA ARG H 211 11.41 -46.00 -35.62
C ARG H 211 12.60 -46.93 -35.39
N GLY H 212 13.33 -46.69 -34.30
CA GLY H 212 14.51 -47.48 -34.01
C GLY H 212 15.71 -47.16 -34.87
N GLU H 213 15.62 -46.13 -35.73
CA GLU H 213 16.68 -45.75 -36.65
C GLU H 213 17.13 -46.94 -37.52
N GLN I 1 -57.32 12.59 -1.49
CA GLN I 1 -57.64 11.20 -1.17
C GLN I 1 -57.38 10.31 -2.37
N MET I 2 -56.92 9.09 -2.13
CA MET I 2 -56.43 8.20 -3.17
C MET I 2 -57.28 6.93 -3.26
N GLN I 3 -57.25 6.29 -4.44
CA GLN I 3 -58.09 5.15 -4.73
C GLN I 3 -57.29 4.08 -5.45
N LEU I 4 -57.35 2.83 -4.97
CA LEU I 4 -56.73 1.70 -5.66
C LEU I 4 -57.80 0.80 -6.25
N VAL I 5 -57.55 0.28 -7.45
CA VAL I 5 -58.43 -0.72 -8.06
C VAL I 5 -57.56 -1.83 -8.64
N GLN I 6 -58.02 -3.07 -8.48
CA GLN I 6 -57.27 -4.28 -8.85
C GLN I 6 -57.89 -4.98 -10.07
N SER I 7 -57.24 -6.06 -10.48
CA SER I 7 -57.67 -6.88 -11.61
C SER I 7 -58.95 -7.63 -11.29
N GLY I 8 -59.50 -8.27 -12.33
CA GLY I 8 -60.67 -9.11 -12.18
C GLY I 8 -60.32 -10.49 -11.66
N THR I 9 -61.35 -11.31 -11.50
CA THR I 9 -61.16 -12.66 -10.98
C THR I 9 -60.32 -13.49 -11.95
N GLU I 10 -59.47 -14.34 -11.39
CA GLU I 10 -58.60 -15.20 -12.17
C GLU I 10 -58.84 -16.65 -11.82
N VAL I 11 -58.88 -17.50 -12.85
CA VAL I 11 -58.98 -18.95 -12.69
C VAL I 11 -57.86 -19.58 -13.52
N LYS I 12 -56.96 -20.31 -12.87
CA LYS I 12 -55.76 -20.82 -13.51
C LYS I 12 -55.55 -22.29 -13.14
N LYS I 13 -54.76 -22.99 -14.00
CA LYS I 13 -54.30 -24.35 -13.76
C LYS I 13 -52.93 -24.33 -13.09
N PRO I 14 -52.61 -25.36 -12.31
CA PRO I 14 -51.27 -25.40 -11.67
C PRO I 14 -50.17 -25.37 -12.71
N GLY I 15 -49.10 -24.66 -12.39
CA GLY I 15 -47.98 -24.49 -13.28
C GLY I 15 -48.05 -23.28 -14.19
N GLU I 16 -49.23 -22.69 -14.35
CA GLU I 16 -49.37 -21.51 -15.19
C GLU I 16 -48.73 -20.29 -14.54
N SER I 17 -48.50 -19.26 -15.35
CA SER I 17 -47.96 -17.99 -14.90
C SER I 17 -49.09 -17.00 -14.70
N LEU I 18 -48.91 -16.10 -13.75
CA LEU I 18 -49.96 -15.13 -13.44
C LEU I 18 -49.34 -13.80 -13.02
N LYS I 19 -49.98 -12.70 -13.42
CA LYS I 19 -49.57 -11.36 -13.05
C LYS I 19 -50.81 -10.53 -12.83
N ILE I 20 -51.01 -10.04 -11.60
CA ILE I 20 -52.18 -9.26 -11.24
C ILE I 20 -51.78 -7.82 -10.97
N SER I 21 -52.74 -6.93 -11.20
CA SER I 21 -52.57 -5.49 -11.29
C SER I 21 -53.21 -4.75 -10.12
N CYS I 22 -52.62 -3.61 -9.76
CA CYS I 22 -53.26 -2.65 -8.85
C CYS I 22 -52.89 -1.25 -9.32
N LYS I 23 -53.89 -0.52 -9.81
CA LYS I 23 -53.69 0.83 -10.32
C LYS I 23 -54.20 1.84 -9.29
N GLY I 24 -53.39 2.86 -9.03
CA GLY I 24 -53.74 3.91 -8.07
C GLY I 24 -54.09 5.20 -8.80
N SER I 25 -55.10 5.89 -8.30
CA SER I 25 -55.58 7.11 -8.91
C SER I 25 -55.78 8.17 -7.85
N GLY I 26 -55.35 9.38 -8.17
CA GLY I 26 -55.57 10.55 -7.34
C GLY I 26 -54.26 11.23 -7.03
N TYR I 27 -54.37 12.31 -6.24
CA TYR I 27 -53.21 13.12 -5.99
C TYR I 27 -52.37 12.51 -4.86
N GLY I 28 -51.08 12.86 -4.86
CA GLY I 28 -50.15 12.30 -3.90
C GLY I 28 -49.98 10.80 -3.97
N PHE I 29 -50.16 10.19 -5.13
CA PHE I 29 -49.78 8.81 -5.32
C PHE I 29 -48.26 8.63 -5.21
N ILE I 30 -47.51 9.71 -5.44
CA ILE I 30 -46.05 9.65 -5.50
C ILE I 30 -45.47 9.12 -4.19
N TRP I 31 -46.07 9.49 -3.05
CA TRP I 31 -45.51 9.15 -1.75
C TRP I 31 -46.13 7.89 -1.15
N TYR I 32 -46.98 7.18 -1.90
CA TYR I 32 -47.63 5.99 -1.40
C TYR I 32 -46.80 4.76 -1.73
N TRP I 33 -46.55 3.94 -0.70
CA TRP I 33 -45.96 2.63 -0.86
C TRP I 33 -47.08 1.59 -0.90
N ILE I 34 -46.97 0.65 -1.83
CA ILE I 34 -48.04 -0.29 -2.13
C ILE I 34 -47.64 -1.66 -1.60
N GLY I 35 -48.49 -2.22 -0.74
CA GLY I 35 -48.27 -3.54 -0.18
C GLY I 35 -49.27 -4.56 -0.69
N TRP I 36 -48.90 -5.83 -0.59
CA TRP I 36 -49.74 -6.94 -1.04
C TRP I 36 -50.04 -7.86 0.13
N VAL I 37 -51.31 -8.20 0.30
CA VAL I 37 -51.78 -9.00 1.42
C VAL I 37 -52.51 -10.22 0.88
N ARG I 38 -52.15 -11.41 1.34
CA ARG I 38 -52.85 -12.63 0.97
C ARG I 38 -53.86 -13.02 2.04
N GLN I 39 -55.03 -13.49 1.60
CA GLN I 39 -56.04 -14.03 2.51
C GLN I 39 -56.58 -15.31 1.88
N MET I 40 -56.20 -16.45 2.45
CA MET I 40 -56.73 -17.72 1.98
C MET I 40 -58.14 -17.92 2.53
N PRO I 41 -58.99 -18.68 1.82
CA PRO I 41 -60.39 -18.83 2.23
C PRO I 41 -60.56 -19.21 3.69
N GLY I 42 -61.22 -18.36 4.47
CA GLY I 42 -61.48 -18.61 5.86
C GLY I 42 -60.35 -18.28 6.81
N LYS I 43 -59.24 -17.75 6.31
CA LYS I 43 -58.06 -17.46 7.12
C LYS I 43 -57.85 -15.96 7.26
N GLY I 44 -56.82 -15.59 8.02
CA GLY I 44 -56.50 -14.21 8.28
C GLY I 44 -55.63 -13.58 7.20
N LEU I 45 -55.20 -12.36 7.48
CA LEU I 45 -54.37 -11.60 6.56
C LEU I 45 -52.89 -11.94 6.75
N GLU I 46 -52.19 -12.13 5.65
CA GLU I 46 -50.75 -12.32 5.64
C GLU I 46 -50.10 -11.25 4.79
N TRP I 47 -49.11 -10.56 5.35
CA TRP I 47 -48.39 -9.53 4.63
C TRP I 47 -47.34 -10.18 3.75
N MET I 48 -47.39 -9.90 2.44
CA MET I 48 -46.46 -10.51 1.50
C MET I 48 -45.25 -9.62 1.23
N GLY I 49 -45.48 -8.34 0.97
CA GLY I 49 -44.37 -7.46 0.66
C GLY I 49 -44.88 -6.08 0.31
N ILE I 50 -43.93 -5.20 0.01
CA ILE I 50 -44.23 -3.80 -0.27
C ILE I 50 -43.25 -3.29 -1.32
N ILE I 51 -43.70 -2.27 -2.06
CA ILE I 51 -42.90 -1.66 -3.11
C ILE I 51 -43.16 -0.16 -3.11
N TYR I 52 -42.11 0.59 -3.47
CA TYR I 52 -42.26 2.03 -3.74
C TYR I 52 -42.15 2.25 -5.25
N PRO I 53 -43.23 2.65 -5.92
CA PRO I 53 -43.19 2.72 -7.39
C PRO I 53 -42.19 3.73 -7.94
N GLY I 54 -41.79 4.73 -7.16
CA GLY I 54 -40.91 5.78 -7.67
C GLY I 54 -39.54 5.27 -8.07
N ASP I 55 -39.01 4.28 -7.35
CA ASP I 55 -37.71 3.73 -7.68
C ASP I 55 -37.67 2.21 -7.65
N GLY I 56 -38.80 1.53 -7.43
CA GLY I 56 -38.82 0.09 -7.47
C GLY I 56 -38.28 -0.60 -6.24
N GLU I 57 -38.08 0.12 -5.14
CA GLU I 57 -37.65 -0.51 -3.90
C GLU I 57 -38.68 -1.53 -3.44
N THR I 58 -38.22 -2.74 -3.12
CA THR I 58 -39.10 -3.85 -2.75
C THR I 58 -38.60 -4.48 -1.47
N ARG I 59 -39.54 -4.83 -0.59
CA ARG I 59 -39.24 -5.63 0.59
C ARG I 59 -40.22 -6.79 0.66
N TYR I 60 -39.72 -7.96 1.05
CA TYR I 60 -40.53 -9.17 1.14
C TYR I 60 -40.48 -9.74 2.53
N SER I 61 -41.59 -10.34 2.96
CA SER I 61 -41.56 -11.20 4.13
C SER I 61 -40.79 -12.47 3.81
N PRO I 62 -40.07 -13.02 4.78
CA PRO I 62 -39.36 -14.30 4.54
C PRO I 62 -40.26 -15.41 4.06
N SER I 63 -41.55 -15.40 4.44
CA SER I 63 -42.46 -16.45 4.00
C SER I 63 -42.73 -16.39 2.50
N PHE I 64 -42.60 -15.21 1.89
CA PHE I 64 -42.94 -15.02 0.48
C PHE I 64 -41.76 -14.66 -0.39
N GLN I 65 -40.53 -14.72 0.13
CA GLN I 65 -39.38 -14.12 -0.53
C GLN I 65 -39.18 -14.72 -1.92
N GLY I 66 -39.10 -16.04 -2.01
CA GLY I 66 -38.82 -16.70 -3.27
C GLY I 66 -40.02 -17.25 -4.01
N GLN I 67 -41.25 -16.97 -3.54
CA GLN I 67 -42.42 -17.59 -4.13
C GLN I 67 -43.28 -16.63 -4.93
N VAL I 68 -42.98 -15.33 -4.92
CA VAL I 68 -43.66 -14.34 -5.75
C VAL I 68 -42.66 -13.24 -6.12
N THR I 69 -43.10 -12.36 -7.02
CA THR I 69 -42.31 -11.20 -7.39
C THR I 69 -43.23 -9.98 -7.47
N ILE I 70 -42.79 -8.88 -6.85
CA ILE I 70 -43.56 -7.65 -6.79
C ILE I 70 -42.87 -6.62 -7.68
N SER I 71 -43.64 -6.07 -8.63
CA SER I 71 -43.13 -5.15 -9.63
C SER I 71 -43.95 -3.87 -9.61
N ALA I 72 -43.49 -2.87 -10.37
CA ALA I 72 -44.25 -1.65 -10.50
C ALA I 72 -43.92 -0.96 -11.82
N ASP I 73 -44.94 -0.32 -12.39
CA ASP I 73 -44.82 0.57 -13.55
C ASP I 73 -45.21 1.96 -13.07
N LYS I 74 -44.20 2.84 -13.01
CA LYS I 74 -44.39 4.19 -12.48
C LYS I 74 -45.21 5.07 -13.42
N SER I 75 -45.14 4.82 -14.72
CA SER I 75 -45.81 5.71 -15.68
C SER I 75 -47.32 5.57 -15.64
N ILE I 76 -47.84 4.41 -15.26
CA ILE I 76 -49.28 4.19 -15.16
C ILE I 76 -49.74 4.05 -13.72
N ASN I 77 -48.86 4.31 -12.76
CA ASN I 77 -49.19 4.25 -11.33
C ASN I 77 -49.70 2.87 -10.93
N THR I 78 -48.99 1.83 -11.36
CA THR I 78 -49.48 0.48 -11.13
C THR I 78 -48.44 -0.37 -10.43
N ALA I 79 -48.89 -1.16 -9.47
CA ALA I 79 -48.10 -2.21 -8.84
C ALA I 79 -48.59 -3.56 -9.36
N TYR I 80 -47.69 -4.54 -9.35
CA TYR I 80 -47.99 -5.86 -9.90
C TYR I 80 -47.51 -6.94 -8.95
N LEU I 81 -48.26 -8.02 -8.86
CA LEU I 81 -47.86 -9.21 -8.12
C LEU I 81 -47.90 -10.39 -9.08
N GLN I 82 -46.79 -11.13 -9.20
CA GLN I 82 -46.71 -12.16 -10.23
C GLN I 82 -46.05 -13.43 -9.71
N TRP I 83 -46.61 -14.57 -10.13
CA TRP I 83 -46.02 -15.89 -9.97
C TRP I 83 -45.63 -16.45 -11.33
N SER I 84 -44.57 -17.26 -11.34
CA SER I 84 -44.15 -17.92 -12.56
C SER I 84 -44.74 -19.32 -12.73
N SER I 85 -45.05 -20.02 -11.64
CA SER I 85 -45.75 -21.31 -11.69
C SER I 85 -46.64 -21.39 -10.48
N LEU I 86 -47.96 -21.39 -10.69
CA LEU I 86 -48.92 -21.39 -9.59
C LEU I 86 -49.13 -22.79 -9.03
N LYS I 87 -49.40 -22.87 -7.74
CA LYS I 87 -49.81 -24.11 -7.10
C LYS I 87 -51.23 -23.97 -6.58
N ALA I 88 -51.83 -25.10 -6.19
CA ALA I 88 -53.14 -25.03 -5.57
C ALA I 88 -53.08 -24.25 -4.27
N SER I 89 -51.93 -24.29 -3.58
CA SER I 89 -51.69 -23.46 -2.40
C SER I 89 -52.10 -22.00 -2.61
N ASP I 90 -51.94 -21.48 -3.83
CA ASP I 90 -52.08 -20.04 -4.07
C ASP I 90 -53.52 -19.58 -4.24
N THR I 91 -54.50 -20.47 -4.15
CA THR I 91 -55.91 -20.07 -4.20
C THR I 91 -56.26 -19.18 -3.02
N ALA I 92 -56.59 -17.92 -3.27
CA ALA I 92 -56.86 -16.96 -2.20
C ALA I 92 -57.36 -15.67 -2.82
N ILE I 93 -57.70 -14.71 -1.96
CA ILE I 93 -57.94 -13.34 -2.38
C ILE I 93 -56.70 -12.51 -2.06
N TYR I 94 -56.26 -11.72 -3.02
CA TYR I 94 -55.06 -10.91 -2.86
C TYR I 94 -55.47 -9.44 -2.85
N TYR I 95 -55.16 -8.76 -1.75
CA TYR I 95 -55.52 -7.37 -1.52
C TYR I 95 -54.35 -6.45 -1.80
N CYS I 96 -54.64 -5.36 -2.51
CA CYS I 96 -53.70 -4.27 -2.71
C CYS I 96 -53.97 -3.18 -1.67
N ALA I 97 -52.93 -2.80 -0.92
CA ALA I 97 -53.08 -1.77 0.11
C ALA I 97 -52.02 -0.70 -0.11
N GLY I 98 -52.25 0.46 0.52
CA GLY I 98 -51.36 1.59 0.34
C GLY I 98 -51.15 2.40 1.61
N GLY I 99 -49.90 2.75 1.89
CA GLY I 99 -49.59 3.61 3.02
C GLY I 99 -48.68 4.75 2.60
N GLY I 100 -48.84 5.88 3.28
CA GLY I 100 -48.11 7.08 2.89
C GLY I 100 -46.65 7.11 3.28
N GLY I 101 -45.97 5.97 3.18
CA GLY I 101 -44.57 5.90 3.52
C GLY I 101 -44.21 4.58 4.17
N ILE I 102 -42.92 4.29 4.32
CA ILE I 102 -42.51 3.10 5.07
C ILE I 102 -42.77 3.35 6.54
N SER I 103 -42.98 2.26 7.29
CA SER I 103 -43.46 2.32 8.66
C SER I 103 -44.63 3.30 8.81
N THR I 104 -45.65 3.11 7.99
CA THR I 104 -46.92 3.80 8.10
C THR I 104 -48.05 2.78 7.95
N PRO I 105 -49.21 3.06 8.53
CA PRO I 105 -50.36 2.16 8.35
C PRO I 105 -50.86 2.22 6.91
N MET I 106 -51.78 1.31 6.60
CA MET I 106 -52.33 1.18 5.24
C MET I 106 -53.61 2.00 5.14
N ASP I 107 -53.50 3.23 4.64
CA ASP I 107 -54.68 4.09 4.48
C ASP I 107 -55.65 3.52 3.46
N VAL I 108 -55.16 3.21 2.27
CA VAL I 108 -55.99 2.85 1.13
C VAL I 108 -55.94 1.34 0.91
N TRP I 109 -57.07 0.75 0.58
CA TRP I 109 -57.16 -0.67 0.27
C TRP I 109 -57.88 -0.85 -1.05
N GLY I 110 -57.41 -1.81 -1.85
CA GLY I 110 -58.09 -2.20 -3.05
C GLY I 110 -59.24 -3.16 -2.79
N GLN I 111 -60.03 -3.39 -3.84
CA GLN I 111 -61.20 -4.26 -3.72
C GLN I 111 -60.81 -5.73 -3.60
N GLY I 112 -59.58 -6.09 -3.94
CA GLY I 112 -59.18 -7.47 -3.89
C GLY I 112 -59.30 -8.15 -5.23
N THR I 113 -58.46 -9.15 -5.46
CA THR I 113 -58.51 -9.99 -6.65
C THR I 113 -58.59 -11.44 -6.20
N THR I 114 -59.67 -12.12 -6.58
CA THR I 114 -59.85 -13.52 -6.24
C THR I 114 -59.14 -14.39 -7.27
N VAL I 115 -58.26 -15.27 -6.80
CA VAL I 115 -57.48 -16.14 -7.66
C VAL I 115 -57.76 -17.58 -7.22
N THR I 116 -58.28 -18.38 -8.15
CA THR I 116 -58.54 -19.80 -7.94
C THR I 116 -57.62 -20.59 -8.85
N VAL I 117 -56.78 -21.43 -8.26
CA VAL I 117 -55.86 -22.28 -9.00
C VAL I 117 -56.27 -23.72 -8.78
N SER I 118 -56.77 -24.37 -9.83
CA SER I 118 -57.31 -25.72 -9.73
C SER I 118 -57.09 -26.45 -11.03
N SER I 119 -56.88 -27.77 -10.93
CA SER I 119 -56.78 -28.62 -12.11
C SER I 119 -58.12 -28.83 -12.79
N ALA I 120 -59.23 -28.50 -12.13
CA ALA I 120 -60.54 -28.68 -12.73
C ALA I 120 -60.75 -27.67 -13.85
N SER I 121 -61.76 -27.94 -14.67
CA SER I 121 -62.13 -27.04 -15.75
C SER I 121 -63.62 -26.73 -15.67
N THR I 122 -64.05 -25.77 -16.49
CA THR I 122 -65.36 -25.16 -16.32
C THR I 122 -66.47 -26.17 -16.55
N LYS I 123 -67.40 -26.25 -15.60
CA LYS I 123 -68.56 -27.12 -15.72
C LYS I 123 -69.74 -26.44 -15.06
N GLY I 124 -70.89 -26.46 -15.73
CA GLY I 124 -72.09 -25.90 -15.17
C GLY I 124 -72.62 -26.74 -14.04
N PRO I 125 -73.36 -26.12 -13.13
CA PRO I 125 -73.92 -26.87 -12.00
C PRO I 125 -75.11 -27.72 -12.43
N SER I 126 -75.37 -28.75 -11.64
CA SER I 126 -76.61 -29.50 -11.73
C SER I 126 -77.43 -29.22 -10.49
N VAL I 127 -78.72 -28.97 -10.69
CA VAL I 127 -79.60 -28.48 -9.65
C VAL I 127 -80.65 -29.53 -9.34
N PHE I 128 -80.76 -29.89 -8.07
CA PHE I 128 -81.69 -30.90 -7.61
C PHE I 128 -82.61 -30.32 -6.54
N PRO I 129 -83.83 -30.82 -6.43
CA PRO I 129 -84.75 -30.29 -5.41
C PRO I 129 -84.56 -30.96 -4.05
N LEU I 130 -84.67 -30.14 -3.01
CA LEU I 130 -84.80 -30.60 -1.62
C LEU I 130 -86.27 -30.38 -1.29
N ALA I 131 -87.07 -31.41 -1.53
CA ALA I 131 -88.52 -31.26 -1.47
C ALA I 131 -88.97 -31.07 -0.03
N PRO I 132 -90.02 -30.29 0.18
CA PRO I 132 -90.56 -30.13 1.53
C PRO I 132 -91.15 -31.44 2.05
N SER I 133 -90.88 -31.75 3.31
CA SER I 133 -91.54 -32.88 3.94
C SER I 133 -93.04 -32.62 4.03
N SER I 134 -93.82 -33.70 3.98
CA SER I 134 -95.27 -33.59 4.08
C SER I 134 -95.77 -33.75 5.51
N LYS I 135 -94.89 -34.10 6.45
CA LYS I 135 -95.15 -33.90 7.87
C LYS I 135 -94.97 -32.44 8.27
N THR I 141 -94.66 -24.73 10.06
CA THR I 141 -93.74 -24.25 9.03
C THR I 141 -92.94 -25.41 8.43
N ALA I 142 -92.60 -25.28 7.15
CA ALA I 142 -91.84 -26.27 6.40
C ALA I 142 -90.69 -25.60 5.68
N ALA I 143 -89.65 -26.39 5.39
CA ALA I 143 -88.46 -25.91 4.72
C ALA I 143 -88.24 -26.69 3.43
N LEU I 144 -87.90 -25.97 2.35
CA LEU I 144 -87.59 -26.59 1.08
C LEU I 144 -86.37 -25.91 0.48
N GLY I 145 -85.84 -26.46 -0.61
CA GLY I 145 -84.65 -25.82 -1.14
C GLY I 145 -84.14 -26.41 -2.44
N CYS I 146 -83.00 -25.88 -2.86
CA CYS I 146 -82.31 -26.28 -4.08
C CYS I 146 -80.88 -26.65 -3.73
N LEU I 147 -80.41 -27.78 -4.27
CA LEU I 147 -79.03 -28.22 -4.14
C LEU I 147 -78.32 -27.99 -5.47
N VAL I 148 -77.28 -27.16 -5.45
CA VAL I 148 -76.51 -26.76 -6.62
C VAL I 148 -75.18 -27.48 -6.53
N LYS I 149 -75.01 -28.56 -7.27
CA LYS I 149 -73.89 -29.48 -7.09
C LYS I 149 -73.02 -29.52 -8.34
N ASP I 150 -71.71 -29.69 -8.10
CA ASP I 150 -70.74 -30.07 -9.13
C ASP I 150 -70.60 -28.97 -10.19
N TYR I 151 -70.09 -27.82 -9.75
CA TYR I 151 -69.83 -26.70 -10.66
C TYR I 151 -68.44 -26.13 -10.39
N PHE I 152 -67.90 -25.47 -11.41
CA PHE I 152 -66.59 -24.83 -11.34
C PHE I 152 -66.49 -23.83 -12.48
N PRO I 153 -65.96 -22.63 -12.24
CA PRO I 153 -65.55 -22.18 -10.90
C PRO I 153 -66.64 -21.39 -10.20
N GLU I 154 -66.29 -20.74 -9.08
CA GLU I 154 -67.19 -19.83 -8.42
C GLU I 154 -67.35 -18.55 -9.25
N PRO I 155 -68.46 -17.83 -9.08
CA PRO I 155 -69.60 -18.13 -8.21
C PRO I 155 -70.88 -18.48 -8.96
N VAL I 156 -71.92 -18.83 -8.20
CA VAL I 156 -73.26 -18.96 -8.74
C VAL I 156 -74.18 -18.06 -7.95
N THR I 157 -75.25 -17.61 -8.60
CA THR I 157 -76.27 -16.78 -7.98
C THR I 157 -77.57 -17.57 -7.93
N VAL I 158 -78.21 -17.57 -6.76
CA VAL I 158 -79.46 -18.30 -6.56
C VAL I 158 -80.53 -17.31 -6.12
N SER I 159 -81.65 -17.31 -6.82
CA SER I 159 -82.81 -16.49 -6.49
C SER I 159 -84.03 -17.39 -6.36
N TRP I 160 -85.07 -16.87 -5.72
CA TRP I 160 -86.34 -17.57 -5.60
C TRP I 160 -87.45 -16.71 -6.17
N ASN I 161 -88.25 -17.31 -7.06
CA ASN I 161 -89.34 -16.61 -7.75
C ASN I 161 -88.83 -15.37 -8.48
N SER I 162 -87.69 -15.52 -9.16
CA SER I 162 -87.06 -14.44 -9.91
C SER I 162 -86.94 -13.16 -9.07
N GLY I 163 -86.46 -13.31 -7.84
CA GLY I 163 -86.18 -12.18 -6.98
C GLY I 163 -87.33 -11.73 -6.09
N ALA I 164 -88.50 -12.36 -6.20
CA ALA I 164 -89.63 -11.95 -5.36
C ALA I 164 -89.53 -12.48 -3.94
N LEU I 165 -88.97 -13.69 -3.78
CA LEU I 165 -88.87 -14.32 -2.47
C LEU I 165 -87.52 -14.00 -1.84
N THR I 166 -87.55 -13.30 -0.71
CA THR I 166 -86.35 -12.94 0.05
C THR I 166 -86.43 -13.37 1.51
N SER I 167 -87.59 -13.22 2.15
CA SER I 167 -87.73 -13.60 3.55
C SER I 167 -87.53 -15.09 3.74
N GLY I 168 -86.75 -15.46 4.76
CA GLY I 168 -86.52 -16.85 5.08
C GLY I 168 -85.50 -17.56 4.22
N VAL I 169 -84.87 -16.86 3.29
CA VAL I 169 -83.94 -17.48 2.35
C VAL I 169 -82.55 -17.54 2.96
N HIS I 170 -81.94 -18.72 2.92
CA HIS I 170 -80.57 -18.93 3.36
C HIS I 170 -79.81 -19.63 2.25
N THR I 171 -78.94 -18.90 1.55
CA THR I 171 -78.06 -19.49 0.55
C THR I 171 -76.69 -19.65 1.19
N PHE I 172 -76.29 -20.90 1.40
CA PHE I 172 -75.10 -21.19 2.16
C PHE I 172 -73.84 -20.92 1.33
N PRO I 173 -72.72 -20.63 1.99
CA PRO I 173 -71.45 -20.49 1.27
C PRO I 173 -71.09 -21.79 0.57
N ALA I 174 -70.45 -21.66 -0.60
CA ALA I 174 -70.05 -22.82 -1.36
C ALA I 174 -69.01 -23.62 -0.59
N VAL I 175 -68.98 -24.93 -0.86
CA VAL I 175 -68.02 -25.85 -0.27
C VAL I 175 -67.24 -26.51 -1.39
N LEU I 176 -65.94 -26.70 -1.19
CA LEU I 176 -65.09 -27.35 -2.17
C LEU I 176 -65.07 -28.85 -1.89
N GLN I 177 -65.61 -29.63 -2.81
CA GLN I 177 -65.59 -31.08 -2.66
C GLN I 177 -64.20 -31.63 -3.00
N SER I 178 -63.96 -32.88 -2.61
CA SER I 178 -62.71 -33.53 -2.94
C SER I 178 -62.56 -33.79 -4.43
N SER I 179 -63.67 -33.75 -5.18
CA SER I 179 -63.62 -33.85 -6.63
C SER I 179 -62.97 -32.64 -7.29
N GLY I 180 -62.80 -31.54 -6.56
CA GLY I 180 -62.36 -30.29 -7.14
C GLY I 180 -63.48 -29.38 -7.60
N LEU I 181 -64.73 -29.82 -7.48
CA LEU I 181 -65.89 -29.01 -7.84
C LEU I 181 -66.55 -28.47 -6.58
N TYR I 182 -67.44 -27.50 -6.78
CA TYR I 182 -68.10 -26.80 -5.69
C TYR I 182 -69.54 -27.27 -5.55
N SER I 183 -70.07 -27.13 -4.34
CA SER I 183 -71.45 -27.44 -4.07
C SER I 183 -72.02 -26.41 -3.09
N LEU I 184 -73.34 -26.26 -3.15
CA LEU I 184 -74.01 -25.17 -2.49
C LEU I 184 -75.46 -25.60 -2.27
N SER I 185 -76.11 -24.99 -1.30
CA SER I 185 -77.53 -25.23 -1.12
C SER I 185 -78.21 -23.96 -0.66
N SER I 186 -79.44 -23.76 -1.11
CA SER I 186 -80.24 -22.61 -0.72
C SER I 186 -81.59 -23.12 -0.23
N VAL I 187 -82.00 -22.65 0.94
CA VAL I 187 -83.22 -23.12 1.57
C VAL I 187 -84.15 -21.93 1.83
N VAL I 188 -85.43 -22.26 1.98
CA VAL I 188 -86.48 -21.29 2.25
C VAL I 188 -87.45 -21.91 3.24
N THR I 189 -87.86 -21.12 4.23
CA THR I 189 -88.89 -21.50 5.18
C THR I 189 -90.19 -20.83 4.80
N VAL I 190 -91.27 -21.61 4.76
CA VAL I 190 -92.59 -21.12 4.39
C VAL I 190 -93.61 -21.80 5.30
N PRO I 191 -94.78 -21.18 5.46
CA PRO I 191 -95.89 -21.91 6.10
C PRO I 191 -96.19 -23.16 5.29
N SER I 192 -96.84 -24.14 5.93
CA SER I 192 -97.13 -25.35 5.18
C SER I 192 -98.53 -25.37 4.56
N SER I 193 -99.42 -24.47 4.95
CA SER I 193 -100.59 -24.15 4.14
C SER I 193 -100.19 -23.81 2.71
N SER I 194 -99.20 -22.92 2.56
CA SER I 194 -98.57 -22.52 1.31
C SER I 194 -98.38 -23.64 0.29
N LEU I 195 -98.08 -24.85 0.76
CA LEU I 195 -97.45 -25.86 -0.08
C LEU I 195 -98.28 -26.20 -1.31
N GLY I 196 -99.60 -26.33 -1.16
CA GLY I 196 -100.43 -26.69 -2.30
C GLY I 196 -100.73 -25.54 -3.24
N THR I 197 -100.78 -24.31 -2.72
CA THR I 197 -101.19 -23.14 -3.49
C THR I 197 -100.02 -22.48 -4.23
N GLN I 198 -98.92 -22.23 -3.52
CA GLN I 198 -97.88 -21.35 -4.01
C GLN I 198 -96.79 -22.14 -4.72
N THR I 199 -96.29 -21.57 -5.82
CA THR I 199 -95.30 -22.21 -6.68
C THR I 199 -93.92 -21.67 -6.35
N TYR I 200 -92.99 -22.57 -6.03
CA TYR I 200 -91.64 -22.20 -5.61
C TYR I 200 -90.65 -22.62 -6.69
N ILE I 201 -90.10 -21.62 -7.39
CA ILE I 201 -89.10 -21.85 -8.44
C ILE I 201 -87.79 -21.23 -7.95
N CYS I 202 -86.70 -21.99 -8.09
CA CYS I 202 -85.37 -21.48 -7.79
C CYS I 202 -84.62 -21.27 -9.09
N ASN I 203 -83.97 -20.11 -9.22
CA ASN I 203 -83.24 -19.72 -10.42
C ASN I 203 -81.76 -19.66 -10.09
N VAL I 204 -80.96 -20.43 -10.82
CA VAL I 204 -79.53 -20.53 -10.59
C VAL I 204 -78.81 -20.06 -11.85
N ASN I 205 -77.88 -19.13 -11.66
CA ASN I 205 -77.09 -18.57 -12.75
C ASN I 205 -75.62 -18.80 -12.46
N HIS I 206 -74.93 -19.45 -13.40
CA HIS I 206 -73.49 -19.67 -13.34
C HIS I 206 -72.91 -19.08 -14.63
N LYS I 207 -72.46 -17.83 -14.53
CA LYS I 207 -71.92 -17.14 -15.70
C LYS I 207 -70.69 -17.80 -16.31
N PRO I 208 -69.74 -18.35 -15.54
CA PRO I 208 -68.57 -18.97 -16.19
C PRO I 208 -68.92 -20.06 -17.19
N SER I 209 -69.99 -20.81 -16.96
CA SER I 209 -70.44 -21.84 -17.88
C SER I 209 -71.64 -21.40 -18.71
N ASN I 210 -72.06 -20.13 -18.56
CA ASN I 210 -73.23 -19.60 -19.27
C ASN I 210 -74.46 -20.45 -19.01
N THR I 211 -74.64 -20.86 -17.76
CA THR I 211 -75.71 -21.76 -17.37
C THR I 211 -76.79 -21.00 -16.63
N LYS I 212 -78.03 -21.15 -17.10
CA LYS I 212 -79.21 -20.61 -16.41
C LYS I 212 -80.20 -21.74 -16.27
N VAL I 213 -80.56 -22.07 -15.03
CA VAL I 213 -81.44 -23.19 -14.75
C VAL I 213 -82.51 -22.76 -13.76
N ASP I 214 -83.77 -22.98 -14.11
CA ASP I 214 -84.87 -22.74 -13.20
C ASP I 214 -85.52 -24.08 -12.87
N LYS I 215 -85.64 -24.36 -11.57
CA LYS I 215 -86.14 -25.65 -11.11
C LYS I 215 -87.32 -25.43 -10.17
N LYS I 216 -88.41 -26.13 -10.45
CA LYS I 216 -89.59 -26.10 -9.60
C LYS I 216 -89.44 -27.13 -8.50
N VAL I 217 -89.80 -26.73 -7.27
CA VAL I 217 -89.71 -27.59 -6.10
C VAL I 217 -91.11 -27.83 -5.58
N GLU I 218 -91.52 -29.09 -5.55
CA GLU I 218 -92.83 -29.54 -5.11
C GLU I 218 -92.64 -30.67 -4.13
N PRO I 219 -93.65 -30.98 -3.31
CA PRO I 219 -93.55 -32.17 -2.47
C PRO I 219 -93.46 -33.40 -3.37
N LYS I 220 -92.82 -34.45 -2.85
CA LYS I 220 -92.63 -35.64 -3.67
C LYS I 220 -93.95 -36.34 -3.95
N SER I 221 -93.89 -37.30 -4.86
CA SER I 221 -95.10 -37.96 -5.34
C SER I 221 -95.61 -39.00 -4.36
N CYS I 222 -94.78 -40.01 -4.06
CA CYS I 222 -95.21 -41.18 -3.27
C CYS I 222 -96.38 -41.87 -3.95
N ASP J 1 -39.21 -10.11 12.16
CA ASP J 1 -39.72 -11.25 12.93
C ASP J 1 -40.37 -10.79 14.22
N ILE J 2 -41.37 -9.90 14.11
CA ILE J 2 -42.18 -9.47 15.24
C ILE J 2 -43.57 -10.07 15.06
N GLN J 3 -43.94 -11.00 15.92
CA GLN J 3 -45.21 -11.69 15.80
C GLN J 3 -46.24 -11.08 16.76
N LEU J 4 -47.51 -11.19 16.37
CA LEU J 4 -48.62 -10.61 17.13
C LEU J 4 -49.64 -11.69 17.42
N THR J 5 -50.06 -11.79 18.68
CA THR J 5 -51.04 -12.77 19.12
C THR J 5 -52.25 -12.02 19.69
N GLN J 6 -53.43 -12.32 19.15
CA GLN J 6 -54.65 -11.67 19.59
C GLN J 6 -55.43 -12.55 20.55
N SER J 7 -56.17 -11.91 21.45
CA SER J 7 -56.96 -12.60 22.47
C SER J 7 -58.23 -11.82 22.74
N PRO J 8 -59.39 -12.49 22.80
CA PRO J 8 -59.54 -13.91 22.48
C PRO J 8 -59.72 -14.10 20.97
N ASP J 9 -59.95 -15.33 20.53
CA ASP J 9 -60.15 -15.58 19.11
C ASP J 9 -61.56 -15.18 18.67
N SER J 10 -62.56 -15.48 19.48
CA SER J 10 -63.94 -15.11 19.21
C SER J 10 -64.46 -14.23 20.33
N LEU J 11 -65.49 -13.44 20.02
CA LEU J 11 -66.06 -12.52 20.99
C LEU J 11 -67.54 -12.38 20.72
N ALA J 12 -68.36 -12.60 21.76
CA ALA J 12 -69.81 -12.45 21.69
C ALA J 12 -70.23 -11.37 22.67
N VAL J 13 -70.73 -10.26 22.15
CA VAL J 13 -71.07 -9.09 22.96
C VAL J 13 -72.50 -8.68 22.63
N SER J 14 -73.29 -8.39 23.66
CA SER J 14 -74.66 -7.93 23.45
C SER J 14 -74.67 -6.52 22.90
N LEU J 15 -75.75 -6.19 22.18
CA LEU J 15 -75.87 -4.88 21.56
C LEU J 15 -75.83 -3.78 22.62
N GLY J 16 -74.97 -2.79 22.39
CA GLY J 16 -74.86 -1.64 23.26
C GLY J 16 -73.85 -1.76 24.37
N GLU J 17 -73.20 -2.91 24.54
CA GLU J 17 -72.21 -3.13 25.57
C GLU J 17 -70.80 -3.05 24.97
N ARG J 18 -69.79 -3.39 25.77
CA ARG J 18 -68.40 -3.13 25.41
C ARG J 18 -67.65 -4.41 25.08
N ALA J 19 -66.85 -4.35 24.01
CA ALA J 19 -65.99 -5.44 23.55
C ALA J 19 -64.53 -5.00 23.62
N THR J 20 -63.67 -5.84 24.19
CA THR J 20 -62.25 -5.54 24.29
C THR J 20 -61.43 -6.66 23.68
N ILE J 21 -60.46 -6.28 22.84
CA ILE J 21 -59.59 -7.21 22.13
C ILE J 21 -58.14 -6.83 22.44
N ASN J 22 -57.32 -7.84 22.74
CA ASN J 22 -55.95 -7.63 23.15
C ASN J 22 -54.99 -8.14 22.07
N CYS J 23 -54.01 -7.32 21.74
CA CYS J 23 -52.90 -7.70 20.88
C CYS J 23 -51.62 -7.70 21.70
N LYS J 24 -50.95 -8.85 21.74
CA LYS J 24 -49.66 -8.98 22.39
C LYS J 24 -48.57 -9.08 21.33
N SER J 25 -47.49 -8.34 21.55
CA SER J 25 -46.40 -8.24 20.59
C SER J 25 -45.17 -8.95 21.13
N SER J 26 -44.51 -9.73 20.28
CA SER J 26 -43.30 -10.43 20.69
C SER J 26 -42.20 -9.47 21.11
N GLN J 27 -42.02 -8.39 20.35
CA GLN J 27 -40.98 -7.40 20.61
C GLN J 27 -41.60 -6.02 20.73
N SER J 28 -40.83 -5.09 21.28
CA SER J 28 -41.29 -3.72 21.43
C SER J 28 -41.45 -3.08 20.05
N VAL J 29 -42.53 -2.32 19.90
CA VAL J 29 -42.82 -1.62 18.64
C VAL J 29 -42.94 -0.13 18.90
N LEU J 30 -42.28 0.34 19.96
CA LEU J 30 -42.24 1.77 20.28
C LEU J 30 -41.03 2.41 19.60
N TRP J 31 -41.29 3.49 18.85
CA TRP J 31 -40.24 4.24 18.15
C TRP J 31 -39.79 5.36 19.09
N SER J 32 -38.64 5.17 19.73
CA SER J 32 -38.26 6.04 20.85
C SER J 32 -38.00 7.48 20.43
N SER J 33 -37.77 7.74 19.14
CA SER J 33 -37.51 9.11 18.69
C SER J 33 -38.81 9.91 18.59
N ILE J 34 -39.89 9.28 18.14
CA ILE J 34 -41.19 9.94 18.05
C ILE J 34 -42.04 9.66 19.30
N ASN J 35 -41.70 8.64 20.08
CA ASN J 35 -42.49 8.25 21.26
C ASN J 35 -43.90 7.84 20.84
N LYS J 36 -43.98 6.98 19.84
CA LYS J 36 -45.25 6.46 19.36
C LYS J 36 -45.11 4.97 19.08
N ASN J 37 -46.11 4.19 19.48
CA ASN J 37 -46.15 2.77 19.19
C ASN J 37 -46.72 2.54 17.79
N TYR J 38 -45.97 1.82 16.96
CA TYR J 38 -46.33 1.67 15.54
C TYR J 38 -47.21 0.43 15.37
N LEU J 39 -48.44 0.54 15.89
CA LEU J 39 -49.42 -0.53 15.83
C LEU J 39 -50.74 0.03 15.32
N ALA J 40 -51.46 -0.80 14.56
CA ALA J 40 -52.71 -0.40 13.94
C ALA J 40 -53.75 -1.49 14.10
N TRP J 41 -55.01 -1.08 14.08
CA TRP J 41 -56.17 -1.95 14.17
C TRP J 41 -57.01 -1.77 12.91
N TYR J 42 -57.37 -2.88 12.28
CA TYR J 42 -58.18 -2.91 11.08
C TYR J 42 -59.47 -3.70 11.33
N GLN J 43 -60.53 -3.31 10.63
CA GLN J 43 -61.80 -4.02 10.68
C GLN J 43 -62.12 -4.55 9.28
N GLN J 44 -62.55 -5.81 9.21
CA GLN J 44 -62.90 -6.46 7.95
C GLN J 44 -64.25 -7.13 8.12
N LYS J 45 -65.26 -6.60 7.44
CA LYS J 45 -66.55 -7.24 7.39
C LYS J 45 -66.55 -8.34 6.32
N PRO J 46 -67.43 -9.33 6.44
CA PRO J 46 -67.39 -10.47 5.51
C PRO J 46 -67.56 -10.01 4.06
N GLY J 47 -66.69 -10.51 3.19
CA GLY J 47 -66.75 -10.19 1.78
C GLY J 47 -66.30 -8.80 1.40
N GLN J 48 -65.65 -8.08 2.31
CA GLN J 48 -65.22 -6.71 2.08
C GLN J 48 -63.74 -6.57 2.39
N PRO J 49 -63.08 -5.55 1.85
CA PRO J 49 -61.66 -5.34 2.15
C PRO J 49 -61.48 -4.76 3.55
N PRO J 50 -60.31 -4.97 4.16
CA PRO J 50 -60.06 -4.39 5.47
C PRO J 50 -60.11 -2.87 5.43
N LYS J 51 -60.52 -2.28 6.56
CA LYS J 51 -60.63 -0.84 6.71
C LYS J 51 -59.78 -0.42 7.91
N LEU J 52 -58.94 0.60 7.70
CA LEU J 52 -58.09 1.08 8.78
C LEU J 52 -58.93 1.81 9.82
N LEU J 53 -58.92 1.30 11.04
CA LEU J 53 -59.66 1.89 12.16
C LEU J 53 -58.78 2.75 13.04
N ILE J 54 -57.62 2.24 13.46
CA ILE J 54 -56.78 2.95 14.42
C ILE J 54 -55.32 2.81 14.01
N TYR J 55 -54.58 3.91 14.11
CA TYR J 55 -53.14 3.90 13.88
C TYR J 55 -52.43 4.54 15.07
N TRP J 56 -51.14 4.22 15.20
CA TRP J 56 -50.31 4.64 16.34
C TRP J 56 -50.90 4.18 17.67
N ALA J 57 -51.62 3.06 17.65
CA ALA J 57 -52.14 2.39 18.84
C ALA J 57 -53.23 3.18 19.55
N SER J 58 -53.39 4.46 19.21
CA SER J 58 -54.30 5.32 19.96
C SER J 58 -55.04 6.35 19.13
N THR J 59 -54.73 6.53 17.84
CA THR J 59 -55.32 7.59 17.05
C THR J 59 -56.32 7.01 16.06
N PRO J 60 -57.57 7.47 16.06
CA PRO J 60 -58.54 6.97 15.09
C PRO J 60 -58.40 7.63 13.74
N GLU J 61 -58.68 6.85 12.70
CA GLU J 61 -58.74 7.40 11.35
C GLU J 61 -59.98 8.28 11.19
N SER J 62 -59.89 9.23 10.27
CA SER J 62 -61.01 10.15 10.05
C SER J 62 -62.23 9.39 9.56
N GLY J 63 -63.39 9.73 10.12
CA GLY J 63 -64.62 9.06 9.80
C GLY J 63 -64.94 7.84 10.64
N VAL J 64 -64.01 7.40 11.48
CA VAL J 64 -64.24 6.24 12.34
C VAL J 64 -65.05 6.67 13.55
N PRO J 65 -66.17 6.00 13.86
CA PRO J 65 -67.02 6.44 14.96
C PRO J 65 -66.28 6.51 16.28
N ASP J 66 -66.80 7.35 17.18
CA ASP J 66 -66.13 7.62 18.45
C ASP J 66 -66.18 6.46 19.42
N ARG J 67 -67.04 5.46 19.18
CA ARG J 67 -67.12 4.30 20.07
C ARG J 67 -65.91 3.39 19.96
N PHE J 68 -65.08 3.57 18.93
CA PHE J 68 -63.86 2.81 18.75
C PHE J 68 -62.72 3.53 19.47
N SER J 69 -61.95 2.79 20.26
CA SER J 69 -60.85 3.37 21.00
C SER J 69 -59.65 2.43 21.01
N GLY J 70 -58.45 3.03 21.00
CA GLY J 70 -57.22 2.27 21.05
C GLY J 70 -56.45 2.59 22.31
N SER J 71 -55.77 1.58 22.85
CA SER J 71 -55.08 1.72 24.11
C SER J 71 -53.87 0.79 24.14
N GLY J 72 -52.99 1.02 25.09
CA GLY J 72 -51.87 0.14 25.32
C GLY J 72 -50.55 0.81 25.01
N SER J 73 -49.48 0.05 25.27
CA SER J 73 -48.12 0.43 24.88
C SER J 73 -47.21 -0.76 25.17
N GLY J 74 -45.90 -0.52 25.04
CA GLY J 74 -44.91 -1.57 25.11
C GLY J 74 -45.20 -2.71 24.16
N THR J 75 -45.66 -3.84 24.70
CA THR J 75 -46.02 -5.00 23.91
C THR J 75 -47.50 -5.36 24.00
N ASP J 76 -48.28 -4.66 24.84
CA ASP J 76 -49.67 -5.00 25.07
C ASP J 76 -50.55 -3.85 24.63
N PHE J 77 -51.51 -4.15 23.75
CA PHE J 77 -52.39 -3.16 23.17
C PHE J 77 -53.83 -3.67 23.19
N THR J 78 -54.78 -2.75 23.19
CA THR J 78 -56.18 -3.07 23.31
C THR J 78 -57.02 -2.24 22.35
N LEU J 79 -58.00 -2.88 21.73
CA LEU J 79 -59.03 -2.23 20.95
C LEU J 79 -60.35 -2.37 21.71
N THR J 80 -61.06 -1.25 21.87
CA THR J 80 -62.27 -1.20 22.69
C THR J 80 -63.45 -0.64 21.91
N ILE J 81 -64.55 -1.38 21.95
CA ILE J 81 -65.85 -0.96 21.43
C ILE J 81 -66.71 -0.62 22.64
N SER J 82 -67.15 0.63 22.75
CA SER J 82 -67.82 1.08 23.96
C SER J 82 -69.29 0.70 23.97
N SER J 83 -69.96 0.73 22.82
CA SER J 83 -71.34 0.27 22.72
C SER J 83 -71.48 -0.40 21.34
N LEU J 84 -71.45 -1.72 21.34
CA LEU J 84 -71.43 -2.47 20.08
C LEU J 84 -72.71 -2.23 19.29
N GLN J 85 -72.54 -2.01 17.98
CA GLN J 85 -73.66 -1.88 17.06
C GLN J 85 -73.66 -3.04 16.09
N ALA J 86 -74.81 -3.25 15.43
CA ALA J 86 -74.95 -4.40 14.54
C ALA J 86 -73.98 -4.34 13.38
N GLU J 87 -73.60 -3.14 12.95
CA GLU J 87 -72.65 -3.00 11.84
C GLU J 87 -71.21 -3.26 12.26
N ASP J 88 -70.95 -3.41 13.55
CA ASP J 88 -69.60 -3.69 14.04
C ASP J 88 -69.25 -5.17 14.02
N VAL J 89 -70.17 -6.04 13.59
CA VAL J 89 -69.93 -7.47 13.51
C VAL J 89 -68.91 -7.71 12.40
N ALA J 90 -67.72 -8.19 12.74
CA ALA J 90 -66.63 -8.32 11.77
C ALA J 90 -65.41 -8.99 12.38
N VAL J 91 -64.33 -9.12 11.62
CA VAL J 91 -63.06 -9.61 12.15
C VAL J 91 -62.12 -8.42 12.30
N TYR J 92 -61.47 -8.33 13.46
CA TYR J 92 -60.58 -7.22 13.77
C TYR J 92 -59.16 -7.75 13.85
N TYR J 93 -58.25 -7.08 13.15
CA TYR J 93 -56.85 -7.49 13.07
C TYR J 93 -55.94 -6.44 13.68
N CYS J 94 -54.96 -6.85 14.50
CA CYS J 94 -53.87 -5.97 14.88
C CYS J 94 -52.68 -6.19 13.95
N GLN J 95 -52.04 -5.09 13.55
CA GLN J 95 -50.91 -5.10 12.64
C GLN J 95 -49.79 -4.22 13.17
N GLN J 96 -48.56 -4.70 13.04
CA GLN J 96 -47.38 -3.92 13.42
C GLN J 96 -46.73 -3.38 12.16
N TYR J 97 -46.36 -2.10 12.19
CA TYR J 97 -45.61 -1.49 11.09
C TYR J 97 -44.40 -0.74 11.61
N TYR J 98 -43.84 -1.18 12.74
CA TYR J 98 -42.61 -0.58 13.25
C TYR J 98 -41.44 -0.82 12.31
N LYS J 99 -41.26 -2.06 11.88
CA LYS J 99 -40.21 -2.42 10.93
C LYS J 99 -40.74 -3.47 9.96
N THR J 100 -40.10 -3.55 8.80
CA THR J 100 -40.42 -4.63 7.86
C THR J 100 -39.71 -5.92 8.29
N PRO J 101 -40.34 -7.08 8.12
CA PRO J 101 -41.67 -7.25 7.49
C PRO J 101 -42.84 -6.92 8.41
N TYR J 102 -43.85 -6.26 7.86
CA TYR J 102 -45.09 -6.06 8.59
C TYR J 102 -45.70 -7.41 8.92
N THR J 103 -46.44 -7.46 10.04
CA THR J 103 -47.07 -8.69 10.47
C THR J 103 -48.45 -8.38 11.05
N PHE J 104 -49.36 -9.34 10.91
CA PHE J 104 -50.73 -9.22 11.38
C PHE J 104 -50.97 -10.16 12.55
N GLY J 105 -51.97 -9.81 13.36
CA GLY J 105 -52.51 -10.76 14.31
C GLY J 105 -53.38 -11.79 13.62
N GLN J 106 -53.61 -12.90 14.31
CA GLN J 106 -54.44 -13.97 13.75
C GLN J 106 -55.89 -13.53 13.52
N GLY J 107 -56.33 -12.46 14.15
CA GLY J 107 -57.69 -11.98 13.94
C GLY J 107 -58.59 -12.34 15.11
N THR J 108 -59.58 -11.48 15.36
CA THR J 108 -60.60 -11.73 16.35
C THR J 108 -61.97 -11.52 15.73
N LYS J 109 -62.79 -12.57 15.71
CA LYS J 109 -64.13 -12.46 15.16
C LYS J 109 -65.07 -11.94 16.24
N VAL J 110 -65.80 -10.86 15.93
CA VAL J 110 -66.73 -10.22 16.85
C VAL J 110 -68.13 -10.35 16.27
N GLU J 111 -69.00 -11.02 17.03
CA GLU J 111 -70.37 -11.33 16.67
C GLU J 111 -71.29 -10.79 17.76
N ILE J 112 -72.58 -10.74 17.48
CA ILE J 112 -73.54 -10.23 18.44
C ILE J 112 -74.02 -11.39 19.31
N LYS J 113 -74.19 -11.12 20.60
CA LYS J 113 -74.67 -12.11 21.55
C LYS J 113 -76.16 -11.88 21.76
N ARG J 114 -76.93 -12.98 21.73
CA ARG J 114 -78.36 -12.92 21.90
C ARG J 114 -78.83 -14.12 22.72
N THR J 115 -80.12 -14.12 23.04
CA THR J 115 -80.68 -15.23 23.81
C THR J 115 -80.58 -16.53 23.00
N VAL J 116 -80.48 -17.64 23.73
CA VAL J 116 -80.32 -18.94 23.09
C VAL J 116 -81.55 -19.25 22.25
N ALA J 117 -81.32 -19.67 21.02
CA ALA J 117 -82.39 -20.06 20.11
C ALA J 117 -82.09 -21.48 19.63
N ALA J 118 -83.04 -22.38 19.84
CA ALA J 118 -82.85 -23.75 19.39
C ALA J 118 -82.99 -23.82 17.87
N PRO J 119 -82.21 -24.68 17.21
CA PRO J 119 -82.36 -24.84 15.77
C PRO J 119 -83.62 -25.62 15.44
N SER J 120 -84.19 -25.31 14.28
CA SER J 120 -85.24 -26.14 13.70
C SER J 120 -84.59 -27.04 12.67
N VAL J 121 -84.81 -28.35 12.78
CA VAL J 121 -84.04 -29.35 12.06
C VAL J 121 -84.91 -29.95 10.96
N PHE J 122 -84.38 -29.97 9.74
CA PHE J 122 -85.05 -30.59 8.61
C PHE J 122 -84.09 -31.54 7.90
N ILE J 123 -84.64 -32.59 7.31
CA ILE J 123 -83.84 -33.56 6.58
C ILE J 123 -84.43 -33.76 5.19
N PHE J 124 -83.56 -33.81 4.19
CA PHE J 124 -83.95 -33.93 2.79
C PHE J 124 -83.27 -35.14 2.20
N PRO J 125 -84.03 -36.14 1.76
CA PRO J 125 -83.46 -37.29 1.06
C PRO J 125 -83.04 -36.90 -0.34
N PRO J 126 -82.24 -37.72 -1.02
CA PRO J 126 -81.83 -37.37 -2.38
C PRO J 126 -83.01 -37.44 -3.35
N SER J 127 -83.06 -36.45 -4.25
CA SER J 127 -84.05 -36.45 -5.32
C SER J 127 -83.93 -37.71 -6.17
N ASP J 128 -85.06 -38.13 -6.74
CA ASP J 128 -85.02 -39.19 -7.74
C ASP J 128 -84.21 -38.77 -8.96
N GLU J 129 -84.26 -37.49 -9.33
CA GLU J 129 -83.47 -37.02 -10.47
C GLU J 129 -81.98 -37.13 -10.19
N GLN J 130 -81.56 -36.78 -8.99
CA GLN J 130 -80.15 -36.92 -8.66
C GLN J 130 -79.74 -38.38 -8.58
N LEU J 131 -80.64 -39.27 -8.15
CA LEU J 131 -80.25 -40.67 -8.07
C LEU J 131 -79.94 -41.17 -9.47
N LYS J 132 -80.66 -40.64 -10.45
CA LYS J 132 -80.42 -40.95 -11.86
C LYS J 132 -78.97 -40.71 -12.26
N SER J 133 -78.20 -39.87 -11.56
CA SER J 133 -76.79 -39.79 -11.95
C SER J 133 -75.89 -40.89 -11.36
N GLY J 134 -76.21 -41.50 -10.22
CA GLY J 134 -75.32 -42.47 -9.57
C GLY J 134 -74.80 -42.09 -8.19
N THR J 135 -75.09 -40.88 -7.71
CA THR J 135 -74.68 -40.39 -6.41
C THR J 135 -75.89 -39.87 -5.65
N ALA J 136 -75.95 -40.15 -4.35
CA ALA J 136 -77.00 -39.66 -3.46
C ALA J 136 -76.43 -38.60 -2.54
N SER J 137 -77.22 -37.55 -2.31
CA SER J 137 -76.88 -36.48 -1.38
C SER J 137 -78.01 -36.30 -0.40
N VAL J 138 -77.76 -36.57 0.88
CA VAL J 138 -78.72 -36.33 1.95
C VAL J 138 -78.34 -35.02 2.63
N VAL J 139 -79.33 -34.15 2.84
CA VAL J 139 -79.05 -32.82 3.38
C VAL J 139 -79.74 -32.69 4.73
N CYS J 140 -79.01 -32.19 5.73
CA CYS J 140 -79.60 -31.84 7.00
C CYS J 140 -79.44 -30.35 7.21
N LEU J 141 -80.53 -29.69 7.57
CA LEU J 141 -80.58 -28.25 7.74
C LEU J 141 -80.91 -27.92 9.19
N LEU J 142 -80.09 -27.05 9.78
CA LEU J 142 -80.33 -26.47 11.10
C LEU J 142 -80.63 -24.99 10.88
N ASN J 143 -81.87 -24.59 11.12
CA ASN J 143 -82.33 -23.24 10.80
C ASN J 143 -82.47 -22.40 12.05
N ASN J 144 -81.90 -21.19 12.00
CA ASN J 144 -82.17 -20.09 12.93
C ASN J 144 -81.90 -20.51 14.38
N PHE J 145 -80.61 -20.70 14.66
CA PHE J 145 -80.16 -21.06 16.00
C PHE J 145 -79.04 -20.15 16.45
N TYR J 146 -78.83 -20.11 17.77
CA TYR J 146 -77.74 -19.41 18.39
C TYR J 146 -77.47 -20.07 19.73
N PRO J 147 -76.21 -20.24 20.16
CA PRO J 147 -74.96 -19.81 19.51
C PRO J 147 -74.52 -20.69 18.34
N ARG J 148 -73.41 -20.31 17.70
CA ARG J 148 -72.99 -20.96 16.47
C ARG J 148 -72.59 -22.42 16.68
N GLU J 149 -72.12 -22.79 17.88
CA GLU J 149 -71.55 -24.11 18.06
C GLU J 149 -72.67 -25.14 18.21
N ALA J 150 -72.68 -26.12 17.32
CA ALA J 150 -73.69 -27.16 17.29
C ALA J 150 -73.04 -28.43 16.77
N LYS J 151 -73.57 -29.58 17.20
CA LYS J 151 -73.02 -30.87 16.85
C LYS J 151 -74.00 -31.62 15.96
N VAL J 152 -73.52 -32.06 14.80
CA VAL J 152 -74.35 -32.73 13.80
C VAL J 152 -73.72 -34.09 13.50
N GLN J 153 -74.50 -35.15 13.63
CA GLN J 153 -74.02 -36.51 13.45
C GLN J 153 -74.93 -37.26 12.47
N TRP J 154 -74.32 -37.94 11.51
CA TRP J 154 -75.05 -38.72 10.52
C TRP J 154 -75.06 -40.18 10.92
N LYS J 155 -76.23 -40.81 10.90
CA LYS J 155 -76.37 -42.22 11.22
C LYS J 155 -77.14 -42.93 10.11
N VAL J 156 -76.54 -43.98 9.56
CA VAL J 156 -77.15 -44.77 8.50
C VAL J 156 -77.40 -46.16 9.06
N ASP J 157 -78.68 -46.50 9.28
CA ASP J 157 -79.06 -47.72 9.97
C ASP J 157 -78.37 -47.81 11.33
N ASN J 158 -78.42 -46.70 12.06
CA ASN J 158 -77.80 -46.53 13.37
C ASN J 158 -76.28 -46.70 13.34
N ALA J 159 -75.67 -46.59 12.17
CA ALA J 159 -74.21 -46.64 12.03
C ALA J 159 -73.67 -45.23 11.84
N LEU J 160 -72.75 -44.83 12.71
CA LEU J 160 -72.20 -43.48 12.67
C LEU J 160 -71.29 -43.30 11.45
N GLN J 161 -71.53 -42.23 10.69
CA GLN J 161 -70.77 -41.94 9.49
C GLN J 161 -69.59 -41.02 9.79
N SER J 162 -68.53 -41.17 9.01
CA SER J 162 -67.34 -40.36 9.17
C SER J 162 -66.63 -40.23 7.82
N GLY J 163 -66.19 -39.01 7.50
CA GLY J 163 -65.40 -38.75 6.33
C GLY J 163 -66.18 -38.53 5.05
N ASN J 164 -67.50 -38.62 5.11
CA ASN J 164 -68.36 -38.44 3.94
C ASN J 164 -69.38 -37.33 4.18
N SER J 165 -69.03 -36.38 5.04
CA SER J 165 -69.91 -35.28 5.41
C SER J 165 -69.19 -33.96 5.21
N GLN J 166 -69.93 -32.94 4.79
CA GLN J 166 -69.37 -31.58 4.68
C GLN J 166 -70.40 -30.58 5.21
N GLU J 167 -69.90 -29.59 5.96
CA GLU J 167 -70.76 -28.59 6.58
C GLU J 167 -70.47 -27.20 6.01
N SER J 168 -71.51 -26.36 5.99
CA SER J 168 -71.39 -24.97 5.60
C SER J 168 -72.32 -24.13 6.48
N VAL J 169 -71.82 -23.00 6.96
CA VAL J 169 -72.56 -22.13 7.86
C VAL J 169 -72.68 -20.75 7.24
N THR J 170 -73.87 -20.16 7.36
CA THR J 170 -74.09 -18.79 6.91
C THR J 170 -73.47 -17.82 7.90
N GLU J 171 -73.33 -16.57 7.46
CA GLU J 171 -72.93 -15.53 8.39
C GLU J 171 -74.12 -15.14 9.27
N GLN J 172 -73.82 -14.44 10.36
CA GLN J 172 -74.86 -14.08 11.32
C GLN J 172 -75.91 -13.19 10.66
N ASP J 173 -77.17 -13.59 10.79
CA ASP J 173 -78.27 -12.78 10.25
C ASP J 173 -78.32 -11.42 10.91
N SER J 174 -78.63 -10.41 10.10
CA SER J 174 -78.56 -9.02 10.52
C SER J 174 -79.84 -8.53 11.19
N LYS J 175 -80.87 -9.38 11.30
CA LYS J 175 -82.10 -9.02 11.99
C LYS J 175 -82.31 -9.79 13.29
N ASP J 176 -82.16 -11.11 13.28
CA ASP J 176 -82.36 -11.91 14.48
C ASP J 176 -81.07 -12.50 15.03
N SER J 177 -79.92 -12.19 14.42
CA SER J 177 -78.60 -12.54 14.93
C SER J 177 -78.43 -14.05 15.08
N THR J 178 -79.10 -14.83 14.24
CA THR J 178 -79.01 -16.28 14.27
C THR J 178 -78.07 -16.79 13.16
N TYR J 179 -77.72 -18.06 13.28
CA TYR J 179 -76.98 -18.79 12.26
C TYR J 179 -77.85 -19.90 11.70
N SER J 180 -77.44 -20.43 10.56
CA SER J 180 -78.02 -21.64 10.01
C SER J 180 -76.93 -22.47 9.37
N LEU J 181 -77.14 -23.79 9.34
CA LEU J 181 -76.08 -24.73 9.01
C LEU J 181 -76.61 -25.80 8.08
N SER J 182 -75.76 -26.23 7.16
CA SER J 182 -76.08 -27.29 6.20
C SER J 182 -75.02 -28.37 6.33
N SER J 183 -75.46 -29.61 6.53
CA SER J 183 -74.55 -30.76 6.48
C SER J 183 -75.01 -31.67 5.35
N THR J 184 -74.13 -31.88 4.37
CA THR J 184 -74.42 -32.71 3.22
C THR J 184 -73.63 -34.01 3.35
N LEU J 185 -74.35 -35.13 3.33
CA LEU J 185 -73.81 -36.48 3.39
C LEU J 185 -73.90 -37.08 2.00
N THR J 186 -72.74 -37.39 1.41
CA THR J 186 -72.65 -37.86 0.02
C THR J 186 -72.25 -39.33 -0.05
N LEU J 187 -72.98 -40.10 -0.85
CA LEU J 187 -72.77 -41.54 -0.96
C LEU J 187 -72.99 -41.97 -2.41
N SER J 188 -72.47 -43.15 -2.74
CA SER J 188 -72.87 -43.85 -3.94
C SER J 188 -74.35 -44.20 -3.88
N LYS J 189 -74.88 -44.55 -5.02
CA LYS J 189 -76.26 -45.00 -5.09
C LYS J 189 -76.39 -46.42 -4.60
N ALA J 190 -75.35 -47.20 -4.81
CA ALA J 190 -75.33 -48.55 -4.29
C ALA J 190 -75.40 -48.51 -2.78
N ASP J 191 -74.51 -47.73 -2.17
CA ASP J 191 -74.55 -47.59 -0.72
C ASP J 191 -75.84 -46.94 -0.26
N TYR J 192 -76.41 -46.02 -1.05
CA TYR J 192 -77.64 -45.37 -0.59
C TYR J 192 -78.83 -46.32 -0.63
N GLU J 193 -78.95 -47.11 -1.69
CA GLU J 193 -80.04 -48.06 -1.82
C GLU J 193 -79.69 -49.41 -1.23
N LYS J 194 -78.62 -49.46 -0.43
CA LYS J 194 -78.24 -50.67 0.32
C LYS J 194 -78.54 -50.55 1.79
N HIS J 195 -79.16 -49.46 2.24
CA HIS J 195 -79.53 -49.26 3.63
C HIS J 195 -80.89 -48.60 3.67
N LYS J 196 -81.52 -48.62 4.85
CA LYS J 196 -82.91 -48.21 4.99
C LYS J 196 -83.12 -46.90 5.76
N VAL J 197 -82.58 -46.77 6.96
CA VAL J 197 -82.84 -45.63 7.84
C VAL J 197 -81.72 -44.62 7.70
N TYR J 198 -82.08 -43.35 7.48
CA TYR J 198 -81.11 -42.26 7.42
C TYR J 198 -81.51 -41.21 8.45
N ALA J 199 -80.63 -40.94 9.40
CA ALA J 199 -80.95 -40.07 10.52
C ALA J 199 -79.87 -39.02 10.71
N CYS J 200 -80.32 -37.82 11.10
CA CYS J 200 -79.47 -36.69 11.40
C CYS J 200 -79.74 -36.28 12.85
N GLU J 201 -78.72 -36.39 13.69
CA GLU J 201 -78.83 -36.11 15.12
C GLU J 201 -78.13 -34.80 15.44
N VAL J 202 -78.84 -33.90 16.12
CA VAL J 202 -78.39 -32.55 16.40
C VAL J 202 -78.33 -32.35 17.90
N THR J 203 -77.17 -31.92 18.39
CA THR J 203 -76.97 -31.50 19.77
C THR J 203 -76.69 -30.00 19.80
N HIS J 204 -77.47 -29.28 20.60
CA HIS J 204 -77.30 -27.83 20.70
C HIS J 204 -77.71 -27.39 22.10
N GLN J 205 -77.23 -26.20 22.48
CA GLN J 205 -77.50 -25.67 23.81
C GLN J 205 -78.98 -25.39 24.03
N GLY J 206 -79.70 -25.00 22.98
CA GLY J 206 -81.11 -24.68 23.09
C GLY J 206 -82.04 -25.87 23.12
N LEU J 207 -81.51 -27.07 22.97
CA LEU J 207 -82.29 -28.30 23.05
C LEU J 207 -81.90 -29.03 24.33
N SER J 208 -82.89 -29.45 25.10
CA SER J 208 -82.62 -30.11 26.37
C SER J 208 -81.84 -31.41 26.14
N SER J 209 -82.22 -32.17 25.12
CA SER J 209 -81.54 -33.38 24.72
C SER J 209 -81.54 -33.45 23.21
N PRO J 210 -80.65 -34.25 22.61
CA PRO J 210 -80.47 -34.21 21.16
C PRO J 210 -81.74 -34.55 20.37
N VAL J 211 -81.91 -33.85 19.25
CA VAL J 211 -83.06 -33.99 18.36
C VAL J 211 -82.64 -34.76 17.12
N THR J 212 -83.38 -35.81 16.79
CA THR J 212 -83.06 -36.66 15.64
C THR J 212 -84.15 -36.54 14.59
N LYS J 213 -83.77 -36.21 13.36
CA LYS J 213 -84.68 -36.18 12.23
C LYS J 213 -84.26 -37.25 11.24
N SER J 214 -85.18 -38.16 10.93
CA SER J 214 -84.85 -39.36 10.16
C SER J 214 -85.87 -39.57 9.04
N PHE J 215 -85.48 -40.39 8.08
CA PHE J 215 -86.39 -40.87 7.06
C PHE J 215 -86.02 -42.29 6.66
N ASN J 216 -87.00 -42.95 6.04
CA ASN J 216 -86.85 -44.29 5.50
C ASN J 216 -86.80 -44.18 3.98
N ARG J 217 -85.90 -44.95 3.36
CA ARG J 217 -85.64 -44.80 1.93
C ARG J 217 -86.90 -45.03 1.10
N GLY J 218 -87.73 -45.99 1.47
CA GLY J 218 -88.92 -46.27 0.69
C GLY J 218 -90.11 -45.41 1.04
N GLU J 219 -90.48 -45.39 2.32
CA GLU J 219 -91.73 -44.79 2.75
C GLU J 219 -91.65 -43.27 2.71
N CYS J 220 -92.77 -42.64 3.07
CA CYS J 220 -92.81 -41.19 3.29
C CYS J 220 -93.85 -40.87 4.37
C1 NAG K . -42.91 27.01 -5.42
C2 NAG K . -44.01 26.91 -4.36
C3 NAG K . -45.27 26.30 -4.95
C4 NAG K . -45.70 27.03 -6.21
C5 NAG K . -44.53 27.06 -7.19
C6 NAG K . -44.82 27.83 -8.46
C7 NAG K . -43.76 26.49 -1.94
C8 NAG K . -43.20 25.58 -0.90
N2 NAG K . -43.55 26.14 -3.21
O3 NAG K . -46.33 26.34 -3.98
O4 NAG K . -46.82 26.40 -6.80
O5 NAG K . -43.41 27.71 -6.57
O6 NAG K . -43.88 27.52 -9.48
O7 NAG K . -44.38 27.51 -1.66
C1 NAG K . -48.05 27.01 -6.80
C2 NAG K . -48.94 26.37 -7.85
C3 NAG K . -50.33 27.02 -7.84
C4 NAG K . -50.91 26.96 -6.43
C5 NAG K . -49.94 27.58 -5.43
C6 NAG K . -50.41 27.44 -3.99
C7 NAG K . -47.52 25.55 -9.68
C8 NAG K . -46.99 25.82 -11.05
N2 NAG K . -48.34 26.47 -9.18
O3 NAG K . -51.18 26.35 -8.75
O4 NAG K . -52.16 27.66 -6.39
O5 NAG K . -48.67 26.91 -5.51
O6 NAG K . -49.86 28.47 -3.17
O7 NAG K . -47.21 24.54 -9.05
C1 NAG L . 57.49 -10.11 28.81
C2 NAG L . 58.76 -10.76 28.26
C3 NAG L . 58.43 -11.71 27.12
C4 NAG L . 57.37 -12.71 27.53
C5 NAG L . 56.15 -11.96 28.07
C6 NAG L . 55.07 -12.89 28.58
C7 NAG L . 60.94 -9.64 28.38
C8 NAG L . 61.82 -8.55 27.81
N2 NAG L . 59.73 -9.76 27.84
O3 NAG L . 59.61 -12.40 26.71
O4 NAG L . 56.98 -13.51 26.41
O5 NAG L . 56.53 -11.13 29.16
O6 NAG L . 55.55 -13.72 29.63
O7 NAG L . 61.32 -10.36 29.30
#